data_9DW7
#
_entry.id   9DW7
#
_cell.length_a   1.00
_cell.length_b   1.00
_cell.length_c   1.00
_cell.angle_alpha   90.00
_cell.angle_beta   90.00
_cell.angle_gamma   90.00
#
_symmetry.space_group_name_H-M   'P 1'
#
loop_
_entity.id
_entity.type
_entity.pdbx_description
1 polymer 'cAMP-dependent protein kinase catalytic subunit alpha'
2 polymer 'Cystic fibrosis transmembrane conductance regulator'
3 polymer 'cystic fibrosis transmembrane conductance regulator'
4 non-polymer 'MAGNESIUM ION'
5 non-polymer 'PHOSPHOAMINOPHOSPHONIC ACID-ADENYLATE ESTER'
#
loop_
_entity_poly.entity_id
_entity_poly.type
_entity_poly.pdbx_seq_one_letter_code
_entity_poly.pdbx_strand_id
1 'polypeptide(L)'
;MGNAAAAKKGSEQESVKEFLAKAKEDFLKKWENPAQNTAHLDQFERIKTLGTGSFGRVMLVKHMETGNHYAMKILDKQKV
VKLKQIEHTLNEKRILQAVNFPFLVKLEFSFKDNSNLYMVMEYVPGGEMFSHLRRIGRFSEPHARFYAAQIVLTFEYLHS
LDLIYRDLKPENLLIDQQGYIQVTDFGFAKRVKGRTWTLCGTPEYLAPEIILSKGYNKAVDWWALGVLIYEMAAGYPPFF
ADQPIQIYEKIVSGKVRFPSHFSSDLKDLLRNLLQVDLTKRFGNLKNGVNDIKNHKWFATTDWIAIYQRKVEAPFIPKFK
GPGDTSNFDDYEEEEIRVSINEKCGKEFSEF
;
K,G
2 'polypeptide(L)'
;MQRSPLEKASVVSKLFFSWTRPILRKGYRQRLELSDIYQIPSVDSADNLSEKLEREWDRELASKKNPKLINALRRCFFWR
FMFYGIFLYLGEVTKAVQPLLLGRIIASYDPDNKEERSIAIYLGIGLCLLFIVRTLLLHPAIFGLHHIGMQMRIAMFSLI
YKKTLKLSSRVLDKISIGQLVSLLSNNLNKFDEGLALAHFVWIAPLQVALLMGLIWELLQASAFCGLGFLIVLALFQAGL
GRMMMKYRDQRAGKISERLVITSEMIENIQSVKAYCWEEAMEKMIENLRQTELKLTRKAAYVRYFNSSAFFFSGFFVVFL
SVLPYALIKGIILRKIFTTISFCIVLRMAVTRQFPWAVQTWYDSLGAINKIQDFLQKQEYKTLEYNLTTTEVVMENVTAF
WEEGFGELFEKAKQNNNNRKTSNGDDSLFFSNFSLLGTPVLKDINFKIERGQLLAVAGSTGAGKTSLLMVIMGELEPSEG
KIKHSGRISFCSQFSWIMPGTIKENIIFGVSYDEYRYRSVIKACQLEEDISKFAEKDNIVLGEGGITLSGGQRARISLAR
AVYKDADLYLLDSPFGYLDVLTEKEIFESCVCKLMANKTRILVTSKMEHLKKADKILILHEGSSYFYGTFSELQNLQPDF
SSKLMGCDSFDQFSAERRNSILTETLHRFSLEGDAPVSWTETKKQSFKQTGEFGEKRKNSILNPINSIRKFSIVQKTPLQ
MNGIEEDSDEPLERRLSLVPDSEQGEAILPRISVISTGPTLQARRRQSVLNLMTHSVNQGQNIHRKTTASTRKVSLAPQA
NLTELDIYSRRLSQETGLEISEEINEEDLKECFFDDMESIPAVTTWNTYLRYITVHKSLIFVLIWCLVIFLAEVAASLVV
LWLLGNTPLQDKGNSTHSRNNSYAVIITSTSSYYVFYIYVGVADTLLAMGFFRGLPLVHTLITVSKILHHKMLHSVLQAP
MSTLNTLKAGGILNRFSKDIAILDDLLPLTIFDFIQLLLIVIGAIAVVAVLQPYIFVATVPVIVAFIMLRAYFLQTSQQL
KQLESEGRSPIFTHLVTSLKGLWTLRAFGRQPYFETLFHKALNLHTANWFLYLSTLRWFQMRIEMIFVIFFIAVTFISIL
TTGEGEGRVGIILTLAMNIMSTLQWAVNSSIDVDSLMRSVSRVFKFIDMPTEGKPTKSTKPYKNGQLSKVMIIENSHVKK
DDIWPSGGQMTVKDLTAKYTEGGNAILENISFSISPGQRVGLLGRTGSGKSTLLSAFLRLLNTEGEIQIDGVSWDSITLQ
QWRKAFGVIPQKVFIFSGTFRKNLDPYEQWSDQEIWKVADEVGLRSVIEQFPGKLDFVLVDGGCVLSHGHKQLMCLARSV
LSKAKILLLDEPSAHLDPVTYQIIRRTLKQAFADCTVILCEHRIEAMLECQQFLVIEENKVRQYDSIQKLLNERSLFRQA
ISPSDRVKLFPHRNSSKCKSKPQIAALKEETEEEVQDTRL
;
A
3 'polypeptide(L)'
;(UNK)(UNK)(UNK)(UNK)(UNK)(UNK)(UNK)(UNK)(UNK)(UNK)(UNK)(UNK)(UNK)(UNK)(UNK)(UNK)
(UNK)(UNK)(UNK)
;
B
#
# COMPACT_ATOMS: atom_id res chain seq x y z
N GLN A 13 45.36 -22.65 21.97
CA GLN A 13 45.93 -22.20 23.23
C GLN A 13 47.45 -22.30 23.20
N GLU A 14 48.02 -22.94 24.23
CA GLU A 14 49.45 -23.17 24.33
C GLU A 14 50.22 -21.86 24.35
N SER A 15 50.83 -21.51 23.21
CA SER A 15 51.64 -20.29 23.16
C SER A 15 50.79 -19.04 23.33
N VAL A 16 49.58 -19.04 22.76
CA VAL A 16 48.74 -17.85 22.85
C VAL A 16 48.32 -17.57 24.28
N LYS A 17 47.95 -18.61 25.02
CA LYS A 17 47.58 -18.44 26.42
C LYS A 17 48.81 -18.06 27.25
N GLU A 18 49.97 -18.63 26.93
CA GLU A 18 51.19 -18.27 27.65
C GLU A 18 51.53 -16.81 27.44
N PHE A 19 51.27 -16.27 26.26
CA PHE A 19 51.50 -14.85 25.99
C PHE A 19 50.45 -13.99 26.71
N LEU A 20 49.20 -14.45 26.73
CA LEU A 20 48.14 -13.69 27.39
C LEU A 20 48.43 -13.56 28.88
N ALA A 21 48.91 -14.63 29.50
CA ALA A 21 49.25 -14.59 30.92
C ALA A 21 50.35 -13.57 31.18
N LYS A 22 51.37 -13.54 30.32
CA LYS A 22 52.45 -12.57 30.50
C LYS A 22 51.94 -11.14 30.32
N ALA A 23 51.05 -10.91 29.36
CA ALA A 23 50.50 -9.58 29.17
C ALA A 23 49.73 -9.14 30.40
N LYS A 24 48.88 -10.01 30.93
CA LYS A 24 48.11 -9.67 32.12
C LYS A 24 49.01 -9.42 33.31
N GLU A 25 50.10 -10.20 33.42
CA GLU A 25 51.03 -10.01 34.53
C GLU A 25 51.75 -8.66 34.43
N ASP A 26 52.20 -8.29 33.23
CA ASP A 26 52.95 -7.05 33.07
C ASP A 26 52.05 -5.82 33.17
N PHE A 27 50.76 -5.98 32.85
CA PHE A 27 49.86 -4.85 32.91
C PHE A 27 49.70 -4.32 34.33
N LEU A 28 49.69 -5.22 35.32
CA LEU A 28 49.53 -4.78 36.71
C LEU A 28 50.74 -3.97 37.17
N LYS A 29 51.96 -4.41 36.83
CA LYS A 29 53.14 -3.66 37.21
C LYS A 29 53.20 -2.32 36.49
N LYS A 30 52.73 -2.28 35.24
CA LYS A 30 52.69 -1.01 34.52
C LYS A 30 51.65 -0.06 35.13
N TRP A 31 50.51 -0.59 35.56
CA TRP A 31 49.45 0.25 36.10
C TRP A 31 49.81 0.83 37.46
N GLU A 32 50.63 0.11 38.23
CA GLU A 32 50.97 0.55 39.58
C GLU A 32 52.03 1.64 39.60
N ASN A 33 52.68 1.93 38.48
CA ASN A 33 53.73 2.95 38.41
C ASN A 33 53.49 3.87 37.22
N PRO A 34 52.37 4.59 37.21
CA PRO A 34 52.10 5.51 36.11
C PRO A 34 53.00 6.74 36.16
N ALA A 35 53.31 7.29 34.99
CA ALA A 35 54.10 8.50 34.88
C ALA A 35 53.22 9.73 34.86
N GLN A 36 53.84 10.89 35.08
CA GLN A 36 53.11 12.15 35.10
C GLN A 36 54.02 13.27 34.63
N ASN A 37 53.46 14.20 33.86
CA ASN A 37 54.17 15.38 33.38
C ASN A 37 55.44 14.98 32.63
N THR A 38 55.27 14.07 31.66
CA THR A 38 56.42 13.54 30.95
C THR A 38 57.16 14.58 30.13
N ALA A 39 56.49 15.66 29.71
CA ALA A 39 57.12 16.66 28.87
C ALA A 39 56.31 17.94 28.93
N HIS A 40 56.93 19.01 28.43
CA HIS A 40 56.28 20.31 28.29
C HIS A 40 56.16 20.66 26.81
N LEU A 41 55.21 21.56 26.52
CA LEU A 41 54.93 21.97 25.15
C LEU A 41 56.00 22.97 24.70
N ASP A 42 57.21 22.46 24.52
CA ASP A 42 58.33 23.27 24.05
C ASP A 42 59.20 22.58 23.01
N GLN A 43 58.83 21.39 22.55
CA GLN A 43 59.59 20.65 21.55
C GLN A 43 58.66 20.09 20.50
N PHE A 44 57.70 20.90 20.04
CA PHE A 44 56.69 20.46 19.08
C PHE A 44 56.46 21.56 18.06
N GLU A 45 55.64 21.24 17.06
CA GLU A 45 55.27 22.18 16.02
C GLU A 45 53.76 22.40 16.05
N ARG A 46 53.31 23.31 15.20
CA ARG A 46 51.89 23.65 15.09
C ARG A 46 51.49 23.72 13.62
N ILE A 47 51.88 22.69 12.87
CA ILE A 47 51.73 22.72 11.41
C ILE A 47 50.26 22.79 11.02
N LYS A 48 49.40 22.00 11.66
CA LYS A 48 47.99 21.98 11.32
C LYS A 48 47.23 21.29 12.44
N THR A 49 45.92 21.56 12.48
CA THR A 49 45.02 20.90 13.42
C THR A 49 44.42 19.68 12.72
N LEU A 50 44.76 18.49 13.21
CA LEU A 50 44.22 17.27 12.60
C LEU A 50 42.71 17.20 12.76
N GLY A 51 42.17 17.78 13.83
CA GLY A 51 40.75 17.80 14.04
C GLY A 51 40.44 18.27 15.45
N THR A 52 39.16 18.23 15.80
CA THR A 52 38.80 18.54 17.17
C THR A 52 38.67 17.27 18.01
N GLY A 53 37.69 16.43 17.67
CA GLY A 53 37.45 15.20 18.38
C GLY A 53 36.70 15.46 19.68
N SER A 54 35.58 14.77 19.88
CA SER A 54 34.81 14.87 21.13
C SER A 54 34.59 16.32 21.56
N PHE A 55 35.33 16.75 22.58
CA PHE A 55 35.30 18.14 23.05
C PHE A 55 36.71 18.68 23.24
N GLY A 56 37.65 18.21 22.42
CA GLY A 56 39.03 18.64 22.51
C GLY A 56 39.55 19.19 21.21
N ARG A 57 40.86 19.35 21.10
CA ARG A 57 41.50 19.84 19.89
C ARG A 57 42.70 18.95 19.57
N VAL A 58 42.80 18.53 18.32
CA VAL A 58 43.88 17.67 17.85
C VAL A 58 44.70 18.44 16.84
N MET A 59 46.02 18.30 16.92
CA MET A 59 46.93 19.01 16.03
C MET A 59 48.12 18.12 15.68
N LEU A 60 48.63 18.28 14.46
CA LEU A 60 49.79 17.54 13.99
C LEU A 60 51.05 18.33 14.31
N VAL A 61 52.01 17.68 14.97
CA VAL A 61 53.24 18.32 15.39
C VAL A 61 54.43 17.45 14.96
N LYS A 62 55.61 18.05 15.03
CA LYS A 62 56.86 17.36 14.75
C LYS A 62 57.81 17.54 15.92
N HIS A 63 58.44 16.43 16.34
CA HIS A 63 59.38 16.48 17.45
C HIS A 63 60.60 17.30 17.08
N MET A 64 60.82 18.41 17.79
CA MET A 64 61.94 19.29 17.48
C MET A 64 63.27 18.59 17.70
N GLU A 65 63.37 17.80 18.77
CA GLU A 65 64.65 17.16 19.11
C GLU A 65 64.94 15.98 18.18
N THR A 66 63.93 15.20 17.82
CA THR A 66 64.11 13.99 17.03
C THR A 66 63.69 14.15 15.58
N GLY A 67 62.51 14.70 15.33
CA GLY A 67 61.97 14.83 13.99
C GLY A 67 60.73 13.99 13.75
N ASN A 68 60.45 13.02 14.60
CA ASN A 68 59.28 12.16 14.41
C ASN A 68 57.99 12.96 14.57
N HIS A 69 57.12 12.86 13.58
CA HIS A 69 55.82 13.50 13.66
C HIS A 69 54.97 12.82 14.73
N TYR A 70 54.29 13.63 15.54
CA TYR A 70 53.48 13.10 16.64
C TYR A 70 52.24 13.95 16.84
N ALA A 71 51.11 13.28 17.07
CA ALA A 71 49.86 13.98 17.35
C ALA A 71 49.80 14.46 18.79
N MET A 72 49.03 15.52 19.01
CA MET A 72 48.88 16.14 20.33
C MET A 72 47.40 16.36 20.61
N LYS A 73 46.89 15.71 21.66
CA LYS A 73 45.48 15.78 22.02
C LYS A 73 45.28 16.85 23.09
N ILE A 74 44.98 18.08 22.64
CA ILE A 74 44.71 19.17 23.56
C ILE A 74 43.26 19.10 24.04
N LEU A 75 43.04 19.55 25.28
CA LEU A 75 41.70 19.62 25.84
C LEU A 75 41.69 20.57 27.02
N ASP A 76 40.64 21.35 27.15
CA ASP A 76 40.53 22.32 28.24
C ASP A 76 40.18 21.62 29.55
N LYS A 77 40.92 21.95 30.61
CA LYS A 77 40.57 21.44 31.94
C LYS A 77 39.21 21.97 32.40
N GLN A 78 38.87 23.20 32.01
CA GLN A 78 37.53 23.72 32.28
C GLN A 78 36.48 22.89 31.56
N LYS A 79 36.80 22.38 30.37
CA LYS A 79 35.87 21.49 29.69
C LYS A 79 35.71 20.17 30.42
N VAL A 80 36.80 19.64 30.98
CA VAL A 80 36.70 18.38 31.71
C VAL A 80 35.86 18.57 32.97
N VAL A 81 36.05 19.68 33.68
CA VAL A 81 35.28 19.92 34.89
C VAL A 81 33.82 20.21 34.56
N LYS A 82 33.58 21.04 33.54
CA LYS A 82 32.21 21.45 33.23
C LYS A 82 31.43 20.33 32.58
N LEU A 83 32.07 19.46 31.82
CA LEU A 83 31.40 18.33 31.20
C LEU A 83 31.26 17.16 32.16
N LYS A 84 31.76 17.29 33.39
CA LYS A 84 31.68 16.23 34.40
C LYS A 84 32.38 14.96 33.93
N GLN A 85 33.45 15.13 33.17
CA GLN A 85 34.28 14.00 32.75
C GLN A 85 35.74 14.34 33.07
N ILE A 86 36.14 14.06 34.31
CA ILE A 86 37.52 14.22 34.75
C ILE A 86 38.13 12.90 35.16
N GLU A 87 37.36 12.07 35.89
CA GLU A 87 37.86 10.76 36.27
C GLU A 87 38.01 9.85 35.06
N HIS A 88 37.11 9.98 34.08
CA HIS A 88 37.26 9.21 32.85
C HIS A 88 38.53 9.61 32.13
N THR A 89 38.88 10.90 32.15
CA THR A 89 40.12 11.34 31.52
C THR A 89 41.34 10.76 32.22
N LEU A 90 41.33 10.73 33.56
CA LEU A 90 42.46 10.15 34.29
C LEU A 90 42.58 8.66 34.01
N ASN A 91 41.45 7.95 33.99
CA ASN A 91 41.48 6.53 33.68
C ASN A 91 42.00 6.29 32.27
N GLU A 92 41.57 7.11 31.32
CA GLU A 92 42.05 7.01 29.95
C GLU A 92 43.56 7.24 29.88
N LYS A 93 44.05 8.24 30.60
CA LYS A 93 45.48 8.53 30.61
C LYS A 93 46.27 7.34 31.16
N ARG A 94 45.84 6.79 32.28
CA ARG A 94 46.56 5.66 32.86
C ARG A 94 46.53 4.45 31.94
N ILE A 95 45.37 4.15 31.37
CA ILE A 95 45.24 2.98 30.50
C ILE A 95 46.09 3.13 29.25
N LEU A 96 46.08 4.33 28.65
CA LEU A 96 46.92 4.56 27.49
C LEU A 96 48.39 4.50 27.85
N GLN A 97 48.76 4.92 29.06
CA GLN A 97 50.15 4.86 29.48
C GLN A 97 50.60 3.46 29.82
N ALA A 98 49.66 2.54 30.05
CA ALA A 98 50.02 1.17 30.41
C ALA A 98 49.76 0.15 29.31
N VAL A 99 49.10 0.52 28.21
CA VAL A 99 48.68 -0.44 27.21
C VAL A 99 49.89 -1.07 26.51
N ASN A 100 49.74 -2.34 26.12
CA ASN A 100 50.78 -3.05 25.38
C ASN A 100 50.09 -4.05 24.43
N PHE A 101 49.89 -3.64 23.18
CA PHE A 101 49.29 -4.50 22.17
C PHE A 101 49.65 -3.98 20.80
N PRO A 102 49.94 -4.85 19.83
CA PRO A 102 50.30 -4.33 18.50
C PRO A 102 49.15 -3.64 17.77
N PHE A 103 47.90 -3.95 18.12
CA PHE A 103 46.76 -3.48 17.36
C PHE A 103 46.51 -1.99 17.48
N LEU A 104 47.12 -1.32 18.45
CA LEU A 104 46.81 0.08 18.75
C LEU A 104 48.08 0.92 18.70
N VAL A 105 47.89 2.21 18.38
CA VAL A 105 48.98 3.18 18.43
C VAL A 105 49.20 3.57 19.89
N LYS A 106 50.43 3.44 20.35
CA LYS A 106 50.75 3.69 21.75
C LYS A 106 50.87 5.19 22.04
N LEU A 107 50.79 5.52 23.32
CA LEU A 107 51.00 6.88 23.80
C LEU A 107 52.43 7.05 24.27
N GLU A 108 53.09 8.12 23.81
CA GLU A 108 54.51 8.33 24.06
C GLU A 108 54.78 9.22 25.27
N PHE A 109 54.12 10.38 25.35
CA PHE A 109 54.44 11.34 26.39
C PHE A 109 53.18 12.10 26.78
N SER A 110 53.25 12.76 27.94
CA SER A 110 52.14 13.52 28.48
C SER A 110 52.59 14.94 28.80
N PHE A 111 51.71 15.90 28.52
CA PHE A 111 51.95 17.30 28.80
C PHE A 111 50.88 17.80 29.76
N LYS A 112 51.29 18.66 30.71
CA LYS A 112 50.39 19.20 31.72
C LYS A 112 50.71 20.68 31.90
N ASP A 113 49.98 21.53 31.20
CA ASP A 113 50.14 22.97 31.29
C ASP A 113 49.05 23.57 32.16
N ASN A 114 49.25 24.83 32.54
CA ASN A 114 48.29 25.55 33.37
C ASN A 114 47.02 25.92 32.62
N SER A 115 47.00 25.79 31.30
CA SER A 115 45.83 26.07 30.50
C SER A 115 45.15 24.83 29.95
N ASN A 116 45.92 23.85 29.50
CA ASN A 116 45.37 22.63 28.93
C ASN A 116 46.41 21.53 29.05
N LEU A 117 45.99 20.32 28.72
CA LEU A 117 46.86 19.15 28.75
C LEU A 117 46.93 18.51 27.37
N TYR A 118 48.12 18.07 27.00
CA TYR A 118 48.35 17.40 25.73
C TYR A 118 48.85 15.98 25.96
N MET A 119 48.57 15.12 24.98
CA MET A 119 48.99 13.73 25.03
C MET A 119 49.66 13.38 23.71
N VAL A 120 50.89 12.88 23.79
CA VAL A 120 51.69 12.59 22.60
C VAL A 120 51.26 11.25 22.02
N MET A 121 50.82 11.27 20.77
CA MET A 121 50.47 10.06 20.03
C MET A 121 51.22 10.02 18.71
N GLU A 122 51.38 8.81 18.17
CA GLU A 122 52.13 8.63 16.93
C GLU A 122 51.36 9.21 15.75
N TYR A 123 52.10 9.55 14.70
CA TYR A 123 51.49 10.10 13.49
C TYR A 123 50.74 9.00 12.75
N VAL A 124 49.45 9.23 12.50
CA VAL A 124 48.62 8.26 11.81
C VAL A 124 48.43 8.70 10.36
N PRO A 125 49.23 8.19 9.42
CA PRO A 125 49.09 8.63 8.03
C PRO A 125 47.85 8.10 7.33
N GLY A 126 47.30 6.98 7.79
CA GLY A 126 46.18 6.36 7.10
C GLY A 126 44.84 7.00 7.34
N GLY A 127 44.71 7.80 8.39
CA GLY A 127 43.45 8.46 8.67
C GLY A 127 42.33 7.51 9.09
N GLU A 128 41.16 8.10 9.27
CA GLU A 128 40.00 7.38 9.76
C GLU A 128 39.36 6.56 8.65
N MET A 129 38.96 5.33 8.99
CA MET A 129 38.30 4.47 8.01
C MET A 129 36.87 4.91 7.71
N PHE A 130 36.27 5.75 8.56
CA PHE A 130 34.91 6.20 8.29
C PHE A 130 34.86 7.04 7.02
N SER A 131 35.83 7.93 6.84
CA SER A 131 35.88 8.74 5.63
C SER A 131 36.13 7.87 4.40
N HIS A 132 37.00 6.87 4.54
CA HIS A 132 37.25 5.98 3.42
C HIS A 132 36.01 5.18 3.06
N LEU A 133 35.26 4.74 4.07
CA LEU A 133 34.02 4.01 3.80
C LEU A 133 32.97 4.91 3.18
N ARG A 134 32.97 6.20 3.55
CA ARG A 134 32.08 7.13 2.87
C ARG A 134 32.50 7.33 1.42
N ARG A 135 33.80 7.30 1.15
CA ARG A 135 34.29 7.46 -0.21
C ARG A 135 34.01 6.24 -1.07
N ILE A 136 34.01 5.05 -0.48
CA ILE A 136 33.78 3.83 -1.24
C ILE A 136 32.39 3.23 -1.03
N GLY A 137 31.67 3.67 0.00
CA GLY A 137 30.33 3.17 0.25
C GLY A 137 30.28 1.85 1.01
N ARG A 138 30.57 0.74 0.33
CA ARG A 138 30.53 -0.59 0.94
C ARG A 138 31.82 -1.33 0.63
N PHE A 139 32.41 -1.93 1.66
CA PHE A 139 33.62 -2.72 1.47
C PHE A 139 33.28 -4.13 1.00
N SER A 140 34.25 -4.76 0.35
CA SER A 140 34.08 -6.16 -0.03
C SER A 140 34.02 -7.04 1.22
N GLU A 141 33.38 -8.19 1.07
CA GLU A 141 33.21 -9.10 2.22
C GLU A 141 34.54 -9.52 2.83
N PRO A 142 35.51 -10.00 2.06
CA PRO A 142 36.82 -10.27 2.65
C PRO A 142 37.47 -9.02 3.20
N HIS A 143 37.20 -7.86 2.61
CA HIS A 143 37.74 -6.63 3.17
C HIS A 143 37.14 -6.36 4.54
N ALA A 144 35.87 -6.68 4.73
CA ALA A 144 35.26 -6.54 6.06
C ALA A 144 35.89 -7.52 7.04
N ARG A 145 36.04 -8.78 6.62
CA ARG A 145 36.61 -9.78 7.52
C ARG A 145 38.05 -9.43 7.91
N PHE A 146 38.78 -8.80 6.99
CA PHE A 146 40.18 -8.47 7.26
C PHE A 146 40.31 -7.55 8.47
N TYR A 147 39.45 -6.54 8.56
CA TYR A 147 39.46 -5.66 9.72
C TYR A 147 38.80 -6.32 10.94
N ALA A 148 37.74 -7.09 10.70
CA ALA A 148 37.00 -7.66 11.82
C ALA A 148 37.87 -8.63 12.63
N ALA A 149 38.79 -9.33 11.97
CA ALA A 149 39.64 -10.27 12.70
C ALA A 149 40.50 -9.56 13.73
N GLN A 150 41.16 -8.47 13.32
CA GLN A 150 41.98 -7.72 14.26
C GLN A 150 41.12 -7.04 15.31
N ILE A 151 39.90 -6.64 14.94
CA ILE A 151 39.01 -6.05 15.93
C ILE A 151 38.70 -7.06 17.02
N VAL A 152 38.39 -8.29 16.63
CA VAL A 152 38.09 -9.34 17.60
C VAL A 152 39.33 -9.65 18.43
N LEU A 153 40.51 -9.63 17.81
CA LEU A 153 41.74 -9.88 18.54
C LEU A 153 41.94 -8.84 19.64
N THR A 154 41.82 -7.56 19.29
CA THR A 154 42.01 -6.50 20.27
C THR A 154 40.94 -6.54 21.35
N PHE A 155 39.70 -6.85 20.98
CA PHE A 155 38.63 -6.90 21.97
C PHE A 155 38.85 -8.03 22.96
N GLU A 156 39.26 -9.20 22.48
CA GLU A 156 39.53 -10.30 23.39
C GLU A 156 40.77 -10.04 24.23
N TYR A 157 41.74 -9.30 23.69
CA TYR A 157 42.89 -8.91 24.51
C TYR A 157 42.47 -7.96 25.61
N LEU A 158 41.53 -7.06 25.32
CA LEU A 158 40.96 -6.23 26.38
C LEU A 158 40.21 -7.08 27.38
N HIS A 159 39.57 -8.15 26.92
CA HIS A 159 38.96 -9.09 27.85
C HIS A 159 40.02 -9.82 28.66
N SER A 160 41.20 -10.04 28.08
CA SER A 160 42.29 -10.64 28.83
C SER A 160 42.82 -9.71 29.91
N LEU A 161 42.41 -8.45 29.92
CA LEU A 161 42.77 -7.52 30.98
C LEU A 161 41.57 -7.06 31.80
N ASP A 162 40.35 -7.45 31.41
CA ASP A 162 39.13 -7.12 32.15
C ASP A 162 38.91 -5.60 32.22
N LEU A 163 38.72 -5.02 31.05
CA LEU A 163 38.40 -3.59 30.93
C LEU A 163 37.24 -3.40 29.97
N ILE A 164 36.52 -2.30 30.15
CA ILE A 164 35.36 -1.97 29.34
C ILE A 164 35.65 -0.69 28.57
N TYR A 165 35.54 -0.76 27.24
CA TYR A 165 35.88 0.38 26.40
C TYR A 165 34.81 1.47 26.45
N ARG A 166 33.54 1.06 26.45
CA ARG A 166 32.41 1.99 26.51
C ARG A 166 32.44 3.03 25.40
N ASP A 167 33.08 2.71 24.27
CA ASP A 167 33.14 3.64 23.16
C ASP A 167 33.40 2.87 21.87
N LEU A 168 32.54 3.06 20.88
CA LEU A 168 32.73 2.40 19.58
C LEU A 168 32.05 3.26 18.50
N LYS A 169 32.86 4.01 17.77
CA LYS A 169 32.40 4.82 16.65
C LYS A 169 33.25 4.55 15.42
N PRO A 170 32.68 4.74 14.23
CA PRO A 170 33.46 4.45 13.01
C PRO A 170 34.71 5.30 12.86
N GLU A 171 34.68 6.55 13.29
CA GLU A 171 35.81 7.44 13.08
C GLU A 171 36.97 7.15 14.01
N ASN A 172 36.74 6.40 15.09
CA ASN A 172 37.81 6.15 16.06
C ASN A 172 38.84 5.14 15.55
N LEU A 173 38.55 4.44 14.46
CA LEU A 173 39.44 3.41 13.95
C LEU A 173 40.27 3.98 12.79
N LEU A 174 41.57 4.05 12.99
CA LEU A 174 42.48 4.56 11.97
C LEU A 174 42.99 3.40 11.12
N ILE A 175 44.01 3.66 10.31
CA ILE A 175 44.65 2.65 9.47
C ILE A 175 46.15 2.91 9.44
N ASP A 176 46.94 1.84 9.48
CA ASP A 176 48.39 1.95 9.52
C ASP A 176 48.98 1.97 8.12
N GLN A 177 50.26 2.34 8.05
CA GLN A 177 50.99 2.22 6.79
C GLN A 177 51.06 0.78 6.33
N GLN A 178 51.07 -0.17 7.28
CA GLN A 178 50.96 -1.58 6.94
C GLN A 178 49.54 -1.98 6.56
N GLY A 179 48.56 -1.10 6.75
CA GLY A 179 47.19 -1.39 6.45
C GLY A 179 46.37 -1.84 7.64
N TYR A 180 47.01 -2.23 8.73
CA TYR A 180 46.27 -2.60 9.93
C TYR A 180 45.59 -1.38 10.52
N ILE A 181 44.39 -1.60 11.10
CA ILE A 181 43.69 -0.49 11.74
C ILE A 181 44.45 -0.03 12.98
N GLN A 182 44.28 1.25 13.32
CA GLN A 182 44.93 1.84 14.48
C GLN A 182 43.86 2.28 15.46
N VAL A 183 43.98 1.84 16.70
CA VAL A 183 43.00 2.11 17.74
C VAL A 183 43.40 3.38 18.48
N THR A 184 42.39 4.16 18.87
CA THR A 184 42.60 5.38 19.64
C THR A 184 41.32 5.68 20.42
N ASP A 185 41.27 6.88 20.99
CA ASP A 185 40.09 7.38 21.71
C ASP A 185 39.74 6.46 22.90
N PHE A 186 40.69 6.36 23.81
CA PHE A 186 40.54 5.53 25.01
C PHE A 186 39.77 6.23 26.12
N GLY A 187 39.05 7.32 25.83
CA GLY A 187 38.40 8.11 26.85
C GLY A 187 37.40 7.38 27.73
N PHE A 188 36.43 6.69 27.12
CA PHE A 188 35.41 5.99 27.87
C PHE A 188 35.89 4.67 28.44
N ALA A 189 37.09 4.22 28.07
CA ALA A 189 37.59 2.94 28.53
C ALA A 189 37.92 3.00 30.02
N LYS A 190 37.67 1.90 30.71
CA LYS A 190 37.95 1.80 32.13
C LYS A 190 38.15 0.34 32.51
N ARG A 191 39.01 0.11 33.50
CA ARG A 191 39.28 -1.23 34.01
C ARG A 191 38.43 -1.44 35.26
N VAL A 192 37.19 -1.86 35.06
CA VAL A 192 36.27 -2.14 36.15
C VAL A 192 35.74 -3.56 35.96
N LYS A 193 35.87 -4.39 36.99
CA LYS A 193 35.43 -5.78 36.93
C LYS A 193 34.03 -5.87 37.56
N GLY A 194 33.07 -6.38 36.77
CA GLY A 194 31.71 -6.55 37.24
C GLY A 194 30.73 -5.77 36.38
N ARG A 195 29.75 -5.15 37.03
CA ARG A 195 28.72 -4.37 36.37
C ARG A 195 28.81 -2.91 36.80
N THR A 196 28.58 -2.01 35.86
CA THR A 196 28.67 -0.57 36.10
C THR A 196 27.39 0.09 35.61
N TRP A 197 26.87 1.03 36.41
CA TRP A 197 25.62 1.69 36.11
C TRP A 197 25.76 2.89 35.18
N THR A 198 26.99 3.33 34.89
CA THR A 198 27.19 4.52 34.08
C THR A 198 26.70 4.32 32.66
N LEU A 199 26.11 5.37 32.09
CA LEU A 199 25.57 5.32 30.74
C LEU A 199 25.89 6.61 30.01
N CYS A 200 26.40 6.48 28.78
CA CYS A 200 26.74 7.61 27.92
C CYS A 200 27.16 7.05 26.58
N GLY A 201 27.53 7.94 25.67
CA GLY A 201 28.08 7.54 24.39
C GLY A 201 27.13 7.73 23.22
N THR A 202 27.49 7.10 22.12
CA THR A 202 26.74 7.23 20.87
C THR A 202 25.48 6.38 20.93
N PRO A 203 24.32 6.95 20.54
CA PRO A 203 23.10 6.14 20.49
C PRO A 203 23.18 4.99 19.51
N GLU A 204 23.89 5.15 18.39
CA GLU A 204 23.99 4.07 17.42
C GLU A 204 24.73 2.88 17.99
N TYR A 205 25.57 3.10 18.99
CA TYR A 205 26.29 2.04 19.68
C TYR A 205 25.74 1.78 21.07
N LEU A 206 24.51 2.22 21.36
CA LEU A 206 23.92 2.07 22.68
C LEU A 206 23.22 0.72 22.77
N ALA A 207 23.74 -0.16 23.62
CA ALA A 207 23.11 -1.46 23.82
C ALA A 207 21.80 -1.28 24.59
N PRO A 208 20.87 -2.22 24.45
CA PRO A 208 19.63 -2.14 25.24
C PRO A 208 19.89 -2.16 26.74
N GLU A 209 20.93 -2.85 27.19
CA GLU A 209 21.24 -2.86 28.61
C GLU A 209 21.64 -1.48 29.10
N ILE A 210 22.45 -0.77 28.32
CA ILE A 210 22.80 0.60 28.68
C ILE A 210 21.59 1.52 28.51
N ILE A 211 20.77 1.26 27.50
CA ILE A 211 19.57 2.07 27.30
C ILE A 211 18.59 1.87 28.44
N LEU A 212 18.53 0.65 28.99
CA LEU A 212 17.61 0.36 30.10
C LEU A 212 18.06 0.98 31.41
N SER A 213 19.23 1.64 31.44
CA SER A 213 19.74 2.30 32.64
C SER A 213 19.94 1.29 33.77
N LYS A 214 20.69 0.23 33.49
CA LYS A 214 21.02 -0.80 34.46
C LYS A 214 22.53 -0.97 34.50
N GLY A 215 22.99 -1.82 35.42
CA GLY A 215 24.39 -2.16 35.48
C GLY A 215 24.88 -2.81 34.19
N TYR A 216 25.96 -2.30 33.62
CA TYR A 216 26.45 -2.76 32.33
C TYR A 216 27.79 -3.45 32.50
N ASN A 217 27.93 -4.62 31.88
CA ASN A 217 29.15 -5.41 31.89
C ASN A 217 29.82 -5.34 30.52
N LYS A 218 30.89 -6.13 30.36
CA LYS A 218 31.63 -6.16 29.11
C LYS A 218 30.84 -6.75 27.96
N ALA A 219 29.69 -7.37 28.24
CA ALA A 219 28.96 -8.09 27.19
C ALA A 219 28.48 -7.19 26.06
N VAL A 220 28.36 -5.88 26.29
CA VAL A 220 27.85 -4.99 25.26
C VAL A 220 28.87 -4.78 24.14
N ASP A 221 30.14 -5.08 24.39
CA ASP A 221 31.15 -4.88 23.36
C ASP A 221 30.92 -5.79 22.17
N TRP A 222 30.40 -7.00 22.39
CA TRP A 222 30.09 -7.89 21.28
C TRP A 222 29.01 -7.28 20.40
N TRP A 223 27.98 -6.70 21.01
CA TRP A 223 26.95 -6.04 20.22
C TRP A 223 27.53 -4.85 19.46
N ALA A 224 28.44 -4.11 20.09
CA ALA A 224 29.06 -2.98 19.41
C ALA A 224 29.86 -3.45 18.19
N LEU A 225 30.64 -4.52 18.34
CA LEU A 225 31.42 -5.04 17.22
C LEU A 225 30.52 -5.60 16.13
N GLY A 226 29.41 -6.23 16.52
CA GLY A 226 28.47 -6.72 15.51
C GLY A 226 27.84 -5.59 14.73
N VAL A 227 27.48 -4.50 15.42
CA VAL A 227 26.96 -3.33 14.73
C VAL A 227 28.02 -2.75 13.80
N LEU A 228 29.28 -2.76 14.25
CA LEU A 228 30.35 -2.27 13.41
C LEU A 228 30.48 -3.08 12.13
N ILE A 229 30.47 -4.41 12.25
CA ILE A 229 30.59 -5.26 11.07
C ILE A 229 29.38 -5.06 10.15
N TYR A 230 28.19 -5.06 10.73
CA TYR A 230 26.98 -4.95 9.92
C TYR A 230 26.95 -3.63 9.15
N GLU A 231 27.28 -2.53 9.82
CA GLU A 231 27.27 -1.24 9.15
C GLU A 231 28.41 -1.13 8.14
N MET A 232 29.56 -1.75 8.43
CA MET A 232 30.67 -1.68 7.50
C MET A 232 30.32 -2.40 6.20
N ALA A 233 29.59 -3.51 6.30
CA ALA A 233 29.15 -4.18 5.10
C ALA A 233 27.97 -3.48 4.44
N ALA A 234 27.10 -2.83 5.22
CA ALA A 234 25.88 -2.26 4.69
C ALA A 234 26.01 -0.80 4.31
N GLY A 235 26.86 -0.05 4.99
CA GLY A 235 26.95 1.38 4.78
C GLY A 235 25.88 2.19 5.45
N TYR A 236 24.88 1.54 6.07
CA TYR A 236 23.84 2.19 6.84
C TYR A 236 23.67 1.48 8.17
N PRO A 237 23.42 2.21 9.25
CA PRO A 237 23.26 1.58 10.56
C PRO A 237 22.06 0.66 10.57
N PRO A 238 22.17 -0.51 11.23
CA PRO A 238 20.98 -1.35 11.39
C PRO A 238 19.87 -0.67 12.15
N PHE A 239 20.21 0.19 13.11
CA PHE A 239 19.24 0.97 13.87
C PHE A 239 19.42 2.44 13.50
N PHE A 240 18.35 3.05 12.99
CA PHE A 240 18.40 4.45 12.59
C PHE A 240 17.00 5.04 12.74
N ALA A 241 16.94 6.27 13.25
CA ALA A 241 15.68 6.98 13.42
C ALA A 241 15.95 8.47 13.43
N ASP A 242 14.90 9.25 13.13
CA ASP A 242 15.04 10.70 13.09
C ASP A 242 15.36 11.27 14.47
N GLN A 243 14.70 10.77 15.50
CA GLN A 243 14.96 11.26 16.84
C GLN A 243 15.64 10.19 17.69
N PRO A 244 16.49 10.59 18.64
CA PRO A 244 17.13 9.59 19.50
C PRO A 244 16.15 8.80 20.32
N ILE A 245 15.02 9.38 20.71
CA ILE A 245 14.01 8.64 21.46
C ILE A 245 13.44 7.52 20.60
N GLN A 246 13.17 7.81 19.33
CA GLN A 246 12.76 6.76 18.41
C GLN A 246 13.89 5.80 18.12
N ILE A 247 15.14 6.30 18.09
CA ILE A 247 16.29 5.43 17.89
C ILE A 247 16.47 4.53 19.12
N TYR A 248 16.29 5.08 20.31
CA TYR A 248 16.37 4.26 21.52
C TYR A 248 15.27 3.20 21.54
N GLU A 249 14.05 3.57 21.11
CA GLU A 249 12.97 2.60 21.05
C GLU A 249 13.25 1.50 20.04
N LYS A 250 13.80 1.87 18.88
CA LYS A 250 14.14 0.87 17.86
C LYS A 250 15.24 -0.06 18.36
N ILE A 251 16.23 0.47 19.07
CA ILE A 251 17.28 -0.37 19.63
C ILE A 251 16.72 -1.28 20.70
N VAL A 252 15.77 -0.78 21.49
CA VAL A 252 15.14 -1.61 22.51
C VAL A 252 14.34 -2.73 21.88
N SER A 253 13.72 -2.47 20.72
CA SER A 253 13.02 -3.54 20.02
C SER A 253 13.98 -4.63 19.56
N GLY A 254 15.19 -4.26 19.16
CA GLY A 254 16.18 -5.24 18.76
C GLY A 254 15.86 -5.99 17.50
N LYS A 255 15.23 -5.34 16.53
CA LYS A 255 14.88 -5.96 15.26
C LYS A 255 15.37 -5.09 14.11
N VAL A 256 15.98 -5.72 13.11
CA VAL A 256 16.46 -5.01 11.93
C VAL A 256 16.51 -5.99 10.77
N ARG A 257 16.33 -5.46 9.55
CA ARG A 257 16.29 -6.29 8.35
C ARG A 257 17.68 -6.38 7.72
N PHE A 258 18.12 -7.60 7.43
CA PHE A 258 19.42 -7.80 6.83
C PHE A 258 19.42 -7.35 5.37
N PRO A 259 20.58 -6.92 4.86
CA PRO A 259 20.65 -6.49 3.45
C PRO A 259 20.50 -7.67 2.50
N SER A 260 20.15 -7.34 1.26
CA SER A 260 20.00 -8.37 0.23
C SER A 260 21.33 -9.06 -0.07
N HIS A 261 22.44 -8.32 -0.01
CA HIS A 261 23.73 -8.92 -0.28
C HIS A 261 24.28 -9.71 0.90
N PHE A 262 23.60 -9.67 2.05
CA PHE A 262 24.12 -10.32 3.25
C PHE A 262 24.16 -11.84 3.06
N SER A 263 25.31 -12.43 3.37
CA SER A 263 25.46 -13.87 3.29
C SER A 263 24.82 -14.55 4.49
N SER A 264 24.34 -15.78 4.25
CA SER A 264 23.68 -16.54 5.31
C SER A 264 24.63 -16.83 6.46
N ASP A 265 25.89 -17.19 6.14
CA ASP A 265 26.84 -17.50 7.19
C ASP A 265 27.15 -16.27 8.05
N LEU A 266 27.30 -15.10 7.41
CA LEU A 266 27.58 -13.90 8.18
C LEU A 266 26.34 -13.39 8.91
N LYS A 267 25.18 -13.42 8.25
CA LYS A 267 23.97 -12.87 8.85
C LYS A 267 23.48 -13.74 10.01
N ASP A 268 23.65 -15.06 9.91
CA ASP A 268 23.23 -15.92 11.01
C ASP A 268 24.07 -15.67 12.26
N LEU A 269 25.38 -15.47 12.08
CA LEU A 269 26.22 -15.12 13.22
C LEU A 269 25.92 -13.72 13.71
N LEU A 270 25.54 -12.81 12.81
CA LEU A 270 25.12 -11.49 13.25
C LEU A 270 23.82 -11.56 14.06
N ARG A 271 22.99 -12.56 13.80
CA ARG A 271 21.80 -12.74 14.62
C ARG A 271 22.15 -13.11 16.05
N ASN A 272 23.17 -13.95 16.23
CA ASN A 272 23.62 -14.27 17.59
C ASN A 272 24.34 -13.09 18.21
N LEU A 273 25.01 -12.27 17.40
CA LEU A 273 25.71 -11.11 17.94
C LEU A 273 24.72 -10.02 18.36
N LEU A 274 23.62 -9.87 17.63
CA LEU A 274 22.61 -8.86 17.89
C LEU A 274 21.43 -9.41 18.69
N GLN A 275 21.56 -10.62 19.23
CA GLN A 275 20.49 -11.20 20.04
C GLN A 275 20.18 -10.30 21.22
N VAL A 276 18.89 -10.00 21.41
CA VAL A 276 18.49 -9.11 22.49
C VAL A 276 18.87 -9.68 23.83
N ASP A 277 18.92 -11.01 23.95
CA ASP A 277 19.31 -11.64 25.21
C ASP A 277 20.79 -11.41 25.44
N LEU A 278 21.11 -10.63 26.49
CA LEU A 278 22.52 -10.38 26.81
C LEU A 278 23.21 -11.64 27.30
N THR A 279 22.48 -12.51 28.01
CA THR A 279 23.07 -13.77 28.45
C THR A 279 23.38 -14.68 27.26
N LYS A 280 22.54 -14.65 26.23
CA LYS A 280 22.73 -15.44 25.03
C LYS A 280 23.59 -14.73 23.99
N ARG A 281 24.11 -13.55 24.30
CA ARG A 281 24.94 -12.83 23.35
C ARG A 281 26.18 -13.65 23.01
N PHE A 282 26.53 -13.67 21.73
CA PHE A 282 27.73 -14.37 21.29
C PHE A 282 28.96 -13.75 21.94
N GLY A 283 29.85 -14.60 22.43
CA GLY A 283 31.03 -14.14 23.14
C GLY A 283 30.85 -13.90 24.62
N ASN A 284 29.73 -14.35 25.20
CA ASN A 284 29.49 -14.24 26.63
C ASN A 284 28.95 -15.51 27.27
N LEU A 285 28.60 -16.52 26.48
CA LEU A 285 27.95 -17.70 27.04
C LEU A 285 28.93 -18.50 27.91
N LYS A 286 29.85 -19.24 27.28
CA LYS A 286 30.72 -20.12 28.06
C LYS A 286 32.21 -19.99 27.73
N ASN A 287 32.56 -19.80 26.46
CA ASN A 287 33.93 -19.97 25.99
C ASN A 287 34.68 -18.67 25.76
N GLY A 288 34.05 -17.52 26.00
CA GLY A 288 34.72 -16.25 25.81
C GLY A 288 34.79 -15.80 24.36
N VAL A 289 35.73 -16.36 23.60
CA VAL A 289 35.87 -15.99 22.19
C VAL A 289 36.00 -17.22 21.31
N ASN A 290 36.03 -18.40 21.93
CA ASN A 290 36.25 -19.63 21.16
C ASN A 290 35.10 -19.90 20.20
N ASP A 291 33.86 -19.66 20.61
CA ASP A 291 32.73 -19.85 19.72
C ASP A 291 32.80 -18.87 18.55
N ILE A 292 33.28 -17.64 18.81
CA ILE A 292 33.46 -16.70 17.72
C ILE A 292 34.62 -17.13 16.83
N LYS A 293 35.68 -17.69 17.42
CA LYS A 293 36.84 -18.07 16.62
C LYS A 293 36.49 -19.19 15.64
N ASN A 294 35.65 -20.14 16.07
CA ASN A 294 35.27 -21.25 15.22
C ASN A 294 34.21 -20.89 14.19
N HIS A 295 33.68 -19.67 14.24
CA HIS A 295 32.60 -19.29 13.32
C HIS A 295 33.07 -19.32 11.87
N LYS A 296 32.17 -19.71 10.98
CA LYS A 296 32.51 -19.81 9.56
C LYS A 296 32.79 -18.45 8.94
N TRP A 297 32.28 -17.37 9.52
CA TRP A 297 32.65 -16.05 9.01
C TRP A 297 34.14 -15.79 9.22
N PHE A 298 34.75 -16.47 10.18
CA PHE A 298 36.19 -16.45 10.38
C PHE A 298 36.84 -17.74 9.91
N ALA A 299 36.26 -18.39 8.91
CA ALA A 299 36.78 -19.67 8.44
C ALA A 299 38.22 -19.52 7.97
N THR A 300 38.53 -18.41 7.29
CA THR A 300 39.91 -18.04 7.00
C THR A 300 40.18 -16.69 7.64
N THR A 301 40.48 -16.73 8.93
CA THR A 301 40.88 -15.54 9.71
C THR A 301 41.91 -16.04 10.72
N ASP A 302 43.18 -15.99 10.34
CA ASP A 302 44.25 -16.55 11.15
C ASP A 302 44.47 -15.62 12.34
N TRP A 303 43.91 -15.99 13.49
CA TRP A 303 44.09 -15.17 14.68
C TRP A 303 45.55 -15.10 15.09
N ILE A 304 46.25 -16.23 15.08
CA ILE A 304 47.63 -16.24 15.54
C ILE A 304 48.55 -15.59 14.51
N ALA A 305 48.32 -15.87 13.22
CA ALA A 305 49.19 -15.29 12.20
C ALA A 305 49.00 -13.79 12.09
N ILE A 306 47.82 -13.28 12.46
CA ILE A 306 47.61 -11.85 12.48
C ILE A 306 48.41 -11.17 13.58
N TYR A 307 48.95 -11.93 14.53
CA TYR A 307 49.80 -11.34 15.56
C TYR A 307 51.04 -10.70 14.95
N GLN A 308 51.48 -11.21 13.79
CA GLN A 308 52.50 -10.53 13.01
C GLN A 308 51.90 -9.60 11.97
N ARG A 309 50.60 -9.72 11.69
CA ARG A 309 49.92 -8.88 10.69
C ARG A 309 50.56 -9.03 9.32
N LYS A 310 50.83 -10.27 8.91
CA LYS A 310 51.47 -10.54 7.64
C LYS A 310 50.48 -10.75 6.50
N VAL A 311 49.18 -10.66 6.76
CA VAL A 311 48.18 -10.92 5.73
C VAL A 311 48.13 -9.76 4.75
N GLU A 312 47.91 -10.09 3.47
CA GLU A 312 47.75 -9.07 2.45
C GLU A 312 46.49 -8.25 2.71
N ALA A 313 46.65 -6.95 2.91
CA ALA A 313 45.54 -6.10 3.30
C ALA A 313 44.55 -5.92 2.16
N PRO A 314 43.27 -5.69 2.49
CA PRO A 314 42.30 -5.37 1.43
C PRO A 314 42.61 -4.08 0.70
N PHE A 315 43.19 -3.09 1.37
CA PHE A 315 43.51 -1.82 0.74
C PHE A 315 44.57 -1.12 1.57
N ILE A 316 45.43 -0.38 0.90
CA ILE A 316 46.51 0.33 1.58
C ILE A 316 46.32 1.84 1.39
N PRO A 317 46.54 2.64 2.42
CA PRO A 317 46.44 4.09 2.25
C PRO A 317 47.52 4.63 1.33
N LYS A 318 47.17 5.68 0.58
CA LYS A 318 48.09 6.33 -0.35
C LYS A 318 48.98 7.31 0.41
N PHE A 319 49.90 6.75 1.20
CA PHE A 319 50.81 7.56 1.98
C PHE A 319 51.82 8.26 1.08
N LYS A 320 52.06 9.54 1.35
CA LYS A 320 53.02 10.34 0.59
C LYS A 320 53.89 11.15 1.54
N GLY A 321 54.29 10.54 2.66
CA GLY A 321 55.08 11.22 3.66
C GLY A 321 54.28 11.58 4.89
N PRO A 322 54.93 11.56 6.06
CA PRO A 322 54.19 11.84 7.30
C PRO A 322 53.69 13.27 7.40
N GLY A 323 54.38 14.23 6.76
CA GLY A 323 53.95 15.61 6.82
C GLY A 323 52.77 15.95 5.95
N ASP A 324 52.42 15.08 5.00
CA ASP A 324 51.25 15.30 4.17
C ASP A 324 49.99 14.99 4.96
N THR A 325 49.02 15.90 4.91
CA THR A 325 47.73 15.71 5.56
C THR A 325 46.63 15.34 4.57
N SER A 326 46.99 14.63 3.50
CA SER A 326 46.02 14.32 2.46
C SER A 326 44.91 13.41 2.98
N ASN A 327 45.27 12.38 3.74
CA ASN A 327 44.24 11.53 4.33
C ASN A 327 43.42 12.31 5.36
N PHE A 328 44.08 13.18 6.12
CA PHE A 328 43.37 13.97 7.10
C PHE A 328 42.54 15.06 6.42
N ASP A 329 41.60 15.61 7.19
CA ASP A 329 40.78 16.71 6.71
C ASP A 329 41.55 18.02 6.79
N ASP A 330 41.25 18.93 5.86
CA ASP A 330 41.84 20.27 5.83
C ASP A 330 40.84 21.25 6.41
N TYR A 331 40.95 21.49 7.72
CA TYR A 331 40.04 22.37 8.43
C TYR A 331 40.85 23.26 9.37
N GLU A 332 40.14 24.10 10.12
CA GLU A 332 40.80 25.01 11.06
C GLU A 332 39.97 25.19 12.32
N ASN A 341 45.77 30.01 35.39
CA ASN A 341 45.16 29.23 36.47
C ASN A 341 44.37 28.06 35.90
N GLU A 342 44.82 26.84 36.21
CA GLU A 342 44.12 25.66 35.74
C GLU A 342 42.80 25.49 36.47
N LYS A 343 41.79 25.02 35.75
CA LYS A 343 40.46 24.78 36.32
C LYS A 343 40.52 23.52 37.18
N CYS A 344 40.50 23.71 38.49
CA CYS A 344 40.53 22.61 39.46
C CYS A 344 41.79 21.76 39.27
N GLY A 345 42.94 22.40 39.48
CA GLY A 345 44.21 21.70 39.38
C GLY A 345 44.39 20.60 40.40
N LYS A 346 43.64 20.66 41.51
CA LYS A 346 43.72 19.60 42.50
C LYS A 346 43.19 18.28 41.96
N GLU A 347 42.19 18.33 41.09
CA GLU A 347 41.68 17.10 40.48
C GLU A 347 42.70 16.48 39.55
N PHE A 348 43.43 17.30 38.80
CA PHE A 348 44.44 16.81 37.87
C PHE A 348 45.80 16.81 38.56
N SER A 349 45.96 15.84 39.46
CA SER A 349 47.17 15.71 40.26
C SER A 349 48.09 14.60 39.77
N GLU A 350 47.70 13.87 38.72
CA GLU A 350 48.50 12.75 38.22
C GLU A 350 48.55 12.79 36.69
N PHE A 351 48.65 13.98 36.12
CA PHE A 351 48.72 14.12 34.67
C PHE A 351 50.08 14.65 34.23
N ARG B 3 -35.21 -4.65 -14.24
CA ARG B 3 -34.13 -3.85 -14.81
C ARG B 3 -33.02 -4.73 -15.34
N SER B 4 -32.82 -5.88 -14.69
CA SER B 4 -31.79 -6.84 -15.07
C SER B 4 -32.40 -8.02 -15.81
N PRO B 5 -31.71 -8.53 -16.83
CA PRO B 5 -32.29 -9.66 -17.57
C PRO B 5 -32.30 -10.95 -16.77
N LEU B 6 -31.25 -11.20 -15.97
CA LEU B 6 -31.24 -12.42 -15.17
C LEU B 6 -32.33 -12.44 -14.13
N GLU B 7 -32.84 -11.27 -13.73
CA GLU B 7 -34.00 -11.25 -12.84
C GLU B 7 -35.24 -11.76 -13.55
N LYS B 8 -35.31 -11.59 -14.86
CA LYS B 8 -36.42 -12.11 -15.66
C LYS B 8 -36.05 -13.46 -16.23
N ALA B 9 -35.92 -14.43 -15.34
CA ALA B 9 -35.46 -15.76 -15.71
C ALA B 9 -36.33 -16.82 -15.06
N SER B 10 -36.67 -17.84 -15.83
CA SER B 10 -37.40 -18.97 -15.29
C SER B 10 -36.47 -19.92 -14.55
N VAL B 11 -37.07 -20.84 -13.80
CA VAL B 11 -36.28 -21.84 -13.09
C VAL B 11 -35.52 -22.72 -14.08
N VAL B 12 -36.19 -23.17 -15.14
CA VAL B 12 -35.52 -23.97 -16.15
C VAL B 12 -34.48 -23.13 -16.88
N SER B 13 -34.80 -21.86 -17.15
CA SER B 13 -33.83 -20.99 -17.78
C SER B 13 -32.62 -20.77 -16.87
N LYS B 14 -32.87 -20.64 -15.56
CA LYS B 14 -31.76 -20.48 -14.63
C LYS B 14 -30.89 -21.72 -14.59
N LEU B 15 -31.52 -22.90 -14.58
CA LEU B 15 -30.74 -24.14 -14.57
C LEU B 15 -29.92 -24.28 -15.84
N PHE B 16 -30.50 -23.92 -16.99
CA PHE B 16 -29.73 -23.95 -18.22
C PHE B 16 -28.72 -22.81 -18.30
N PHE B 17 -28.87 -21.80 -17.43
CA PHE B 17 -28.00 -20.62 -17.43
C PHE B 17 -28.00 -19.93 -18.79
N SER B 18 -29.13 -20.00 -19.50
CA SER B 18 -29.25 -19.43 -20.83
C SER B 18 -29.32 -17.92 -20.84
N TRP B 19 -29.01 -17.27 -19.72
CA TRP B 19 -29.12 -15.83 -19.65
C TRP B 19 -28.27 -15.15 -20.71
N THR B 20 -27.12 -15.72 -21.03
CA THR B 20 -26.21 -15.13 -22.00
C THR B 20 -26.50 -15.55 -23.43
N ARG B 21 -27.60 -16.25 -23.67
CA ARG B 21 -27.87 -16.74 -25.02
C ARG B 21 -27.95 -15.62 -26.04
N PRO B 22 -28.74 -14.57 -25.82
CA PRO B 22 -28.65 -13.42 -26.72
C PRO B 22 -27.31 -12.72 -26.63
N ILE B 23 -26.67 -12.73 -25.47
CA ILE B 23 -25.35 -12.13 -25.35
C ILE B 23 -24.36 -12.87 -26.23
N LEU B 24 -24.42 -14.19 -26.23
CA LEU B 24 -23.58 -14.96 -27.14
C LEU B 24 -23.97 -14.73 -28.58
N ARG B 25 -25.27 -14.56 -28.85
CA ARG B 25 -25.71 -14.32 -30.22
C ARG B 25 -25.11 -13.03 -30.76
N LYS B 26 -25.07 -12.00 -29.93
CA LYS B 26 -24.46 -10.74 -30.35
C LYS B 26 -22.95 -10.87 -30.46
N GLY B 27 -22.33 -11.54 -29.50
CA GLY B 27 -20.87 -11.61 -29.46
C GLY B 27 -20.25 -12.38 -30.60
N TYR B 28 -20.81 -13.54 -30.93
CA TYR B 28 -20.28 -14.30 -32.04
C TYR B 28 -20.57 -13.62 -33.37
N ARG B 29 -21.53 -12.70 -33.39
CA ARG B 29 -21.83 -11.96 -34.60
C ARG B 29 -20.91 -10.76 -34.77
N GLN B 30 -20.85 -9.88 -33.77
CA GLN B 30 -20.21 -8.60 -33.92
C GLN B 30 -19.22 -8.34 -32.79
N ARG B 31 -18.42 -7.29 -32.96
CA ARG B 31 -17.41 -6.93 -31.99
C ARG B 31 -18.04 -6.53 -30.66
N LEU B 32 -17.26 -6.67 -29.59
CA LEU B 32 -17.76 -6.37 -28.26
C LEU B 32 -17.95 -4.87 -28.08
N GLU B 33 -19.05 -4.50 -27.41
CA GLU B 33 -19.33 -3.12 -27.02
C GLU B 33 -19.48 -3.06 -25.51
N LEU B 34 -18.66 -2.20 -24.87
CA LEU B 34 -18.63 -2.17 -23.41
C LEU B 34 -19.98 -1.76 -22.83
N SER B 35 -20.66 -0.80 -23.46
CA SER B 35 -21.94 -0.35 -22.93
C SER B 35 -23.01 -1.41 -23.05
N ASP B 36 -22.85 -2.38 -23.95
CA ASP B 36 -23.88 -3.38 -24.18
C ASP B 36 -24.03 -4.37 -23.03
N ILE B 37 -23.21 -4.26 -21.97
CA ILE B 37 -23.28 -5.21 -20.87
C ILE B 37 -24.63 -5.14 -20.17
N TYR B 38 -25.15 -6.30 -19.77
CA TYR B 38 -26.41 -6.35 -19.04
C TYR B 38 -26.29 -5.68 -17.67
N GLN B 39 -27.40 -5.14 -17.19
CA GLN B 39 -27.42 -4.40 -15.93
C GLN B 39 -27.04 -5.29 -14.76
N ILE B 40 -26.34 -4.71 -13.79
CA ILE B 40 -25.83 -5.48 -12.65
C ILE B 40 -26.99 -6.03 -11.84
N PRO B 41 -26.84 -7.18 -11.18
CA PRO B 41 -27.93 -7.72 -10.36
C PRO B 41 -28.25 -6.82 -9.18
N SER B 42 -29.54 -6.80 -8.81
CA SER B 42 -29.98 -5.97 -7.69
C SER B 42 -29.34 -6.42 -6.39
N VAL B 43 -29.30 -7.73 -6.14
CA VAL B 43 -28.68 -8.22 -4.92
C VAL B 43 -27.17 -8.01 -4.96
N ASP B 44 -26.61 -7.75 -6.13
CA ASP B 44 -25.19 -7.56 -6.30
C ASP B 44 -24.74 -6.14 -6.03
N SER B 45 -25.65 -5.26 -5.61
CA SER B 45 -25.28 -3.87 -5.34
C SER B 45 -24.22 -3.80 -4.26
N ALA B 46 -23.13 -3.09 -4.56
CA ALA B 46 -22.07 -2.94 -3.57
C ALA B 46 -22.57 -2.20 -2.35
N ASP B 47 -23.38 -1.16 -2.56
CA ASP B 47 -23.95 -0.44 -1.43
C ASP B 47 -24.84 -1.35 -0.59
N ASN B 48 -25.55 -2.28 -1.22
CA ASN B 48 -26.43 -3.16 -0.46
C ASN B 48 -25.64 -4.20 0.33
N LEU B 49 -24.67 -4.85 -0.32
CA LEU B 49 -23.95 -5.92 0.35
C LEU B 49 -23.05 -5.38 1.44
N SER B 50 -22.35 -4.27 1.16
CA SER B 50 -21.47 -3.69 2.17
C SER B 50 -22.25 -3.25 3.39
N GLU B 51 -23.53 -2.92 3.24
CA GLU B 51 -24.33 -2.54 4.40
C GLU B 51 -24.41 -3.70 5.39
N LYS B 52 -24.78 -4.88 4.91
CA LYS B 52 -24.86 -6.03 5.80
C LYS B 52 -23.49 -6.41 6.33
N LEU B 53 -22.47 -6.33 5.48
CA LEU B 53 -21.14 -6.67 5.92
C LEU B 53 -20.71 -5.77 7.07
N GLU B 54 -20.93 -4.46 6.92
CA GLU B 54 -20.54 -3.51 7.95
C GLU B 54 -21.36 -3.68 9.22
N ARG B 55 -22.65 -3.94 9.09
CA ARG B 55 -23.47 -4.14 10.28
C ARG B 55 -22.96 -5.33 11.08
N GLU B 56 -22.68 -6.44 10.39
CA GLU B 56 -22.15 -7.59 11.08
C GLU B 56 -20.79 -7.29 11.70
N TRP B 57 -19.93 -6.58 10.97
CA TRP B 57 -18.60 -6.29 11.47
C TRP B 57 -18.66 -5.44 12.72
N ASP B 58 -19.54 -4.44 12.73
CA ASP B 58 -19.69 -3.59 13.91
C ASP B 58 -20.27 -4.38 15.07
N ARG B 59 -21.28 -5.21 14.81
CA ARG B 59 -21.87 -5.98 15.88
C ARG B 59 -20.83 -6.87 16.54
N GLU B 60 -20.00 -7.52 15.72
CA GLU B 60 -18.94 -8.35 16.27
C GLU B 60 -17.89 -7.53 16.99
N LEU B 61 -17.48 -6.41 16.40
CA LEU B 61 -16.44 -5.59 17.02
C LEU B 61 -16.89 -5.11 18.39
N ALA B 62 -18.19 -4.91 18.56
CA ALA B 62 -18.69 -4.55 19.87
C ALA B 62 -18.89 -5.77 20.76
N SER B 63 -19.09 -6.95 20.16
CA SER B 63 -19.58 -8.08 20.93
C SER B 63 -18.54 -8.62 21.91
N LYS B 64 -17.34 -8.95 21.44
CA LYS B 64 -16.40 -9.71 22.25
C LYS B 64 -14.99 -9.19 22.06
N LYS B 65 -14.11 -9.60 22.97
CA LYS B 65 -12.73 -9.14 23.00
C LYS B 65 -11.83 -9.83 21.97
N ASN B 66 -12.41 -10.45 20.95
CA ASN B 66 -11.64 -11.10 19.90
C ASN B 66 -12.19 -10.64 18.56
N PRO B 67 -11.39 -9.96 17.74
CA PRO B 67 -11.90 -9.50 16.43
C PRO B 67 -11.93 -10.61 15.39
N LYS B 68 -12.74 -11.63 15.65
CA LYS B 68 -12.85 -12.78 14.75
C LYS B 68 -13.73 -12.39 13.57
N LEU B 69 -13.11 -11.80 12.55
CA LEU B 69 -13.86 -11.43 11.36
C LEU B 69 -14.48 -12.64 10.70
N ILE B 70 -13.80 -13.79 10.75
CA ILE B 70 -14.36 -14.99 10.15
C ILE B 70 -15.62 -15.41 10.89
N ASN B 71 -15.61 -15.28 12.22
CA ASN B 71 -16.80 -15.63 12.98
C ASN B 71 -17.96 -14.70 12.67
N ALA B 72 -17.69 -13.49 12.19
CA ALA B 72 -18.78 -12.63 11.76
C ALA B 72 -19.25 -13.01 10.36
N LEU B 73 -18.32 -13.19 9.43
CA LEU B 73 -18.70 -13.51 8.06
C LEU B 73 -19.38 -14.87 7.95
N ARG B 74 -19.15 -15.75 8.92
CA ARG B 74 -19.90 -17.00 8.95
C ARG B 74 -21.39 -16.72 9.09
N ARG B 75 -21.74 -15.78 9.97
CA ARG B 75 -23.13 -15.39 10.10
C ARG B 75 -23.68 -14.76 8.83
N CYS B 76 -22.80 -14.32 7.92
CA CYS B 76 -23.26 -13.73 6.68
C CYS B 76 -23.38 -14.75 5.55
N PHE B 77 -22.62 -15.83 5.59
CA PHE B 77 -22.56 -16.70 4.41
C PHE B 77 -22.76 -18.20 4.68
N PHE B 78 -22.67 -18.68 5.92
CA PHE B 78 -22.57 -20.11 6.15
C PHE B 78 -23.81 -20.88 5.70
N TRP B 79 -24.99 -20.27 5.81
CA TRP B 79 -26.19 -20.96 5.39
C TRP B 79 -26.14 -21.28 3.90
N ARG B 80 -25.79 -20.28 3.09
CA ARG B 80 -25.69 -20.53 1.66
C ARG B 80 -24.53 -21.46 1.34
N PHE B 81 -23.43 -21.35 2.09
CA PHE B 81 -22.30 -22.23 1.85
C PHE B 81 -22.69 -23.69 2.05
N MET B 82 -23.39 -23.97 3.14
CA MET B 82 -23.85 -25.33 3.40
C MET B 82 -24.91 -25.75 2.39
N PHE B 83 -25.76 -24.83 1.96
CA PHE B 83 -26.78 -25.17 0.98
C PHE B 83 -26.15 -25.64 -0.33
N TYR B 84 -25.12 -24.93 -0.79
CA TYR B 84 -24.41 -25.38 -1.99
C TYR B 84 -23.64 -26.67 -1.72
N GLY B 85 -23.00 -26.75 -0.56
CA GLY B 85 -22.18 -27.91 -0.26
C GLY B 85 -22.96 -29.20 -0.16
N ILE B 86 -24.23 -29.12 0.25
CA ILE B 86 -25.04 -30.33 0.35
C ILE B 86 -25.18 -30.99 -1.02
N PHE B 87 -25.58 -30.21 -2.02
CA PHE B 87 -25.70 -30.76 -3.36
C PHE B 87 -24.32 -31.14 -3.91
N LEU B 88 -23.29 -30.38 -3.55
CA LEU B 88 -21.95 -30.71 -4.04
C LEU B 88 -21.52 -32.09 -3.54
N TYR B 89 -21.69 -32.34 -2.25
CA TYR B 89 -21.31 -33.62 -1.67
C TYR B 89 -22.19 -34.75 -2.20
N LEU B 90 -23.48 -34.45 -2.41
CA LEU B 90 -24.35 -35.46 -3.00
C LEU B 90 -23.87 -35.85 -4.39
N GLY B 91 -23.52 -34.86 -5.21
CA GLY B 91 -23.03 -35.16 -6.54
C GLY B 91 -21.70 -35.90 -6.51
N GLU B 92 -20.83 -35.55 -5.58
CA GLU B 92 -19.58 -36.27 -5.44
C GLU B 92 -19.84 -37.73 -5.08
N VAL B 93 -20.77 -37.96 -4.15
CA VAL B 93 -21.11 -39.32 -3.78
C VAL B 93 -21.68 -40.08 -4.97
N THR B 94 -22.51 -39.42 -5.76
CA THR B 94 -23.11 -40.07 -6.91
C THR B 94 -22.05 -40.46 -7.93
N LYS B 95 -21.13 -39.55 -8.23
CA LYS B 95 -20.08 -39.85 -9.18
C LYS B 95 -19.20 -40.98 -8.67
N ALA B 96 -18.91 -40.98 -7.36
CA ALA B 96 -18.10 -42.05 -6.80
C ALA B 96 -18.80 -43.40 -6.89
N VAL B 97 -20.09 -43.43 -6.58
CA VAL B 97 -20.80 -44.70 -6.53
C VAL B 97 -21.16 -45.21 -7.92
N GLN B 98 -21.17 -44.34 -8.93
CA GLN B 98 -21.58 -44.77 -10.26
C GLN B 98 -20.80 -45.97 -10.78
N PRO B 99 -19.50 -46.10 -10.54
CA PRO B 99 -18.79 -47.29 -11.03
C PRO B 99 -19.32 -48.58 -10.43
N LEU B 100 -19.80 -48.53 -9.18
CA LEU B 100 -20.32 -49.75 -8.58
C LEU B 100 -21.53 -50.26 -9.35
N LEU B 101 -22.31 -49.36 -9.94
CA LEU B 101 -23.42 -49.81 -10.75
C LEU B 101 -22.93 -50.59 -11.95
N LEU B 102 -21.75 -50.26 -12.46
CA LEU B 102 -21.17 -51.06 -13.52
C LEU B 102 -20.81 -52.46 -13.04
N GLY B 103 -20.77 -52.68 -11.74
CA GLY B 103 -20.50 -53.98 -11.18
C GLY B 103 -21.59 -54.99 -11.37
N ARG B 104 -22.59 -54.68 -12.19
CA ARG B 104 -23.67 -55.61 -12.51
C ARG B 104 -23.67 -56.04 -13.97
N ILE B 105 -23.40 -55.13 -14.89
CA ILE B 105 -23.53 -55.46 -16.31
C ILE B 105 -22.50 -56.49 -16.75
N ILE B 106 -21.46 -56.73 -15.95
CA ILE B 106 -20.40 -57.64 -16.35
C ILE B 106 -20.89 -59.07 -16.50
N ALA B 107 -21.98 -59.42 -15.84
CA ALA B 107 -22.45 -60.80 -15.87
C ALA B 107 -22.74 -61.26 -17.29
N SER B 108 -23.26 -60.37 -18.14
CA SER B 108 -23.53 -60.72 -19.52
C SER B 108 -22.24 -60.89 -20.29
N SER B 118 -30.26 -58.66 -21.38
CA SER B 118 -31.66 -58.78 -20.94
C SER B 118 -31.99 -57.67 -19.97
N ILE B 119 -31.64 -57.88 -18.70
CA ILE B 119 -31.94 -56.90 -17.66
C ILE B 119 -31.02 -55.69 -17.74
N ALA B 120 -29.85 -55.82 -18.37
CA ALA B 120 -28.87 -54.75 -18.39
C ALA B 120 -29.35 -53.53 -19.17
N ILE B 121 -30.42 -53.64 -19.95
CA ILE B 121 -30.91 -52.48 -20.68
C ILE B 121 -31.39 -51.41 -19.71
N TYR B 122 -32.12 -51.83 -18.68
CA TYR B 122 -32.54 -50.88 -17.66
C TYR B 122 -31.34 -50.31 -16.94
N LEU B 123 -30.32 -51.14 -16.69
CA LEU B 123 -29.11 -50.66 -16.07
C LEU B 123 -28.43 -49.60 -16.93
N GLY B 124 -28.43 -49.79 -18.25
CA GLY B 124 -27.83 -48.80 -19.12
C GLY B 124 -28.61 -47.49 -19.14
N ILE B 125 -29.94 -47.58 -19.16
CA ILE B 125 -30.75 -46.36 -19.10
C ILE B 125 -30.49 -45.63 -17.79
N GLY B 126 -30.40 -46.37 -16.68
CA GLY B 126 -30.12 -45.72 -15.41
C GLY B 126 -28.73 -45.11 -15.35
N LEU B 127 -27.75 -45.79 -15.92
CA LEU B 127 -26.39 -45.26 -15.94
C LEU B 127 -26.33 -44.00 -16.79
N CYS B 128 -27.09 -43.97 -17.89
CA CYS B 128 -27.17 -42.76 -18.69
C CYS B 128 -27.84 -41.63 -17.90
N LEU B 129 -28.90 -41.94 -17.17
CA LEU B 129 -29.57 -40.90 -16.39
C LEU B 129 -28.69 -40.40 -15.27
N LEU B 130 -27.78 -41.25 -14.78
CA LEU B 130 -26.86 -40.82 -13.74
C LEU B 130 -25.98 -39.67 -14.21
N PHE B 131 -25.60 -39.66 -15.49
CA PHE B 131 -24.81 -38.56 -16.00
C PHE B 131 -25.60 -37.25 -15.95
N ILE B 132 -26.88 -37.31 -16.32
CA ILE B 132 -27.70 -36.11 -16.27
C ILE B 132 -27.83 -35.61 -14.84
N VAL B 133 -28.07 -36.53 -13.90
CA VAL B 133 -28.25 -36.14 -12.51
C VAL B 133 -26.97 -35.54 -11.95
N ARG B 134 -25.82 -36.17 -12.22
CA ARG B 134 -24.56 -35.66 -11.70
C ARG B 134 -24.23 -34.31 -12.28
N THR B 135 -24.47 -34.13 -13.59
CA THR B 135 -24.20 -32.83 -14.20
C THR B 135 -25.12 -31.77 -13.61
N LEU B 136 -26.37 -32.13 -13.37
CA LEU B 136 -27.30 -31.18 -12.75
C LEU B 136 -26.83 -30.81 -11.35
N LEU B 137 -26.35 -31.79 -10.59
CA LEU B 137 -25.88 -31.50 -9.25
C LEU B 137 -24.61 -30.65 -9.29
N LEU B 138 -23.76 -30.87 -10.30
CA LEU B 138 -22.45 -30.23 -10.30
C LEU B 138 -22.52 -28.80 -10.82
N HIS B 139 -23.12 -28.61 -11.99
CA HIS B 139 -22.98 -27.33 -12.69
C HIS B 139 -23.49 -26.16 -11.87
N PRO B 140 -24.68 -26.20 -11.30
CA PRO B 140 -25.17 -25.00 -10.58
C PRO B 140 -24.33 -24.65 -9.36
N ALA B 141 -23.72 -25.65 -8.73
CA ALA B 141 -22.99 -25.38 -7.48
C ALA B 141 -21.78 -24.49 -7.72
N ILE B 142 -21.07 -24.70 -8.83
CA ILE B 142 -19.90 -23.89 -9.12
C ILE B 142 -20.30 -22.43 -9.22
N PHE B 143 -21.36 -22.14 -9.98
CA PHE B 143 -21.81 -20.76 -10.13
C PHE B 143 -22.31 -20.19 -8.81
N GLY B 144 -23.00 -21.00 -8.00
CA GLY B 144 -23.49 -20.48 -6.74
C GLY B 144 -22.37 -20.11 -5.78
N LEU B 145 -21.42 -21.02 -5.61
CA LEU B 145 -20.30 -20.75 -4.71
C LEU B 145 -19.44 -19.60 -5.23
N HIS B 146 -19.28 -19.51 -6.55
CA HIS B 146 -18.50 -18.40 -7.10
C HIS B 146 -19.23 -17.08 -6.94
N HIS B 147 -20.55 -17.07 -7.04
CA HIS B 147 -21.30 -15.86 -6.77
C HIS B 147 -21.13 -15.45 -5.32
N ILE B 148 -21.14 -16.43 -4.41
CA ILE B 148 -20.88 -16.13 -3.01
C ILE B 148 -19.50 -15.53 -2.85
N GLY B 149 -18.51 -16.07 -3.57
CA GLY B 149 -17.16 -15.57 -3.49
C GLY B 149 -17.02 -14.13 -3.95
N MET B 150 -17.60 -13.83 -5.12
CA MET B 150 -17.54 -12.46 -5.63
C MET B 150 -18.29 -11.50 -4.74
N GLN B 151 -19.42 -11.95 -4.18
CA GLN B 151 -20.17 -11.10 -3.26
C GLN B 151 -19.36 -10.78 -2.02
N MET B 152 -18.68 -11.79 -1.48
CA MET B 152 -17.84 -11.56 -0.30
C MET B 152 -16.67 -10.66 -0.64
N ARG B 153 -16.08 -10.85 -1.83
CA ARG B 153 -14.91 -10.06 -2.20
C ARG B 153 -15.27 -8.59 -2.41
N ILE B 154 -16.47 -8.32 -2.90
CA ILE B 154 -16.88 -6.92 -3.07
C ILE B 154 -16.84 -6.21 -1.73
N ALA B 155 -17.43 -6.81 -0.71
CA ALA B 155 -17.40 -6.20 0.62
C ALA B 155 -15.99 -6.23 1.20
N MET B 156 -15.18 -7.21 0.80
CA MET B 156 -13.81 -7.23 1.26
C MET B 156 -13.06 -5.98 0.82
N PHE B 157 -13.28 -5.58 -0.42
CA PHE B 157 -12.72 -4.31 -0.86
C PHE B 157 -13.39 -3.15 -0.14
N SER B 158 -14.71 -3.23 0.05
CA SER B 158 -15.47 -2.09 0.53
C SER B 158 -15.12 -1.70 1.95
N LEU B 159 -14.96 -2.69 2.84
CA LEU B 159 -14.70 -2.39 4.23
C LEU B 159 -13.39 -1.64 4.38
N ILE B 160 -12.34 -2.14 3.72
CA ILE B 160 -11.06 -1.47 3.80
C ILE B 160 -11.11 -0.12 3.08
N TYR B 161 -11.91 0.00 2.03
CA TYR B 161 -11.98 1.27 1.32
C TYR B 161 -12.63 2.34 2.20
N LYS B 162 -13.66 1.96 2.94
CA LYS B 162 -14.23 2.88 3.92
C LYS B 162 -13.22 3.20 5.02
N LYS B 163 -12.47 2.19 5.46
CA LYS B 163 -11.45 2.43 6.48
C LYS B 163 -10.35 3.33 5.96
N THR B 164 -10.21 3.45 4.65
CA THR B 164 -9.15 4.27 4.09
C THR B 164 -9.32 5.73 4.49
N LEU B 165 -10.56 6.19 4.61
CA LEU B 165 -10.81 7.53 5.09
C LEU B 165 -10.83 7.60 6.61
N LYS B 166 -10.48 6.51 7.29
CA LYS B 166 -10.50 6.45 8.74
C LYS B 166 -9.12 6.38 9.37
N LEU B 167 -8.07 6.06 8.61
CA LEU B 167 -6.76 5.80 9.20
C LEU B 167 -6.18 7.06 9.84
N SER B 168 -5.28 6.85 10.79
CA SER B 168 -4.54 7.94 11.41
C SER B 168 -3.35 8.31 10.54
N SER B 169 -3.17 9.62 10.31
CA SER B 169 -2.08 10.07 9.45
C SER B 169 -0.73 9.77 10.05
N ARG B 170 -0.61 9.79 11.38
CA ARG B 170 0.66 9.52 12.01
C ARG B 170 1.20 8.15 11.61
N VAL B 171 0.30 7.19 11.40
CA VAL B 171 0.70 5.90 10.84
C VAL B 171 0.57 5.87 9.34
N LEU B 172 -0.11 6.84 8.73
CA LEU B 172 -0.23 6.84 7.28
C LEU B 172 1.11 7.08 6.61
N ASP B 173 1.96 7.91 7.22
CA ASP B 173 3.30 8.09 6.69
C ASP B 173 4.18 6.87 6.93
N LYS B 174 3.81 6.02 7.89
CA LYS B 174 4.57 4.82 8.19
C LYS B 174 4.04 3.58 7.52
N ILE B 175 2.72 3.52 7.26
CA ILE B 175 2.15 2.36 6.58
C ILE B 175 2.66 2.32 5.16
N SER B 176 3.19 1.18 4.74
CA SER B 176 3.77 1.05 3.41
C SER B 176 2.71 1.27 2.35
N ILE B 177 2.97 2.23 1.45
CA ILE B 177 2.03 2.51 0.37
C ILE B 177 1.85 1.30 -0.52
N GLY B 178 2.93 0.55 -0.79
CA GLY B 178 2.81 -0.63 -1.60
C GLY B 178 2.24 -1.83 -0.89
N GLN B 179 2.24 -1.83 0.44
CA GLN B 179 1.71 -2.98 1.16
C GLN B 179 0.21 -3.12 0.94
N LEU B 180 -0.53 -2.01 1.02
CA LEU B 180 -1.96 -2.07 0.77
C LEU B 180 -2.24 -2.43 -0.68
N VAL B 181 -1.44 -1.90 -1.61
CA VAL B 181 -1.64 -2.20 -3.02
C VAL B 181 -1.44 -3.70 -3.28
N SER B 182 -0.38 -4.27 -2.71
CA SER B 182 -0.13 -5.69 -2.86
C SER B 182 -1.23 -6.51 -2.20
N LEU B 183 -1.73 -6.06 -1.05
CA LEU B 183 -2.82 -6.76 -0.39
C LEU B 183 -4.07 -6.79 -1.27
N LEU B 184 -4.39 -5.65 -1.90
CA LEU B 184 -5.54 -5.60 -2.78
C LEU B 184 -5.33 -6.46 -4.01
N SER B 185 -4.13 -6.43 -4.60
CA SER B 185 -3.89 -7.14 -5.85
C SER B 185 -3.79 -8.63 -5.64
N ASN B 186 -3.36 -9.08 -4.46
CA ASN B 186 -3.17 -10.51 -4.23
C ASN B 186 -4.49 -11.25 -4.34
N ASN B 187 -5.54 -10.72 -3.71
CA ASN B 187 -6.84 -11.36 -3.75
C ASN B 187 -7.71 -10.84 -4.89
N LEU B 188 -7.12 -10.11 -5.84
CA LEU B 188 -7.91 -9.57 -6.95
C LEU B 188 -8.55 -10.68 -7.77
N ASN B 189 -7.88 -11.82 -7.88
CA ASN B 189 -8.47 -12.97 -8.56
C ASN B 189 -8.36 -14.27 -7.79
N LYS B 190 -7.41 -14.41 -6.86
CA LYS B 190 -7.21 -15.70 -6.20
C LYS B 190 -8.36 -16.05 -5.28
N PHE B 191 -8.75 -15.13 -4.39
CA PHE B 191 -9.72 -15.46 -3.35
C PHE B 191 -11.08 -15.81 -3.93
N ASP B 192 -11.45 -15.17 -5.04
CA ASP B 192 -12.76 -15.44 -5.64
C ASP B 192 -12.84 -16.87 -6.15
N GLU B 193 -11.85 -17.28 -6.93
CA GLU B 193 -11.88 -18.64 -7.47
C GLU B 193 -11.56 -19.68 -6.43
N GLY B 194 -11.06 -19.28 -5.26
CA GLY B 194 -10.62 -20.22 -4.26
C GLY B 194 -11.75 -20.87 -3.46
N LEU B 195 -12.98 -20.76 -3.95
CA LEU B 195 -14.11 -21.31 -3.25
C LEU B 195 -14.52 -22.68 -3.77
N ALA B 196 -14.11 -23.04 -4.98
CA ALA B 196 -14.54 -24.31 -5.55
C ALA B 196 -14.04 -25.48 -4.72
N LEU B 197 -12.92 -25.33 -4.03
CA LEU B 197 -12.37 -26.40 -3.23
C LEU B 197 -12.83 -26.32 -1.79
N ALA B 198 -13.77 -25.44 -1.48
CA ALA B 198 -14.13 -25.20 -0.08
C ALA B 198 -14.72 -26.43 0.56
N HIS B 199 -15.85 -26.91 0.05
CA HIS B 199 -16.50 -28.05 0.68
C HIS B 199 -15.75 -29.34 0.45
N PHE B 200 -14.71 -29.32 -0.37
CA PHE B 200 -13.97 -30.54 -0.67
C PHE B 200 -13.40 -31.18 0.57
N VAL B 201 -13.19 -30.41 1.63
CA VAL B 201 -12.80 -31.03 2.90
C VAL B 201 -13.96 -31.86 3.43
N TRP B 202 -15.17 -31.32 3.38
CA TRP B 202 -16.32 -32.03 3.92
C TRP B 202 -16.70 -33.23 3.08
N ILE B 203 -16.19 -33.33 1.85
CA ILE B 203 -16.58 -34.39 0.93
C ILE B 203 -15.50 -35.45 0.79
N ALA B 204 -14.25 -35.04 0.63
CA ALA B 204 -13.17 -35.95 0.27
C ALA B 204 -12.96 -37.00 1.34
N PRO B 205 -12.98 -36.63 2.62
CA PRO B 205 -12.93 -37.66 3.65
C PRO B 205 -14.10 -38.61 3.55
N LEU B 206 -15.29 -38.09 3.24
CA LEU B 206 -16.43 -38.97 3.03
C LEU B 206 -16.26 -39.79 1.76
N GLN B 207 -15.62 -39.21 0.75
CA GLN B 207 -15.36 -39.98 -0.46
C GLN B 207 -14.45 -41.17 -0.15
N VAL B 208 -13.43 -40.95 0.67
CA VAL B 208 -12.57 -42.03 1.08
C VAL B 208 -13.34 -43.04 1.91
N ALA B 209 -14.22 -42.56 2.79
CA ALA B 209 -14.99 -43.48 3.63
C ALA B 209 -15.86 -44.39 2.77
N LEU B 210 -16.44 -43.86 1.71
CA LEU B 210 -17.24 -44.68 0.82
C LEU B 210 -16.36 -45.62 0.00
N LEU B 211 -15.25 -45.11 -0.52
CA LEU B 211 -14.40 -45.91 -1.39
C LEU B 211 -13.79 -47.09 -0.63
N MET B 212 -13.37 -46.86 0.62
CA MET B 212 -12.80 -47.93 1.40
C MET B 212 -13.83 -49.02 1.66
N GLY B 213 -15.07 -48.63 1.91
CA GLY B 213 -16.12 -49.62 2.05
C GLY B 213 -16.37 -50.37 0.78
N LEU B 214 -16.31 -49.69 -0.37
CA LEU B 214 -16.47 -50.38 -1.65
C LEU B 214 -15.37 -51.41 -1.84
N ILE B 215 -14.13 -51.03 -1.52
CA ILE B 215 -13.01 -51.94 -1.70
C ILE B 215 -13.14 -53.14 -0.77
N TRP B 216 -13.45 -52.89 0.50
CA TRP B 216 -13.62 -54.00 1.44
C TRP B 216 -14.80 -54.87 1.07
N GLU B 217 -15.81 -54.29 0.41
CA GLU B 217 -16.88 -55.12 -0.13
C GLU B 217 -16.36 -56.03 -1.21
N LEU B 218 -15.52 -55.50 -2.11
CA LEU B 218 -14.96 -56.35 -3.14
C LEU B 218 -13.89 -57.27 -2.58
N LEU B 219 -12.99 -56.76 -1.75
CA LEU B 219 -11.86 -57.55 -1.25
C LEU B 219 -12.08 -58.05 0.17
N GLN B 220 -12.33 -57.14 1.12
CA GLN B 220 -12.39 -57.40 2.56
C GLN B 220 -11.06 -57.87 3.12
N ALA B 221 -10.04 -58.04 2.28
CA ALA B 221 -8.72 -58.46 2.76
C ALA B 221 -7.57 -57.65 2.19
N SER B 222 -7.77 -56.87 1.13
CA SER B 222 -6.72 -56.04 0.56
C SER B 222 -7.30 -54.63 0.42
N ALA B 223 -7.19 -53.84 1.48
CA ALA B 223 -7.76 -52.50 1.52
C ALA B 223 -6.71 -51.40 1.62
N PHE B 224 -5.88 -51.43 2.66
CA PHE B 224 -4.90 -50.37 2.87
C PHE B 224 -3.65 -50.54 2.03
N CYS B 225 -3.53 -51.66 1.31
CA CYS B 225 -2.30 -51.95 0.58
C CYS B 225 -2.01 -50.86 -0.46
N GLY B 226 -3.01 -50.49 -1.25
CA GLY B 226 -2.83 -49.39 -2.17
C GLY B 226 -2.98 -48.03 -1.54
N LEU B 227 -3.69 -47.95 -0.41
CA LEU B 227 -3.81 -46.69 0.28
C LEU B 227 -2.45 -46.21 0.78
N GLY B 228 -1.62 -47.12 1.26
CA GLY B 228 -0.28 -46.74 1.68
C GLY B 228 0.57 -46.24 0.52
N PHE B 229 0.48 -46.90 -0.63
CA PHE B 229 1.21 -46.43 -1.80
C PHE B 229 0.73 -45.05 -2.22
N LEU B 230 -0.58 -44.82 -2.15
CA LEU B 230 -1.11 -43.51 -2.49
C LEU B 230 -0.60 -42.45 -1.52
N ILE B 231 -0.55 -42.78 -0.23
CA ILE B 231 -0.07 -41.83 0.77
C ILE B 231 1.40 -41.53 0.54
N VAL B 232 2.18 -42.55 0.21
CA VAL B 232 3.61 -42.35 -0.05
C VAL B 232 3.80 -41.47 -1.27
N LEU B 233 2.98 -41.67 -2.30
CA LEU B 233 3.06 -40.83 -3.48
C LEU B 233 2.72 -39.39 -3.15
N ALA B 234 1.70 -39.18 -2.33
CA ALA B 234 1.37 -37.83 -1.90
C ALA B 234 2.51 -37.21 -1.12
N LEU B 235 3.17 -38.00 -0.27
CA LEU B 235 4.30 -37.49 0.50
C LEU B 235 5.44 -37.08 -0.40
N PHE B 236 5.77 -37.91 -1.39
CA PHE B 236 6.85 -37.57 -2.31
C PHE B 236 6.50 -36.33 -3.11
N GLN B 237 5.25 -36.24 -3.56
CA GLN B 237 4.83 -35.07 -4.32
C GLN B 237 4.94 -33.80 -3.49
N ALA B 238 4.52 -33.87 -2.23
CA ALA B 238 4.63 -32.70 -1.36
C ALA B 238 6.09 -32.35 -1.09
N GLY B 239 6.94 -33.36 -0.95
CA GLY B 239 8.35 -33.10 -0.73
C GLY B 239 9.02 -32.43 -1.91
N LEU B 240 8.60 -32.78 -3.13
CA LEU B 240 9.19 -32.16 -4.31
C LEU B 240 8.90 -30.66 -4.35
N GLY B 241 7.79 -30.23 -3.73
CA GLY B 241 7.44 -28.83 -3.76
C GLY B 241 8.41 -27.93 -3.03
N ARG B 242 9.00 -28.41 -1.92
CA ARG B 242 9.98 -27.59 -1.21
C ARG B 242 11.21 -27.34 -2.07
N MET B 243 11.69 -28.38 -2.76
CA MET B 243 12.83 -28.19 -3.66
C MET B 243 12.46 -27.27 -4.82
N MET B 244 11.24 -27.41 -5.34
CA MET B 244 10.81 -26.51 -6.41
C MET B 244 10.79 -25.06 -5.95
N MET B 245 10.27 -24.83 -4.75
CA MET B 245 10.23 -23.47 -4.21
C MET B 245 11.63 -22.93 -3.97
N LYS B 246 12.54 -23.79 -3.50
CA LYS B 246 13.92 -23.35 -3.31
C LYS B 246 14.55 -22.95 -4.64
N TYR B 247 14.32 -23.74 -5.68
CA TYR B 247 14.86 -23.42 -6.99
C TYR B 247 14.28 -22.11 -7.52
N ARG B 248 12.97 -21.89 -7.35
CA ARG B 248 12.36 -20.65 -7.81
C ARG B 248 12.92 -19.45 -7.06
N ASP B 249 13.09 -19.60 -5.73
CA ASP B 249 13.63 -18.50 -4.93
C ASP B 249 15.06 -18.18 -5.33
N GLN B 250 15.86 -19.21 -5.63
CA GLN B 250 17.21 -18.97 -6.10
C GLN B 250 17.21 -18.25 -7.45
N ARG B 251 16.29 -18.64 -8.34
CA ARG B 251 16.26 -18.02 -9.67
C ARG B 251 15.80 -16.57 -9.61
N ALA B 252 14.94 -16.24 -8.64
CA ALA B 252 14.30 -14.93 -8.63
C ALA B 252 15.32 -13.80 -8.49
N GLY B 253 16.34 -13.98 -7.64
CA GLY B 253 17.28 -12.90 -7.42
C GLY B 253 18.12 -12.59 -8.65
N LYS B 254 18.63 -13.61 -9.31
CA LYS B 254 19.39 -13.39 -10.53
C LYS B 254 18.50 -12.82 -11.63
N ILE B 255 17.23 -13.24 -11.67
CA ILE B 255 16.30 -12.66 -12.64
C ILE B 255 16.09 -11.18 -12.37
N SER B 256 15.99 -10.81 -11.09
CA SER B 256 15.83 -9.40 -10.74
C SER B 256 17.07 -8.60 -11.12
N GLU B 257 18.26 -9.18 -10.92
CA GLU B 257 19.48 -8.50 -11.32
C GLU B 257 19.52 -8.29 -12.83
N ARG B 258 19.14 -9.31 -13.58
CA ARG B 258 19.10 -9.18 -15.04
C ARG B 258 18.09 -8.13 -15.45
N LEU B 259 16.94 -8.09 -14.78
CA LEU B 259 15.94 -7.08 -15.08
C LEU B 259 16.45 -5.68 -14.78
N VAL B 260 17.23 -5.53 -13.71
CA VAL B 260 17.80 -4.23 -13.39
C VAL B 260 18.76 -3.78 -14.48
N ILE B 261 19.60 -4.71 -14.94
CA ILE B 261 20.55 -4.36 -16.00
C ILE B 261 19.80 -4.00 -17.28
N THR B 262 18.75 -4.75 -17.60
CA THR B 262 17.97 -4.45 -18.79
C THR B 262 17.28 -3.11 -18.68
N SER B 263 16.76 -2.78 -17.49
CA SER B 263 16.13 -1.48 -17.31
C SER B 263 17.15 -0.36 -17.47
N GLU B 264 18.37 -0.57 -16.96
CA GLU B 264 19.42 0.41 -17.13
C GLU B 264 19.73 0.61 -18.61
N MET B 265 19.77 -0.49 -19.36
CA MET B 265 19.97 -0.36 -20.80
C MET B 265 18.83 0.38 -21.48
N ILE B 266 17.60 0.14 -21.02
CA ILE B 266 16.45 0.78 -21.63
C ILE B 266 16.50 2.28 -21.39
N GLU B 267 16.89 2.68 -20.18
CA GLU B 267 16.93 4.11 -19.88
C GLU B 267 17.96 4.83 -20.75
N ASN B 268 19.11 4.21 -20.98
CA ASN B 268 20.19 4.82 -21.73
C ASN B 268 20.28 4.28 -23.15
N ILE B 269 19.14 4.01 -23.78
CA ILE B 269 19.14 3.39 -25.10
C ILE B 269 19.81 4.30 -26.12
N GLN B 270 19.51 5.60 -26.08
CA GLN B 270 20.10 6.52 -27.04
C GLN B 270 21.62 6.60 -26.86
N SER B 271 22.07 6.70 -25.61
CA SER B 271 23.51 6.76 -25.36
C SER B 271 24.18 5.45 -25.74
N VAL B 272 23.49 4.33 -25.59
CA VAL B 272 24.07 3.05 -25.99
C VAL B 272 24.21 2.99 -27.51
N LYS B 273 23.20 3.46 -28.23
CA LYS B 273 23.29 3.50 -29.69
C LYS B 273 24.41 4.42 -30.12
N ALA B 274 24.62 5.52 -29.40
CA ALA B 274 25.72 6.41 -29.72
C ALA B 274 27.06 5.73 -29.46
N TYR B 275 27.21 5.08 -28.32
CA TYR B 275 28.48 4.46 -27.96
C TYR B 275 28.73 3.19 -28.77
N CYS B 276 27.70 2.65 -29.43
CA CYS B 276 27.81 1.41 -30.20
C CYS B 276 28.27 0.25 -29.32
N TRP B 277 27.54 0.03 -28.23
CA TRP B 277 27.83 -1.03 -27.27
C TRP B 277 26.78 -2.13 -27.27
N GLU B 278 26.03 -2.28 -28.37
CA GLU B 278 24.97 -3.28 -28.42
C GLU B 278 25.51 -4.69 -28.24
N GLU B 279 26.64 -5.00 -28.89
CA GLU B 279 27.19 -6.35 -28.82
C GLU B 279 27.62 -6.68 -27.39
N ALA B 280 28.27 -5.74 -26.70
CA ALA B 280 28.70 -6.01 -25.34
C ALA B 280 27.50 -6.18 -24.41
N MET B 281 26.47 -5.34 -24.60
CA MET B 281 25.28 -5.46 -23.77
C MET B 281 24.60 -6.81 -23.98
N GLU B 282 24.50 -7.23 -25.24
CA GLU B 282 23.89 -8.53 -25.53
C GLU B 282 24.70 -9.67 -24.95
N LYS B 283 26.03 -9.60 -25.07
CA LYS B 283 26.88 -10.65 -24.52
C LYS B 283 26.74 -10.74 -23.01
N MET B 284 26.73 -9.59 -22.34
CA MET B 284 26.56 -9.58 -20.89
C MET B 284 25.20 -10.14 -20.49
N ILE B 285 24.14 -9.75 -21.22
CA ILE B 285 22.81 -10.20 -20.89
C ILE B 285 22.72 -11.71 -21.04
N GLU B 286 23.22 -12.24 -22.15
CA GLU B 286 23.18 -13.68 -22.37
C GLU B 286 24.01 -14.43 -21.33
N ASN B 287 25.19 -13.91 -21.02
CA ASN B 287 26.05 -14.57 -20.05
C ASN B 287 25.39 -14.62 -18.69
N LEU B 288 24.76 -13.52 -18.27
CA LEU B 288 24.03 -13.53 -17.01
C LEU B 288 22.86 -14.51 -17.07
N ARG B 289 22.13 -14.53 -18.18
CA ARG B 289 20.95 -15.36 -18.29
C ARG B 289 21.29 -16.85 -18.36
N GLN B 290 22.54 -17.19 -18.64
CA GLN B 290 22.91 -18.61 -18.72
C GLN B 290 22.66 -19.33 -17.40
N THR B 291 23.10 -18.74 -16.27
CA THR B 291 22.92 -19.40 -14.99
C THR B 291 21.45 -19.49 -14.61
N GLU B 292 20.69 -18.44 -14.90
CA GLU B 292 19.26 -18.47 -14.64
C GLU B 292 18.59 -19.54 -15.48
N LEU B 293 19.05 -19.73 -16.72
CA LEU B 293 18.50 -20.77 -17.57
C LEU B 293 18.81 -22.15 -17.01
N LYS B 294 20.01 -22.35 -16.46
CA LYS B 294 20.32 -23.63 -15.84
C LYS B 294 19.40 -23.89 -14.66
N LEU B 295 19.21 -22.88 -13.81
CA LEU B 295 18.32 -23.06 -12.67
C LEU B 295 16.90 -23.35 -13.12
N THR B 296 16.45 -22.66 -14.16
CA THR B 296 15.09 -22.87 -14.67
C THR B 296 14.94 -24.26 -15.26
N ARG B 297 15.99 -24.76 -15.92
CA ARG B 297 15.93 -26.11 -16.46
C ARG B 297 15.81 -27.14 -15.34
N LYS B 298 16.57 -26.94 -14.25
CA LYS B 298 16.46 -27.84 -13.12
C LYS B 298 15.06 -27.81 -12.53
N ALA B 299 14.51 -26.60 -12.35
CA ALA B 299 13.17 -26.46 -11.79
C ALA B 299 12.13 -27.11 -12.68
N ALA B 300 12.27 -26.93 -13.99
CA ALA B 300 11.33 -27.53 -14.93
C ALA B 300 11.43 -29.05 -14.91
N TYR B 301 12.64 -29.59 -14.76
CA TYR B 301 12.78 -31.03 -14.64
C TYR B 301 12.06 -31.55 -13.40
N VAL B 302 12.21 -30.84 -12.28
CA VAL B 302 11.53 -31.24 -11.06
C VAL B 302 10.02 -31.19 -11.24
N ARG B 303 9.52 -30.10 -11.83
CA ARG B 303 8.10 -29.94 -12.02
C ARG B 303 7.55 -31.02 -12.95
N TYR B 304 8.32 -31.36 -13.99
CA TYR B 304 7.90 -32.41 -14.92
C TYR B 304 7.84 -33.77 -14.23
N PHE B 305 8.83 -34.07 -13.39
CA PHE B 305 8.78 -35.32 -12.65
C PHE B 305 7.56 -35.36 -11.75
N ASN B 306 7.28 -34.25 -11.06
CA ASN B 306 6.13 -34.20 -10.16
C ASN B 306 4.82 -34.38 -10.93
N SER B 307 4.68 -33.70 -12.08
CA SER B 307 3.46 -33.83 -12.85
C SER B 307 3.31 -35.23 -13.42
N SER B 308 4.42 -35.84 -13.87
CA SER B 308 4.35 -37.16 -14.46
C SER B 308 4.07 -38.23 -13.42
N ALA B 309 4.40 -37.96 -12.15
CA ALA B 309 4.13 -38.95 -11.12
C ALA B 309 2.63 -39.25 -11.03
N PHE B 310 1.80 -38.22 -11.15
CA PHE B 310 0.37 -38.42 -11.05
C PHE B 310 -0.15 -39.32 -12.17
N PHE B 311 0.34 -39.10 -13.39
CA PHE B 311 -0.09 -39.97 -14.48
C PHE B 311 0.47 -41.38 -14.32
N PHE B 312 1.70 -41.50 -13.82
CA PHE B 312 2.33 -42.80 -13.75
C PHE B 312 1.78 -43.66 -12.63
N SER B 313 1.22 -43.04 -11.58
CA SER B 313 0.82 -43.80 -10.40
C SER B 313 -0.23 -44.86 -10.71
N GLY B 314 -1.06 -44.61 -11.73
CA GLY B 314 -2.24 -45.43 -11.93
C GLY B 314 -1.94 -46.91 -12.11
N PHE B 315 -0.83 -47.24 -12.75
CA PHE B 315 -0.49 -48.64 -12.97
C PHE B 315 -0.30 -49.35 -11.63
N PHE B 316 0.63 -48.85 -10.82
CA PHE B 316 0.90 -49.48 -9.53
C PHE B 316 -0.31 -49.42 -8.62
N VAL B 317 -1.12 -48.36 -8.74
CA VAL B 317 -2.25 -48.18 -7.82
C VAL B 317 -3.17 -49.39 -7.87
N VAL B 318 -3.42 -49.91 -9.06
CA VAL B 318 -4.23 -51.11 -9.18
C VAL B 318 -3.38 -52.37 -9.04
N PHE B 319 -2.13 -52.34 -9.53
CA PHE B 319 -1.33 -53.54 -9.57
C PHE B 319 -1.05 -54.07 -8.17
N LEU B 320 -0.59 -53.19 -7.27
CA LEU B 320 -0.27 -53.63 -5.92
C LEU B 320 -1.53 -54.06 -5.18
N SER B 321 -2.62 -53.32 -5.36
CA SER B 321 -3.86 -53.67 -4.69
C SER B 321 -4.37 -55.03 -5.14
N VAL B 322 -4.18 -55.37 -6.41
CA VAL B 322 -4.70 -56.64 -6.90
C VAL B 322 -3.75 -57.78 -6.56
N LEU B 323 -2.45 -57.54 -6.58
CA LEU B 323 -1.48 -58.63 -6.44
C LEU B 323 -1.69 -59.45 -5.17
N PRO B 324 -1.95 -58.85 -4.00
CA PRO B 324 -2.15 -59.70 -2.81
C PRO B 324 -3.38 -60.59 -2.91
N TYR B 325 -4.52 -60.02 -3.28
CA TYR B 325 -5.74 -60.83 -3.37
C TYR B 325 -5.62 -61.87 -4.47
N ALA B 326 -5.04 -61.50 -5.62
CA ALA B 326 -4.94 -62.42 -6.73
C ALA B 326 -4.06 -63.62 -6.39
N LEU B 327 -2.94 -63.38 -5.70
CA LEU B 327 -2.08 -64.48 -5.31
C LEU B 327 -2.75 -65.38 -4.29
N ILE B 328 -3.51 -64.77 -3.36
CA ILE B 328 -4.17 -65.55 -2.32
C ILE B 328 -5.25 -66.45 -2.91
N LYS B 329 -6.07 -65.91 -3.81
CA LYS B 329 -7.17 -66.68 -4.38
C LYS B 329 -7.60 -66.03 -5.69
N GLY B 330 -8.28 -66.83 -6.51
CA GLY B 330 -8.77 -66.33 -7.78
C GLY B 330 -9.86 -65.29 -7.61
N ILE B 331 -9.94 -64.39 -8.59
CA ILE B 331 -10.93 -63.32 -8.60
C ILE B 331 -11.52 -63.18 -9.99
N ILE B 332 -12.82 -62.90 -10.06
CA ILE B 332 -13.48 -62.67 -11.35
C ILE B 332 -13.06 -61.32 -11.91
N LEU B 333 -12.84 -61.27 -13.22
CA LEU B 333 -12.37 -60.04 -13.86
C LEU B 333 -13.36 -58.90 -13.74
N ARG B 334 -14.63 -59.20 -13.45
CA ARG B 334 -15.61 -58.15 -13.21
C ARG B 334 -15.18 -57.29 -12.03
N LYS B 335 -14.87 -57.92 -10.90
CA LYS B 335 -14.37 -57.17 -9.76
C LYS B 335 -13.07 -56.46 -10.08
N ILE B 336 -12.29 -56.99 -11.03
CA ILE B 336 -11.04 -56.33 -11.40
C ILE B 336 -11.35 -54.99 -12.08
N PHE B 337 -12.25 -54.99 -13.05
CA PHE B 337 -12.59 -53.73 -13.70
C PHE B 337 -13.21 -52.77 -12.70
N THR B 338 -14.07 -53.28 -11.82
CA THR B 338 -14.73 -52.41 -10.85
C THR B 338 -13.71 -51.80 -9.89
N THR B 339 -12.75 -52.61 -9.45
CA THR B 339 -11.71 -52.11 -8.56
C THR B 339 -10.85 -51.10 -9.28
N ILE B 340 -10.62 -51.30 -10.58
CA ILE B 340 -9.83 -50.34 -11.34
C ILE B 340 -10.53 -48.98 -11.34
N SER B 341 -11.84 -48.99 -11.57
CA SER B 341 -12.57 -47.72 -11.57
C SER B 341 -12.56 -47.10 -10.18
N PHE B 342 -12.79 -47.92 -9.15
CA PHE B 342 -12.85 -47.39 -7.79
C PHE B 342 -11.52 -46.77 -7.40
N CYS B 343 -10.42 -47.45 -7.75
CA CYS B 343 -9.09 -46.92 -7.45
C CYS B 343 -8.79 -45.68 -8.26
N ILE B 344 -9.30 -45.60 -9.50
CA ILE B 344 -9.11 -44.38 -10.28
C ILE B 344 -9.72 -43.20 -9.55
N VAL B 345 -10.95 -43.38 -9.05
CA VAL B 345 -11.61 -42.32 -8.31
C VAL B 345 -10.84 -42.01 -7.03
N LEU B 346 -10.42 -43.04 -6.30
CA LEU B 346 -9.75 -42.84 -5.02
C LEU B 346 -8.45 -42.06 -5.20
N ARG B 347 -7.68 -42.42 -6.23
CA ARG B 347 -6.43 -41.72 -6.49
C ARG B 347 -6.69 -40.29 -6.94
N MET B 348 -7.64 -40.10 -7.87
CA MET B 348 -7.91 -38.77 -8.37
C MET B 348 -8.33 -37.83 -7.25
N ALA B 349 -9.02 -38.37 -6.24
CA ALA B 349 -9.36 -37.52 -5.11
C ALA B 349 -8.18 -37.34 -4.16
N VAL B 350 -7.47 -38.43 -3.85
CA VAL B 350 -6.44 -38.37 -2.83
C VAL B 350 -5.30 -37.48 -3.27
N THR B 351 -4.88 -37.61 -4.53
CA THR B 351 -3.69 -36.89 -5.00
C THR B 351 -3.99 -35.46 -5.41
N ARG B 352 -5.23 -35.14 -5.75
CA ARG B 352 -5.58 -33.81 -6.24
C ARG B 352 -6.45 -33.03 -5.27
N GLN B 353 -7.56 -33.62 -4.82
CA GLN B 353 -8.54 -32.85 -4.07
C GLN B 353 -8.00 -32.39 -2.73
N PHE B 354 -7.41 -33.30 -1.97
CA PHE B 354 -7.01 -32.97 -0.60
C PHE B 354 -6.00 -31.85 -0.53
N PRO B 355 -4.88 -31.91 -1.25
CA PRO B 355 -3.88 -30.83 -1.11
C PRO B 355 -4.38 -29.50 -1.62
N TRP B 356 -5.15 -29.49 -2.70
CA TRP B 356 -5.66 -28.23 -3.21
C TRP B 356 -6.60 -27.58 -2.20
N ALA B 357 -7.48 -28.38 -1.60
CA ALA B 357 -8.38 -27.85 -0.58
C ALA B 357 -7.62 -27.35 0.63
N VAL B 358 -6.58 -28.08 1.04
CA VAL B 358 -5.78 -27.64 2.18
C VAL B 358 -5.13 -26.30 1.88
N GLN B 359 -4.57 -26.16 0.68
CA GLN B 359 -3.93 -24.90 0.31
C GLN B 359 -4.95 -23.77 0.28
N THR B 360 -6.14 -24.03 -0.28
CA THR B 360 -7.15 -23.00 -0.35
C THR B 360 -7.55 -22.53 1.06
N TRP B 361 -7.79 -23.48 1.96
CA TRP B 361 -8.21 -23.13 3.30
C TRP B 361 -7.10 -22.37 4.04
N TYR B 362 -5.85 -22.81 3.88
CA TYR B 362 -4.75 -22.14 4.56
C TYR B 362 -4.58 -20.71 4.05
N ASP B 363 -4.65 -20.52 2.74
CA ASP B 363 -4.53 -19.19 2.18
C ASP B 363 -5.68 -18.30 2.65
N SER B 364 -6.89 -18.87 2.71
CA SER B 364 -8.02 -18.10 3.19
C SER B 364 -7.83 -17.69 4.64
N LEU B 365 -7.35 -18.61 5.48
CA LEU B 365 -7.15 -18.29 6.89
C LEU B 365 -6.10 -17.21 7.06
N GLY B 366 -4.99 -17.32 6.32
CA GLY B 366 -3.96 -16.31 6.42
C GLY B 366 -4.45 -14.95 5.95
N ALA B 367 -5.21 -14.93 4.86
CA ALA B 367 -5.76 -13.67 4.37
C ALA B 367 -6.74 -13.09 5.37
N ILE B 368 -7.52 -13.94 6.03
CA ILE B 368 -8.45 -13.47 7.04
C ILE B 368 -7.70 -12.82 8.18
N ASN B 369 -6.62 -13.46 8.62
CA ASN B 369 -5.82 -12.88 9.70
C ASN B 369 -5.24 -11.53 9.28
N LYS B 370 -4.71 -11.46 8.06
CA LYS B 370 -4.12 -10.21 7.58
C LYS B 370 -5.15 -9.09 7.52
N ILE B 371 -6.32 -9.39 6.96
CA ILE B 371 -7.36 -8.38 6.82
C ILE B 371 -7.85 -7.94 8.19
N GLN B 372 -8.05 -8.89 9.10
CA GLN B 372 -8.53 -8.54 10.43
C GLN B 372 -7.52 -7.65 11.15
N ASP B 373 -6.23 -7.94 10.99
CA ASP B 373 -5.22 -7.09 11.59
C ASP B 373 -5.25 -5.69 10.98
N PHE B 374 -5.40 -5.60 9.66
CA PHE B 374 -5.26 -4.32 8.99
C PHE B 374 -6.32 -3.33 9.44
N LEU B 375 -7.57 -3.78 9.54
CA LEU B 375 -8.66 -2.86 9.85
C LEU B 375 -8.58 -2.32 11.26
N GLN B 376 -7.85 -2.99 12.15
CA GLN B 376 -7.89 -2.66 13.56
C GLN B 376 -7.01 -1.48 13.93
N LYS B 377 -6.28 -0.89 12.97
CA LYS B 377 -5.31 0.14 13.30
C LYS B 377 -5.98 1.35 13.93
N GLN B 378 -5.19 2.11 14.70
CA GLN B 378 -5.68 3.32 15.35
C GLN B 378 -6.14 4.33 14.31
N GLU B 379 -7.31 4.92 14.55
CA GLU B 379 -7.96 5.81 13.59
C GLU B 379 -7.78 7.27 13.97
N TYR B 380 -7.92 8.14 12.96
CA TYR B 380 -7.88 9.58 13.19
C TYR B 380 -9.14 10.04 13.91
N LYS B 381 -8.96 10.85 14.95
CA LYS B 381 -10.07 11.35 15.76
C LYS B 381 -10.48 12.73 15.27
N THR B 382 -11.72 12.87 14.82
CA THR B 382 -12.20 14.14 14.30
C THR B 382 -12.39 15.16 15.43
N LEU B 383 -12.15 16.42 15.11
CA LEU B 383 -12.34 17.48 16.08
C LEU B 383 -13.82 17.76 16.31
N GLU B 384 -14.20 17.90 17.59
CA GLU B 384 -15.58 18.20 17.97
C GLU B 384 -15.78 19.71 17.94
N TYR B 385 -16.21 20.20 16.79
CA TYR B 385 -16.27 21.64 16.56
C TYR B 385 -17.54 21.96 15.78
N ASN B 386 -17.58 23.15 15.18
CA ASN B 386 -18.68 23.69 14.39
C ASN B 386 -19.88 24.09 15.23
N LEU B 387 -19.80 24.01 16.56
CA LEU B 387 -20.94 24.42 17.36
C LEU B 387 -21.20 25.92 17.24
N THR B 388 -20.32 26.72 17.84
CA THR B 388 -20.42 28.17 17.81
C THR B 388 -19.19 28.72 18.50
N THR B 389 -18.65 29.82 17.97
CA THR B 389 -17.43 30.36 18.54
C THR B 389 -17.22 31.78 18.00
N THR B 390 -16.55 32.59 18.83
CA THR B 390 -15.98 33.86 18.40
C THR B 390 -14.60 33.62 17.82
N GLU B 391 -13.81 34.68 17.71
CA GLU B 391 -12.42 34.60 17.24
C GLU B 391 -11.65 33.45 17.88
N VAL B 392 -11.03 32.63 17.03
CA VAL B 392 -10.25 31.49 17.51
C VAL B 392 -8.95 31.96 18.15
N VAL B 393 -8.46 31.16 19.10
CA VAL B 393 -7.22 31.47 19.81
C VAL B 393 -6.51 30.16 20.13
N MET B 394 -5.18 30.21 20.20
CA MET B 394 -4.36 29.07 20.54
C MET B 394 -3.50 29.39 21.75
N GLU B 395 -3.14 28.36 22.52
CA GLU B 395 -2.32 28.54 23.71
C GLU B 395 -1.40 27.34 23.91
N ASN B 396 -0.13 27.63 24.22
CA ASN B 396 0.83 26.63 24.67
C ASN B 396 0.99 25.49 23.66
N VAL B 397 1.14 25.84 22.39
CA VAL B 397 1.26 24.84 21.34
C VAL B 397 2.63 24.18 21.44
N THR B 398 2.65 22.87 21.70
CA THR B 398 3.89 22.11 21.73
C THR B 398 3.60 20.64 21.48
N ALA B 399 4.31 20.05 20.50
CA ALA B 399 4.11 18.66 20.12
C ALA B 399 5.17 18.21 19.10
N PHE B 400 5.37 16.91 18.98
CA PHE B 400 6.30 16.35 18.01
C PHE B 400 5.56 15.92 16.74
N TRP B 401 6.19 16.17 15.60
CA TRP B 401 5.61 15.79 14.31
C TRP B 401 5.60 14.28 14.11
N GLU B 402 6.27 13.52 14.97
CA GLU B 402 6.26 12.07 14.91
C GLU B 402 6.06 11.45 16.28
N GLY B 437 9.29 14.35 21.26
CA GLY B 437 10.70 14.72 21.33
C GLY B 437 10.99 16.08 20.73
N THR B 438 11.09 16.15 19.40
CA THR B 438 11.33 17.41 18.72
C THR B 438 10.06 18.25 18.73
N PRO B 439 10.02 19.29 19.55
CA PRO B 439 8.80 20.11 19.62
C PRO B 439 8.62 20.96 18.37
N VAL B 440 7.62 20.62 17.55
CA VAL B 440 7.38 21.40 16.34
C VAL B 440 6.94 22.82 16.68
N LEU B 441 6.41 23.04 17.87
CA LEU B 441 5.98 24.36 18.31
C LEU B 441 6.52 24.63 19.71
N LYS B 442 7.05 25.82 19.92
CA LYS B 442 7.69 26.20 21.18
C LYS B 442 6.72 27.00 22.05
N ASP B 443 5.71 26.29 22.57
CA ASP B 443 4.69 26.88 23.43
C ASP B 443 3.96 28.02 22.73
N ILE B 444 3.72 27.86 21.42
CA ILE B 444 3.17 28.93 20.61
C ILE B 444 1.73 29.22 21.03
N ASN B 445 1.29 30.44 20.73
CA ASN B 445 -0.08 30.86 20.97
C ASN B 445 -0.47 31.85 19.87
N PHE B 446 -1.70 31.73 19.38
CA PHE B 446 -2.15 32.55 18.26
C PHE B 446 -3.64 32.81 18.39
N LYS B 447 -4.00 34.00 18.89
CA LYS B 447 -5.39 34.42 18.98
C LYS B 447 -5.75 35.15 17.68
N ILE B 448 -6.50 34.47 16.83
CA ILE B 448 -6.85 35.00 15.52
C ILE B 448 -8.25 35.62 15.59
N GLU B 449 -8.35 36.90 15.25
CA GLU B 449 -9.63 37.59 15.29
C GLU B 449 -10.60 37.03 14.26
N ARG B 450 -11.88 37.07 14.58
CA ARG B 450 -12.92 36.57 13.69
C ARG B 450 -13.15 37.58 12.56
N GLY B 451 -12.40 37.43 11.47
CA GLY B 451 -12.45 38.37 10.37
C GLY B 451 -11.06 38.83 9.97
N GLN B 452 -10.07 38.46 10.79
CA GLN B 452 -8.71 38.95 10.62
C GLN B 452 -8.03 38.27 9.44
N LEU B 453 -6.82 38.74 9.12
CA LEU B 453 -5.98 38.19 8.08
C LEU B 453 -4.61 37.91 8.69
N LEU B 454 -4.44 36.70 9.24
CA LEU B 454 -3.20 36.31 9.88
C LEU B 454 -2.24 35.72 8.86
N ALA B 455 -0.95 35.77 9.19
CA ALA B 455 0.08 35.21 8.33
C ALA B 455 1.32 34.89 9.14
N VAL B 456 2.10 33.94 8.64
CA VAL B 456 3.31 33.48 9.30
C VAL B 456 4.40 33.27 8.26
N ALA B 457 5.65 33.42 8.69
CA ALA B 457 6.80 33.22 7.83
C ALA B 457 7.84 32.37 8.55
N GLY B 458 8.88 32.01 7.81
CA GLY B 458 9.97 31.19 8.31
C GLY B 458 10.43 30.22 7.25
N SER B 459 11.20 29.23 7.67
CA SER B 459 11.70 28.22 6.75
C SER B 459 10.55 27.35 6.24
N THR B 460 10.63 26.98 4.96
CA THR B 460 9.55 26.28 4.30
C THR B 460 9.32 24.91 4.94
N GLY B 461 8.08 24.63 5.32
CA GLY B 461 7.74 23.33 5.85
C GLY B 461 8.49 22.95 7.09
N ALA B 462 9.02 23.93 7.81
CA ALA B 462 9.89 23.67 8.95
C ALA B 462 9.08 23.54 10.22
N GLY B 463 7.82 23.12 10.08
CA GLY B 463 6.89 23.00 11.18
C GLY B 463 5.75 23.97 11.13
N LYS B 464 5.85 25.05 10.35
CA LYS B 464 4.71 25.93 10.16
C LYS B 464 3.59 25.20 9.43
N THR B 465 3.94 24.40 8.43
CA THR B 465 2.93 23.56 7.80
C THR B 465 2.37 22.56 8.80
N SER B 466 3.22 22.01 9.66
CA SER B 466 2.73 21.09 10.68
C SER B 466 1.83 21.81 11.67
N LEU B 467 2.15 23.06 12.02
CA LEU B 467 1.27 23.82 12.90
C LEU B 467 -0.07 24.05 12.25
N LEU B 468 -0.07 24.36 10.95
CA LEU B 468 -1.32 24.55 10.24
C LEU B 468 -2.13 23.27 10.21
N MET B 469 -1.46 22.14 9.99
CA MET B 469 -2.15 20.85 9.98
C MET B 469 -2.77 20.55 11.34
N VAL B 470 -2.02 20.82 12.41
CA VAL B 470 -2.53 20.57 13.76
C VAL B 470 -3.74 21.46 14.05
N ILE B 471 -3.67 22.72 13.64
CA ILE B 471 -4.81 23.61 13.82
C ILE B 471 -5.99 23.09 13.02
N MET B 472 -5.74 22.54 11.84
CA MET B 472 -6.79 21.94 11.02
C MET B 472 -7.25 20.60 11.57
N GLY B 473 -6.55 20.05 12.55
CA GLY B 473 -6.89 18.78 13.12
C GLY B 473 -6.15 17.59 12.54
N GLU B 474 -5.17 17.82 11.67
CA GLU B 474 -4.41 16.71 11.11
C GLU B 474 -3.39 16.16 12.11
N LEU B 475 -2.98 16.95 13.09
CA LEU B 475 -2.00 16.52 14.08
C LEU B 475 -2.53 16.85 15.47
N GLU B 476 -2.60 15.85 16.33
CA GLU B 476 -3.13 16.06 17.68
C GLU B 476 -2.09 16.80 18.51
N PRO B 477 -2.42 17.98 19.04
CA PRO B 477 -1.45 18.69 19.89
C PRO B 477 -1.25 17.98 21.21
N SER B 478 0.00 17.87 21.63
CA SER B 478 0.33 17.23 22.90
C SER B 478 0.29 18.18 24.08
N GLU B 479 0.50 19.48 23.85
CA GLU B 479 0.50 20.46 24.92
C GLU B 479 -0.42 21.62 24.56
N GLY B 480 -0.96 22.28 25.58
CA GLY B 480 -1.85 23.39 25.37
C GLY B 480 -3.24 22.94 24.95
N LYS B 481 -4.00 23.88 24.42
CA LYS B 481 -5.39 23.61 24.01
C LYS B 481 -5.73 24.52 22.84
N ILE B 482 -6.07 23.92 21.71
CA ILE B 482 -6.45 24.66 20.51
C ILE B 482 -7.97 24.72 20.43
N LYS B 483 -8.50 25.90 20.13
CA LYS B 483 -9.93 26.09 19.93
C LYS B 483 -10.15 26.80 18.61
N HIS B 484 -11.04 26.27 17.78
CA HIS B 484 -11.32 26.85 16.48
C HIS B 484 -12.74 26.48 16.08
N SER B 485 -13.28 27.24 15.12
CA SER B 485 -14.65 27.00 14.68
C SER B 485 -14.78 25.65 13.98
N GLY B 486 -13.71 25.16 13.38
CA GLY B 486 -13.70 23.86 12.73
C GLY B 486 -14.07 23.87 11.25
N ARG B 487 -14.99 24.74 10.85
CA ARG B 487 -15.34 24.86 9.43
C ARG B 487 -14.28 25.74 8.77
N ILE B 488 -13.27 25.12 8.17
CA ILE B 488 -12.17 25.86 7.58
C ILE B 488 -11.53 25.03 6.49
N SER B 489 -11.13 25.70 5.41
CA SER B 489 -10.46 25.06 4.30
C SER B 489 -8.95 25.29 4.36
N PHE B 490 -8.21 24.37 3.74
CA PHE B 490 -6.76 24.44 3.66
C PHE B 490 -6.34 24.25 2.22
N CYS B 491 -5.14 24.74 1.89
CA CYS B 491 -4.59 24.67 0.55
C CYS B 491 -3.15 24.17 0.67
N SER B 492 -2.97 22.86 0.54
CA SER B 492 -1.65 22.28 0.64
C SER B 492 -0.75 22.79 -0.48
N GLN B 493 0.55 22.90 -0.15
CA GLN B 493 1.51 23.35 -1.15
C GLN B 493 1.53 22.43 -2.36
N PHE B 494 1.39 21.13 -2.13
CA PHE B 494 1.34 20.15 -3.21
C PHE B 494 -0.10 20.03 -3.69
N SER B 495 -0.36 20.41 -4.94
CA SER B 495 -1.71 20.34 -5.48
C SER B 495 -2.12 18.91 -5.76
N TRP B 496 -3.37 18.59 -5.43
CA TRP B 496 -3.96 17.27 -5.68
C TRP B 496 -5.15 17.46 -6.60
N ILE B 497 -4.93 17.29 -7.91
CA ILE B 497 -5.97 17.51 -8.91
C ILE B 497 -6.45 16.15 -9.39
N MET B 498 -7.69 15.82 -9.07
CA MET B 498 -8.32 14.62 -9.60
C MET B 498 -8.85 14.87 -11.01
N PRO B 499 -9.07 13.81 -11.78
CA PRO B 499 -9.63 14.00 -13.13
C PRO B 499 -11.04 14.58 -13.06
N GLY B 500 -11.38 15.37 -14.07
CA GLY B 500 -12.69 15.98 -14.16
C GLY B 500 -12.60 17.35 -14.78
N THR B 501 -13.75 17.83 -15.29
CA THR B 501 -13.79 19.10 -15.97
C THR B 501 -13.63 20.26 -14.98
N ILE B 502 -13.63 21.48 -15.53
CA ILE B 502 -13.44 22.67 -14.71
C ILE B 502 -14.54 22.79 -13.67
N LYS B 503 -15.78 22.55 -14.07
CA LYS B 503 -16.88 22.59 -13.11
C LYS B 503 -16.69 21.53 -12.03
N GLU B 504 -16.21 20.34 -12.42
CA GLU B 504 -15.98 19.29 -11.44
C GLU B 504 -14.88 19.68 -10.46
N ASN B 505 -13.75 20.19 -10.98
CA ASN B 505 -12.67 20.57 -10.09
C ASN B 505 -13.07 21.73 -9.19
N ILE B 506 -13.93 22.62 -9.67
CA ILE B 506 -14.33 23.75 -8.85
C ILE B 506 -15.37 23.35 -7.81
N ILE B 507 -16.25 22.41 -8.12
CA ILE B 507 -17.36 22.10 -7.24
C ILE B 507 -16.94 21.11 -6.17
N PHE B 508 -16.49 19.93 -6.60
CA PHE B 508 -16.13 18.85 -5.68
C PHE B 508 -17.28 18.57 -4.71
N GLY B 509 -18.48 18.50 -5.27
CA GLY B 509 -19.67 18.33 -4.47
C GLY B 509 -20.39 19.63 -4.18
N VAL B 510 -20.67 20.42 -5.22
CA VAL B 510 -21.37 21.70 -5.08
C VAL B 510 -22.17 21.98 -6.35
N SER B 511 -23.07 22.95 -6.25
CA SER B 511 -23.88 23.38 -7.38
C SER B 511 -23.16 24.46 -8.19
N TYR B 512 -23.73 24.78 -9.35
CA TYR B 512 -23.14 25.77 -10.26
C TYR B 512 -23.58 27.17 -9.85
N ASP B 513 -22.69 27.91 -9.19
CA ASP B 513 -22.95 29.28 -8.78
C ASP B 513 -22.30 30.23 -9.78
N GLU B 514 -23.13 30.94 -10.55
CA GLU B 514 -22.62 31.76 -11.64
C GLU B 514 -21.73 32.88 -11.12
N TYR B 515 -22.23 33.67 -10.16
CA TYR B 515 -21.45 34.80 -9.67
C TYR B 515 -20.18 34.33 -8.97
N ARG B 516 -20.28 33.28 -8.15
CA ARG B 516 -19.10 32.80 -7.44
C ARG B 516 -18.06 32.25 -8.40
N TYR B 517 -18.48 31.46 -9.39
CA TYR B 517 -17.53 30.92 -10.35
C TYR B 517 -16.88 32.02 -11.17
N ARG B 518 -17.68 33.01 -11.59
CA ARG B 518 -17.13 34.12 -12.36
C ARG B 518 -16.11 34.90 -11.55
N SER B 519 -16.44 35.17 -10.27
CA SER B 519 -15.50 35.90 -9.41
C SER B 519 -14.22 35.10 -9.20
N VAL B 520 -14.35 33.79 -8.99
CA VAL B 520 -13.18 32.96 -8.79
C VAL B 520 -12.30 32.98 -10.03
N ILE B 521 -12.91 32.84 -11.21
CA ILE B 521 -12.14 32.84 -12.45
C ILE B 521 -11.44 34.18 -12.63
N LYS B 522 -12.19 35.27 -12.50
CA LYS B 522 -11.64 36.59 -12.78
C LYS B 522 -10.59 36.99 -11.77
N ALA B 523 -10.68 36.49 -10.55
CA ALA B 523 -9.80 36.95 -9.49
C ALA B 523 -8.53 36.12 -9.32
N CYS B 524 -8.58 34.83 -9.62
CA CYS B 524 -7.45 33.94 -9.44
C CYS B 524 -6.56 33.84 -10.67
N GLN B 525 -6.65 34.82 -11.58
CA GLN B 525 -6.00 34.72 -12.89
C GLN B 525 -6.47 33.47 -13.62
N LEU B 526 -7.68 33.02 -13.31
CA LEU B 526 -8.20 31.78 -13.85
C LEU B 526 -9.16 31.99 -15.01
N GLU B 527 -9.68 33.21 -15.20
CA GLU B 527 -10.56 33.44 -16.34
C GLU B 527 -9.80 33.35 -17.65
N GLU B 528 -8.60 33.92 -17.71
CA GLU B 528 -7.80 33.84 -18.93
C GLU B 528 -7.34 32.41 -19.20
N ASP B 529 -6.93 31.69 -18.16
CA ASP B 529 -6.52 30.30 -18.34
C ASP B 529 -7.70 29.44 -18.77
N ILE B 530 -8.89 29.74 -18.25
CA ILE B 530 -10.08 29.01 -18.68
C ILE B 530 -10.36 29.28 -20.15
N SER B 531 -10.33 30.55 -20.54
CA SER B 531 -10.49 30.89 -21.95
C SER B 531 -9.42 30.22 -22.80
N LYS B 532 -8.26 29.92 -22.21
CA LYS B 532 -7.21 29.23 -22.93
C LYS B 532 -7.54 27.77 -23.19
N PHE B 533 -8.46 27.20 -22.43
CA PHE B 533 -8.86 25.82 -22.68
C PHE B 533 -9.61 25.71 -23.99
N ALA B 534 -9.55 24.53 -24.60
CA ALA B 534 -10.21 24.31 -25.89
C ALA B 534 -11.71 24.54 -25.79
N GLU B 535 -12.40 23.73 -25.00
CA GLU B 535 -13.81 23.99 -24.74
C GLU B 535 -14.01 25.20 -23.84
N LYS B 536 -13.02 25.50 -23.00
CA LYS B 536 -12.94 26.72 -22.19
C LYS B 536 -13.93 26.74 -21.03
N ASP B 537 -14.84 25.77 -20.99
CA ASP B 537 -15.70 25.61 -19.82
C ASP B 537 -15.85 24.17 -19.34
N ASN B 538 -15.74 23.18 -20.22
CA ASN B 538 -16.05 21.79 -19.89
C ASN B 538 -14.93 20.86 -20.35
N ILE B 539 -13.68 21.30 -20.23
CA ILE B 539 -12.55 20.49 -20.64
C ILE B 539 -12.33 19.42 -19.58
N VAL B 540 -12.84 18.21 -19.84
CA VAL B 540 -12.77 17.13 -18.88
C VAL B 540 -11.32 16.68 -18.76
N LEU B 541 -10.69 16.99 -17.64
CA LEU B 541 -9.31 16.61 -17.42
C LEU B 541 -9.18 15.10 -17.24
N GLY B 542 -8.11 14.55 -17.77
CA GLY B 542 -7.79 13.15 -17.61
C GLY B 542 -6.92 12.90 -16.39
N GLU B 543 -6.09 11.86 -16.48
CA GLU B 543 -5.15 11.54 -15.42
C GLU B 543 -3.81 12.21 -15.66
N GLY B 544 -3.11 12.51 -14.56
CA GLY B 544 -1.78 13.08 -14.62
C GLY B 544 -1.71 14.58 -14.51
N GLY B 545 -2.78 15.30 -14.86
CA GLY B 545 -2.77 16.74 -14.75
C GLY B 545 -1.81 17.45 -15.67
N ILE B 546 -1.28 16.76 -16.70
CA ILE B 546 -0.32 17.37 -17.61
C ILE B 546 -0.94 18.44 -18.48
N THR B 547 -2.28 18.55 -18.50
CA THR B 547 -2.93 19.53 -19.36
C THR B 547 -2.69 20.96 -18.90
N LEU B 548 -2.19 21.17 -17.67
CA LEU B 548 -2.05 22.50 -17.12
C LEU B 548 -0.67 22.68 -16.49
N SER B 549 -0.23 23.93 -16.43
CA SER B 549 1.07 24.25 -15.85
C SER B 549 0.99 24.17 -14.32
N GLY B 550 2.16 24.21 -13.69
CA GLY B 550 2.21 24.18 -12.24
C GLY B 550 1.59 25.40 -11.60
N GLY B 551 1.81 26.58 -12.19
CA GLY B 551 1.09 27.76 -11.74
C GLY B 551 -0.39 27.64 -12.01
N GLN B 552 -0.76 26.95 -13.08
CA GLN B 552 -2.17 26.68 -13.31
C GLN B 552 -2.74 25.77 -12.23
N ARG B 553 -1.96 24.77 -11.80
CA ARG B 553 -2.42 23.93 -10.70
C ARG B 553 -2.56 24.71 -9.41
N ALA B 554 -1.65 25.67 -9.17
CA ALA B 554 -1.75 26.49 -7.97
C ALA B 554 -2.98 27.40 -8.04
N ARG B 555 -3.26 27.95 -9.21
CA ARG B 555 -4.46 28.76 -9.38
C ARG B 555 -5.70 27.91 -9.15
N ILE B 556 -5.67 26.66 -9.61
CA ILE B 556 -6.78 25.76 -9.37
C ILE B 556 -6.94 25.51 -7.88
N SER B 557 -5.83 25.34 -7.17
CA SER B 557 -5.90 25.13 -5.72
C SER B 557 -6.49 26.34 -5.02
N LEU B 558 -6.05 27.53 -5.40
CA LEU B 558 -6.55 28.74 -4.77
C LEU B 558 -8.04 28.90 -5.04
N ALA B 559 -8.47 28.62 -6.27
CA ALA B 559 -9.88 28.73 -6.59
C ALA B 559 -10.69 27.69 -5.84
N ARG B 560 -10.16 26.48 -5.70
CA ARG B 560 -10.88 25.43 -4.99
C ARG B 560 -11.04 25.81 -3.52
N ALA B 561 -10.01 26.42 -2.94
CA ALA B 561 -10.16 26.93 -1.59
C ALA B 561 -11.20 28.04 -1.54
N VAL B 562 -11.21 28.92 -2.55
CA VAL B 562 -12.12 30.04 -2.55
C VAL B 562 -13.56 29.60 -2.79
N TYR B 563 -13.77 28.39 -3.30
CA TYR B 563 -15.10 27.98 -3.73
C TYR B 563 -16.09 27.94 -2.57
N LYS B 564 -15.65 27.45 -1.40
CA LYS B 564 -16.52 27.30 -0.25
C LYS B 564 -16.20 28.35 0.79
N ASP B 565 -17.25 28.89 1.41
CA ASP B 565 -17.11 29.86 2.49
C ASP B 565 -17.04 29.12 3.82
N ALA B 566 -16.03 29.45 4.62
CA ALA B 566 -15.80 28.79 5.90
C ALA B 566 -15.18 29.79 6.86
N ASP B 567 -14.98 29.35 8.11
CA ASP B 567 -14.50 30.26 9.14
C ASP B 567 -13.08 30.76 8.85
N LEU B 568 -12.24 29.94 8.22
CA LEU B 568 -10.88 30.35 7.94
C LEU B 568 -10.39 29.64 6.67
N TYR B 569 -9.40 30.25 6.02
CA TYR B 569 -8.80 29.72 4.82
C TYR B 569 -7.31 29.50 5.09
N LEU B 570 -6.94 28.24 5.33
CA LEU B 570 -5.56 27.89 5.69
C LEU B 570 -4.72 27.83 4.41
N LEU B 571 -4.37 29.01 3.92
CA LEU B 571 -3.53 29.12 2.74
C LEU B 571 -2.07 28.80 3.07
N ASP B 572 -1.44 27.97 2.24
CA ASP B 572 -0.04 27.57 2.41
C ASP B 572 0.72 27.88 1.13
N SER B 573 1.24 29.11 1.04
CA SER B 573 2.05 29.57 -0.08
C SER B 573 1.32 29.38 -1.40
N PRO B 574 0.07 29.82 -1.51
CA PRO B 574 -0.65 29.64 -2.78
C PRO B 574 0.02 30.33 -3.94
N PHE B 575 0.68 31.46 -3.72
CA PHE B 575 1.37 32.15 -4.79
C PHE B 575 2.70 31.50 -5.14
N GLY B 576 2.97 30.30 -4.63
CA GLY B 576 4.27 29.68 -4.75
C GLY B 576 4.65 29.20 -6.14
N TYR B 577 3.77 29.33 -7.12
CA TYR B 577 4.08 28.91 -8.48
C TYR B 577 3.74 29.97 -9.53
N LEU B 578 3.51 31.21 -9.11
CA LEU B 578 3.14 32.28 -10.02
C LEU B 578 4.11 33.44 -9.92
N ASP B 579 4.08 34.29 -10.95
CA ASP B 579 4.93 35.48 -10.94
C ASP B 579 4.51 36.45 -9.85
N VAL B 580 5.44 37.33 -9.48
CA VAL B 580 5.19 38.28 -8.40
C VAL B 580 4.02 39.20 -8.76
N LEU B 581 3.97 39.65 -10.01
CA LEU B 581 2.86 40.51 -10.42
C LEU B 581 1.54 39.76 -10.35
N THR B 582 1.53 38.49 -10.80
CA THR B 582 0.31 37.70 -10.73
C THR B 582 -0.10 37.47 -9.28
N GLU B 583 0.86 37.21 -8.40
CA GLU B 583 0.55 37.02 -6.98
C GLU B 583 -0.06 38.28 -6.38
N LYS B 584 0.53 39.44 -6.68
CA LYS B 584 -0.02 40.69 -6.18
C LYS B 584 -1.42 40.94 -6.72
N GLU B 585 -1.63 40.64 -8.00
CA GLU B 585 -2.95 40.83 -8.59
C GLU B 585 -3.98 39.93 -7.92
N ILE B 586 -3.63 38.66 -7.71
CA ILE B 586 -4.55 37.74 -7.07
C ILE B 586 -4.86 38.18 -5.65
N PHE B 587 -3.84 38.65 -4.92
CA PHE B 587 -4.07 39.12 -3.56
C PHE B 587 -5.01 40.31 -3.56
N GLU B 588 -4.68 41.33 -4.35
CA GLU B 588 -5.50 42.54 -4.39
C GLU B 588 -6.92 42.24 -4.84
N SER B 589 -7.10 41.21 -5.67
CA SER B 589 -8.43 40.95 -6.20
C SER B 589 -9.30 40.12 -5.25
N CYS B 590 -8.80 38.97 -4.79
CA CYS B 590 -9.60 38.11 -3.93
C CYS B 590 -8.94 37.86 -2.58
N VAL B 591 -7.65 37.51 -2.60
CA VAL B 591 -7.00 37.01 -1.40
C VAL B 591 -6.94 38.09 -0.33
N CYS B 592 -6.71 39.34 -0.71
CA CYS B 592 -6.68 40.44 0.23
C CYS B 592 -7.89 41.35 0.09
N LYS B 593 -8.88 40.94 -0.70
CA LYS B 593 -10.07 41.78 -0.84
C LYS B 593 -11.34 41.07 -0.36
N LEU B 594 -11.62 39.89 -0.88
CA LEU B 594 -12.90 39.24 -0.60
C LEU B 594 -12.86 38.46 0.71
N MET B 595 -11.99 37.45 0.80
CA MET B 595 -11.98 36.59 1.97
C MET B 595 -11.29 37.23 3.16
N ALA B 596 -10.50 38.28 2.93
CA ALA B 596 -9.84 38.94 4.04
C ALA B 596 -10.83 39.61 4.97
N ASN B 597 -12.03 39.92 4.48
CA ASN B 597 -13.07 40.40 5.37
C ASN B 597 -13.47 39.34 6.37
N LYS B 598 -13.39 38.08 5.98
CA LYS B 598 -13.53 36.97 6.92
C LYS B 598 -12.18 36.60 7.50
N THR B 599 -12.20 35.73 8.50
CA THR B 599 -10.96 35.28 9.11
C THR B 599 -10.15 34.47 8.12
N ARG B 600 -8.85 34.73 8.07
CA ARG B 600 -7.99 34.11 7.07
C ARG B 600 -6.60 33.92 7.66
N ILE B 601 -5.97 32.80 7.31
CA ILE B 601 -4.61 32.48 7.75
C ILE B 601 -3.81 31.97 6.57
N LEU B 602 -2.99 32.82 5.98
CA LEU B 602 -2.20 32.48 4.80
C LEU B 602 -0.74 32.35 5.17
N VAL B 603 -0.14 31.21 4.87
CA VAL B 603 1.28 31.01 5.11
C VAL B 603 2.05 31.73 4.02
N THR B 604 2.51 32.94 4.31
CA THR B 604 3.20 33.77 3.32
C THR B 604 4.48 34.31 3.94
N SER B 605 5.59 34.14 3.22
CA SER B 605 6.87 34.72 3.61
C SER B 605 7.21 35.99 2.83
N LYS B 606 6.35 36.40 1.90
CA LYS B 606 6.63 37.58 1.09
C LYS B 606 6.58 38.84 1.97
N MET B 607 7.63 39.65 1.89
CA MET B 607 7.75 40.82 2.75
C MET B 607 6.63 41.82 2.53
N GLU B 608 6.30 42.09 1.26
CA GLU B 608 5.32 43.14 0.96
C GLU B 608 3.96 42.80 1.52
N HIS B 609 3.51 41.56 1.37
CA HIS B 609 2.25 41.18 1.99
C HIS B 609 2.41 41.07 3.50
N LEU B 610 3.60 40.70 3.98
CA LEU B 610 3.82 40.58 5.42
C LEU B 610 3.67 41.92 6.11
N LYS B 611 3.97 43.01 5.42
CA LYS B 611 3.78 44.31 6.04
C LYS B 611 2.31 44.62 6.24
N LYS B 612 1.44 44.19 5.32
CA LYS B 612 0.02 44.49 5.41
C LYS B 612 -0.76 43.52 6.29
N ALA B 613 -0.12 42.48 6.81
CA ALA B 613 -0.83 41.47 7.57
C ALA B 613 -1.37 42.03 8.88
N ASP B 614 -2.49 41.46 9.33
CA ASP B 614 -3.04 41.84 10.62
C ASP B 614 -2.10 41.45 11.76
N LYS B 615 -1.43 40.32 11.64
CA LYS B 615 -0.44 39.90 12.61
C LYS B 615 0.56 38.97 11.94
N ILE B 616 1.77 38.93 12.48
CA ILE B 616 2.84 38.13 11.91
C ILE B 616 3.32 37.13 12.94
N LEU B 617 3.93 36.05 12.44
CA LEU B 617 4.50 35.01 13.30
C LEU B 617 5.68 34.39 12.56
N ILE B 618 6.88 34.84 12.91
CA ILE B 618 8.10 34.32 12.30
C ILE B 618 8.70 33.30 13.26
N LEU B 619 9.00 32.10 12.74
CA LEU B 619 9.57 31.03 13.53
C LEU B 619 10.86 30.54 12.89
N HIS B 620 11.86 30.29 13.73
CA HIS B 620 13.14 29.74 13.29
C HIS B 620 13.52 28.61 14.22
N GLU B 621 14.10 27.55 13.63
CA GLU B 621 14.44 26.34 14.37
C GLU B 621 13.18 25.71 14.98
N GLY B 622 12.03 25.94 14.35
CA GLY B 622 10.78 25.47 14.90
C GLY B 622 10.23 26.31 16.02
N SER B 623 10.88 27.41 16.37
CA SER B 623 10.47 28.24 17.49
C SER B 623 10.27 29.67 17.02
N SER B 624 9.19 30.29 17.47
CA SER B 624 8.86 31.66 17.09
C SER B 624 9.87 32.62 17.71
N TYR B 625 10.74 33.18 16.87
CA TYR B 625 11.68 34.19 17.35
C TYR B 625 10.95 35.49 17.70
N PHE B 626 10.01 35.90 16.86
CA PHE B 626 9.26 37.12 17.09
C PHE B 626 7.94 37.02 16.36
N TYR B 627 6.93 37.72 16.88
CA TYR B 627 5.58 37.63 16.34
C TYR B 627 4.76 38.77 16.94
N GLY B 628 3.51 38.86 16.51
CA GLY B 628 2.60 39.83 17.08
C GLY B 628 2.04 40.80 16.06
N THR B 629 1.64 41.98 16.55
CA THR B 629 1.04 42.99 15.69
C THR B 629 2.04 43.49 14.65
N PHE B 630 1.51 43.93 13.51
CA PHE B 630 2.34 44.31 12.37
C PHE B 630 3.27 45.47 12.74
N SER B 631 2.69 46.60 13.15
CA SER B 631 3.51 47.76 13.48
C SER B 631 4.40 47.50 14.68
N GLU B 632 3.87 46.81 15.70
CA GLU B 632 4.65 46.54 16.89
C GLU B 632 5.85 45.67 16.57
N LEU B 633 5.64 44.62 15.79
CA LEU B 633 6.76 43.75 15.41
C LEU B 633 7.73 44.49 14.48
N GLN B 634 7.21 45.33 13.58
CA GLN B 634 8.08 46.04 12.67
C GLN B 634 8.94 47.06 13.40
N ASN B 635 8.46 47.60 14.52
CA ASN B 635 9.24 48.59 15.25
C ASN B 635 10.12 47.98 16.34
N LEU B 636 9.72 46.84 16.91
CA LEU B 636 10.46 46.28 18.03
C LEU B 636 11.86 45.81 17.63
N GLN B 637 12.05 45.44 16.36
CA GLN B 637 13.35 44.95 15.89
C GLN B 637 13.55 45.40 14.45
N PRO B 638 13.87 46.68 14.25
CA PRO B 638 14.12 47.15 12.88
C PRO B 638 15.27 46.45 12.18
N ASP B 639 16.33 46.08 12.92
CA ASP B 639 17.45 45.38 12.29
C ASP B 639 17.04 44.01 11.80
N PHE B 640 16.26 43.27 12.59
CA PHE B 640 15.78 41.98 12.13
C PHE B 640 14.79 42.13 10.98
N SER B 641 13.95 43.17 11.04
CA SER B 641 12.99 43.41 9.96
C SER B 641 13.70 43.70 8.64
N SER B 642 14.75 44.51 8.68
CA SER B 642 15.48 44.82 7.45
C SER B 642 16.25 43.61 6.96
N LYS B 643 16.81 42.82 7.86
CA LYS B 643 17.62 41.68 7.46
C LYS B 643 16.77 40.57 6.85
N LEU B 644 15.67 40.21 7.52
CA LEU B 644 14.82 39.16 6.98
C LEU B 644 14.01 39.65 5.78
N MET B 645 13.83 40.96 5.66
CA MET B 645 13.03 41.51 4.57
C MET B 645 13.52 42.89 4.16
N THR B 844 -4.06 -14.66 -31.66
CA THR B 844 -3.85 -16.10 -31.74
C THR B 844 -4.03 -16.60 -33.17
N THR B 845 -3.01 -16.39 -34.00
CA THR B 845 -3.05 -16.78 -35.40
C THR B 845 -2.39 -18.13 -35.61
N TRP B 846 -2.87 -18.87 -36.61
CA TRP B 846 -2.20 -20.10 -36.99
C TRP B 846 -0.80 -19.81 -37.50
N ASN B 847 -0.60 -18.66 -38.13
CA ASN B 847 0.74 -18.25 -38.51
C ASN B 847 1.62 -18.05 -37.27
N THR B 848 1.04 -17.53 -36.19
CA THR B 848 1.81 -17.36 -34.96
C THR B 848 2.25 -18.71 -34.40
N TYR B 849 1.34 -19.68 -34.37
CA TYR B 849 1.71 -21.00 -33.86
C TYR B 849 2.76 -21.65 -34.74
N LEU B 850 2.65 -21.49 -36.06
CA LEU B 850 3.64 -22.06 -36.97
C LEU B 850 5.00 -21.42 -36.76
N ARG B 851 5.03 -20.09 -36.57
CA ARG B 851 6.29 -19.42 -36.32
C ARG B 851 6.90 -19.88 -35.00
N TYR B 852 6.06 -20.09 -33.99
CA TYR B 852 6.54 -20.62 -32.72
C TYR B 852 7.14 -22.00 -32.91
N ILE B 853 6.52 -22.81 -33.76
CA ILE B 853 7.05 -24.15 -34.01
C ILE B 853 8.36 -24.05 -34.79
N THR B 854 8.44 -23.16 -35.77
CA THR B 854 9.58 -23.11 -36.67
C THR B 854 10.80 -22.44 -36.06
N VAL B 855 10.77 -22.09 -34.76
CA VAL B 855 11.87 -21.35 -34.18
C VAL B 855 13.13 -22.21 -34.11
N HIS B 856 13.01 -23.44 -33.61
CA HIS B 856 14.17 -24.31 -33.42
C HIS B 856 13.87 -25.67 -34.00
N LYS B 857 14.78 -26.18 -34.84
CA LYS B 857 14.53 -27.42 -35.56
C LYS B 857 14.41 -28.61 -34.62
N SER B 858 15.03 -28.55 -33.44
CA SER B 858 15.00 -29.69 -32.54
C SER B 858 13.59 -30.01 -32.07
N LEU B 859 12.73 -29.00 -32.01
CA LEU B 859 11.36 -29.23 -31.57
C LEU B 859 10.64 -30.19 -32.50
N ILE B 860 10.85 -30.04 -33.81
CA ILE B 860 10.18 -30.91 -34.77
C ILE B 860 10.65 -32.34 -34.61
N PHE B 861 11.95 -32.54 -34.42
CA PHE B 861 12.46 -33.89 -34.23
C PHE B 861 11.92 -34.51 -32.94
N VAL B 862 11.85 -33.72 -31.87
CA VAL B 862 11.32 -34.24 -30.62
C VAL B 862 9.86 -34.61 -30.78
N LEU B 863 9.09 -33.77 -31.48
CA LEU B 863 7.69 -34.06 -31.71
C LEU B 863 7.50 -35.32 -32.53
N ILE B 864 8.33 -35.48 -33.56
CA ILE B 864 8.26 -36.69 -34.38
C ILE B 864 8.55 -37.92 -33.55
N TRP B 865 9.58 -37.85 -32.70
CA TRP B 865 9.94 -39.01 -31.87
C TRP B 865 8.81 -39.36 -30.92
N CYS B 866 8.24 -38.35 -30.25
CA CYS B 866 7.16 -38.61 -29.32
C CYS B 866 5.93 -39.17 -30.02
N LEU B 867 5.59 -38.61 -31.19
CA LEU B 867 4.42 -39.07 -31.92
C LEU B 867 4.60 -40.50 -32.39
N VAL B 868 5.79 -40.83 -32.88
CA VAL B 868 6.05 -42.19 -33.33
C VAL B 868 5.98 -43.16 -32.15
N ILE B 869 6.52 -42.75 -31.00
CA ILE B 869 6.46 -43.61 -29.82
C ILE B 869 5.01 -43.85 -29.42
N PHE B 870 4.19 -42.80 -29.43
CA PHE B 870 2.79 -42.97 -29.06
C PHE B 870 2.06 -43.86 -30.05
N LEU B 871 2.30 -43.68 -31.34
CA LEU B 871 1.63 -44.48 -32.35
C LEU B 871 2.04 -45.95 -32.23
N ALA B 872 3.32 -46.21 -32.00
CA ALA B 872 3.79 -47.58 -31.84
C ALA B 872 3.20 -48.22 -30.59
N GLU B 873 3.13 -47.46 -29.49
CA GLU B 873 2.54 -48.01 -28.27
C GLU B 873 1.08 -48.35 -28.48
N VAL B 874 0.34 -47.47 -29.15
CA VAL B 874 -1.07 -47.73 -29.41
C VAL B 874 -1.23 -48.96 -30.30
N ALA B 875 -0.41 -49.07 -31.34
CA ALA B 875 -0.49 -50.23 -32.22
C ALA B 875 -0.17 -51.51 -31.49
N ALA B 876 0.84 -51.49 -30.62
CA ALA B 876 1.20 -52.67 -29.86
C ALA B 876 0.09 -53.06 -28.90
N SER B 877 -0.53 -52.07 -28.26
CA SER B 877 -1.65 -52.36 -27.37
C SER B 877 -2.81 -52.97 -28.14
N LEU B 878 -3.10 -52.44 -29.33
CA LEU B 878 -4.18 -52.99 -30.14
C LEU B 878 -3.87 -54.42 -30.56
N VAL B 879 -2.62 -54.69 -30.93
CA VAL B 879 -2.24 -56.05 -31.32
C VAL B 879 -2.39 -56.99 -30.14
N VAL B 880 -1.97 -56.55 -28.95
CA VAL B 880 -2.09 -57.38 -27.76
C VAL B 880 -3.55 -57.68 -27.47
N LEU B 881 -4.41 -56.65 -27.57
CA LEU B 881 -5.83 -56.85 -27.32
C LEU B 881 -6.44 -57.81 -28.32
N TRP B 882 -6.10 -57.65 -29.59
CA TRP B 882 -6.68 -58.51 -30.63
C TRP B 882 -6.23 -59.95 -30.45
N LEU B 883 -4.94 -60.16 -30.14
CA LEU B 883 -4.45 -61.52 -29.96
C LEU B 883 -5.05 -62.17 -28.72
N LEU B 884 -5.14 -61.42 -27.62
CA LEU B 884 -5.65 -62.00 -26.38
C LEU B 884 -7.13 -62.29 -26.47
N GLY B 885 -7.91 -61.39 -27.08
CA GLY B 885 -9.33 -61.60 -27.21
C GLY B 885 -9.73 -62.60 -28.26
N ASN B 886 -8.81 -62.93 -29.16
CA ASN B 886 -9.11 -63.88 -30.23
C ASN B 886 -7.82 -64.43 -30.84
N THR B 910 -0.45 -68.59 -16.70
CA THR B 910 -1.73 -68.46 -17.40
C THR B 910 -2.50 -67.26 -16.89
N SER B 911 -2.59 -67.12 -15.57
CA SER B 911 -3.26 -65.98 -14.99
C SER B 911 -2.50 -64.68 -15.25
N SER B 912 -1.23 -64.76 -15.65
CA SER B 912 -0.52 -63.55 -16.04
C SER B 912 -1.17 -62.91 -17.26
N TYR B 913 -1.74 -63.74 -18.14
CA TYR B 913 -2.48 -63.18 -19.27
C TYR B 913 -3.71 -62.41 -18.81
N TYR B 914 -4.39 -62.89 -17.76
CA TYR B 914 -5.52 -62.15 -17.22
C TYR B 914 -5.06 -60.87 -16.52
N VAL B 915 -3.95 -60.93 -15.81
CA VAL B 915 -3.46 -59.75 -15.11
C VAL B 915 -2.99 -58.69 -16.10
N PHE B 916 -2.50 -59.12 -17.27
CA PHE B 916 -2.04 -58.17 -18.27
C PHE B 916 -3.17 -57.29 -18.79
N TYR B 917 -4.43 -57.71 -18.62
CA TYR B 917 -5.53 -56.84 -18.99
C TYR B 917 -5.53 -55.56 -18.18
N ILE B 918 -4.94 -55.57 -17.00
CA ILE B 918 -4.85 -54.35 -16.21
C ILE B 918 -3.98 -53.32 -16.91
N TYR B 919 -3.01 -53.78 -17.71
CA TYR B 919 -2.18 -52.84 -18.45
C TYR B 919 -3.01 -52.01 -19.41
N VAL B 920 -4.07 -52.61 -19.96
CA VAL B 920 -4.99 -51.83 -20.76
C VAL B 920 -6.03 -51.14 -19.88
N GLY B 921 -6.21 -51.63 -18.65
CA GLY B 921 -7.29 -51.14 -17.81
C GLY B 921 -7.19 -49.68 -17.45
N VAL B 922 -5.98 -49.15 -17.36
CA VAL B 922 -5.75 -47.76 -17.00
C VAL B 922 -5.23 -47.06 -18.25
N ALA B 923 -6.04 -46.16 -18.82
CA ALA B 923 -5.61 -45.42 -19.99
C ALA B 923 -4.43 -44.51 -19.68
N ASP B 924 -4.40 -43.95 -18.48
CA ASP B 924 -3.34 -43.01 -18.12
C ASP B 924 -1.97 -43.68 -18.20
N THR B 925 -1.82 -44.83 -17.54
CA THR B 925 -0.53 -45.51 -17.59
C THR B 925 -0.25 -46.10 -18.96
N LEU B 926 -1.29 -46.56 -19.66
CA LEU B 926 -1.07 -47.18 -20.96
C LEU B 926 -0.56 -46.15 -21.97
N LEU B 927 -1.07 -44.93 -21.92
CA LEU B 927 -0.68 -43.89 -22.86
C LEU B 927 0.21 -42.83 -22.21
N ALA B 928 0.79 -43.14 -21.06
CA ALA B 928 1.64 -42.17 -20.37
C ALA B 928 2.85 -41.79 -21.21
N MET B 929 3.13 -40.49 -21.28
CA MET B 929 4.34 -40.01 -21.94
C MET B 929 5.56 -40.57 -21.22
N GLY B 930 6.35 -41.37 -21.92
CA GLY B 930 7.49 -42.02 -21.28
C GLY B 930 8.47 -41.02 -20.73
N PHE B 931 9.09 -41.40 -19.60
CA PHE B 931 10.11 -40.54 -18.99
C PHE B 931 11.28 -40.34 -19.92
N PHE B 932 11.52 -41.28 -20.84
CA PHE B 932 12.58 -41.14 -21.83
C PHE B 932 12.18 -40.25 -22.99
N ARG B 933 10.97 -39.68 -22.96
CA ARG B 933 10.50 -38.81 -24.04
C ARG B 933 10.15 -37.40 -23.58
N GLY B 934 9.56 -37.27 -22.38
CA GLY B 934 9.03 -35.98 -21.97
C GLY B 934 10.09 -34.93 -21.71
N LEU B 935 11.22 -35.32 -21.13
CA LEU B 935 12.27 -34.36 -20.83
C LEU B 935 12.78 -33.65 -22.07
N PRO B 936 12.95 -34.32 -23.22
CA PRO B 936 13.39 -33.59 -24.41
C PRO B 936 12.42 -32.50 -24.82
N LEU B 937 11.12 -32.71 -24.63
CA LEU B 937 10.16 -31.68 -25.03
C LEU B 937 10.36 -30.41 -24.20
N VAL B 938 10.48 -30.55 -22.89
CA VAL B 938 10.67 -29.36 -22.05
C VAL B 938 12.03 -28.73 -22.32
N HIS B 939 13.07 -29.55 -22.57
CA HIS B 939 14.37 -29.00 -22.86
C HIS B 939 14.34 -28.17 -24.13
N THR B 940 13.65 -28.68 -25.16
CA THR B 940 13.47 -27.92 -26.38
C THR B 940 12.67 -26.66 -26.14
N LEU B 941 11.68 -26.72 -25.25
CA LEU B 941 10.91 -25.52 -24.94
C LEU B 941 11.81 -24.46 -24.33
N ILE B 942 12.66 -24.85 -23.38
CA ILE B 942 13.56 -23.89 -22.75
C ILE B 942 14.54 -23.34 -23.76
N THR B 943 15.06 -24.20 -24.63
CA THR B 943 16.03 -23.76 -25.64
C THR B 943 15.40 -22.77 -26.62
N VAL B 944 14.17 -23.05 -27.04
CA VAL B 944 13.49 -22.13 -27.95
C VAL B 944 13.21 -20.81 -27.27
N SER B 945 12.86 -20.85 -25.99
CA SER B 945 12.66 -19.60 -25.26
C SER B 945 13.95 -18.80 -25.19
N LYS B 946 15.08 -19.47 -24.94
CA LYS B 946 16.35 -18.76 -24.91
C LYS B 946 16.69 -18.18 -26.28
N ILE B 947 16.43 -18.94 -27.34
CA ILE B 947 16.69 -18.45 -28.68
C ILE B 947 15.82 -17.23 -28.98
N LEU B 948 14.57 -17.27 -28.56
CA LEU B 948 13.68 -16.13 -28.74
C LEU B 948 14.18 -14.93 -27.97
N HIS B 949 14.68 -15.14 -26.75
CA HIS B 949 15.20 -14.02 -25.98
C HIS B 949 16.40 -13.38 -26.66
N HIS B 950 17.31 -14.22 -27.17
CA HIS B 950 18.47 -13.68 -27.88
C HIS B 950 18.05 -12.93 -29.14
N LYS B 951 17.09 -13.47 -29.88
CA LYS B 951 16.61 -12.81 -31.09
C LYS B 951 15.96 -11.48 -30.74
N MET B 952 15.17 -11.43 -29.68
CA MET B 952 14.52 -10.19 -29.27
C MET B 952 15.55 -9.15 -28.87
N LEU B 953 16.58 -9.57 -28.13
CA LEU B 953 17.62 -8.64 -27.74
C LEU B 953 18.35 -8.09 -28.95
N HIS B 954 18.69 -8.96 -29.90
CA HIS B 954 19.40 -8.49 -31.09
C HIS B 954 18.54 -7.54 -31.90
N SER B 955 17.25 -7.86 -32.03
CA SER B 955 16.36 -7.00 -32.80
C SER B 955 16.19 -5.64 -32.13
N VAL B 956 16.05 -5.62 -30.82
CA VAL B 956 15.84 -4.37 -30.12
C VAL B 956 17.06 -3.48 -30.28
N LEU B 957 18.24 -4.08 -30.43
CA LEU B 957 19.45 -3.29 -30.56
C LEU B 957 19.50 -2.52 -31.87
N GLN B 958 18.78 -2.98 -32.90
CA GLN B 958 18.89 -2.40 -34.24
C GLN B 958 17.71 -1.55 -34.64
N ALA B 959 16.65 -1.49 -33.83
CA ALA B 959 15.44 -0.80 -34.24
C ALA B 959 15.69 0.69 -34.45
N PRO B 960 15.06 1.31 -35.45
CA PRO B 960 15.21 2.76 -35.63
C PRO B 960 14.63 3.54 -34.46
N MET B 961 15.28 4.65 -34.13
CA MET B 961 14.82 5.46 -33.01
C MET B 961 13.43 6.04 -33.28
N SER B 962 13.08 6.26 -34.55
CA SER B 962 11.80 6.90 -34.86
C SER B 962 10.64 6.06 -34.37
N THR B 963 10.70 4.75 -34.60
CA THR B 963 9.66 3.89 -34.03
C THR B 963 9.86 3.69 -32.54
N LEU B 964 11.12 3.77 -32.08
CA LEU B 964 11.39 3.57 -30.66
C LEU B 964 10.72 4.65 -29.81
N ASN B 965 10.79 5.90 -30.27
CA ASN B 965 10.16 6.97 -29.50
C ASN B 965 8.65 6.88 -29.55
N THR B 966 8.11 6.29 -30.60
CA THR B 966 6.66 6.20 -30.73
C THR B 966 6.05 5.38 -29.60
N LEU B 967 6.68 4.25 -29.27
CA LEU B 967 6.22 3.45 -28.14
C LEU B 967 6.75 4.04 -26.84
N LYS B 968 5.94 3.96 -25.80
CA LYS B 968 6.37 4.41 -24.48
C LYS B 968 7.48 3.50 -23.95
N ALA B 969 8.42 4.10 -23.21
CA ALA B 969 9.58 3.34 -22.74
C ALA B 969 9.19 2.25 -21.75
N GLY B 970 8.12 2.46 -20.99
CA GLY B 970 7.69 1.42 -20.06
C GLY B 970 7.19 0.18 -20.74
N GLY B 971 6.70 0.30 -21.98
CA GLY B 971 6.42 -0.88 -22.76
C GLY B 971 7.66 -1.68 -23.10
N ILE B 972 8.81 -1.02 -23.23
CA ILE B 972 10.04 -1.77 -23.47
C ILE B 972 10.37 -2.62 -22.27
N LEU B 973 10.12 -2.10 -21.06
CA LEU B 973 10.32 -2.90 -19.87
C LEU B 973 9.33 -4.06 -19.82
N ASN B 974 8.05 -3.76 -20.06
CA ASN B 974 7.03 -4.80 -20.04
C ASN B 974 7.26 -5.85 -21.12
N ARG B 975 8.03 -5.51 -22.15
CA ARG B 975 8.29 -6.45 -23.24
C ARG B 975 9.07 -7.68 -22.76
N PHE B 976 9.77 -7.57 -21.64
CA PHE B 976 10.50 -8.71 -21.11
C PHE B 976 10.25 -8.98 -19.63
N SER B 977 9.72 -8.02 -18.89
CA SER B 977 9.60 -8.18 -17.45
C SER B 977 8.71 -9.36 -17.07
N LYS B 978 7.64 -9.58 -17.83
CA LYS B 978 6.72 -10.66 -17.49
C LYS B 978 6.54 -11.62 -18.65
N ASP B 979 6.66 -11.10 -19.88
CA ASP B 979 6.42 -11.94 -21.05
C ASP B 979 7.44 -13.07 -21.16
N ILE B 980 8.73 -12.75 -20.98
CA ILE B 980 9.73 -13.79 -21.04
C ILE B 980 9.54 -14.76 -19.89
N ALA B 981 9.14 -14.27 -18.72
CA ALA B 981 8.90 -15.15 -17.59
C ALA B 981 7.75 -16.11 -17.87
N ILE B 982 6.67 -15.59 -18.46
CA ILE B 982 5.55 -16.46 -18.78
C ILE B 982 5.97 -17.49 -19.82
N LEU B 983 6.78 -17.07 -20.80
CA LEU B 983 7.25 -18.01 -21.82
C LEU B 983 8.11 -19.10 -21.20
N ASP B 984 8.96 -18.73 -20.25
CA ASP B 984 9.85 -19.72 -19.64
C ASP B 984 9.06 -20.69 -18.77
N ASP B 985 8.21 -20.17 -17.89
CA ASP B 985 7.57 -21.01 -16.88
C ASP B 985 6.24 -21.56 -17.35
N LEU B 986 5.28 -20.67 -17.65
CA LEU B 986 3.91 -21.12 -17.82
C LEU B 986 3.72 -21.92 -19.09
N LEU B 987 4.23 -21.41 -20.21
CA LEU B 987 3.92 -22.00 -21.51
C LEU B 987 4.39 -23.43 -21.64
N PRO B 988 5.61 -23.79 -21.25
CA PRO B 988 6.06 -25.18 -21.46
C PRO B 988 5.21 -26.18 -20.69
N LEU B 989 4.94 -25.91 -19.42
CA LEU B 989 4.19 -26.86 -18.60
C LEU B 989 2.78 -27.05 -19.17
N THR B 990 2.12 -25.94 -19.50
CA THR B 990 0.76 -26.05 -20.04
C THR B 990 0.76 -26.78 -21.37
N ILE B 991 1.70 -26.46 -22.25
CA ILE B 991 1.72 -27.08 -23.56
C ILE B 991 1.96 -28.58 -23.43
N PHE B 992 2.91 -28.97 -22.58
CA PHE B 992 3.20 -30.39 -22.40
C PHE B 992 2.01 -31.12 -21.81
N ASP B 993 1.36 -30.53 -20.81
CA ASP B 993 0.21 -31.18 -20.20
C ASP B 993 -0.92 -31.35 -21.20
N PHE B 994 -1.19 -30.31 -21.99
CA PHE B 994 -2.23 -30.39 -23.00
C PHE B 994 -1.91 -31.47 -24.02
N ILE B 995 -0.66 -31.52 -24.47
CA ILE B 995 -0.27 -32.51 -25.46
C ILE B 995 -0.44 -33.91 -24.90
N GLN B 996 0.02 -34.15 -23.67
CA GLN B 996 -0.08 -35.48 -23.10
C GLN B 996 -1.53 -35.89 -22.94
N LEU B 997 -2.36 -34.99 -22.43
CA LEU B 997 -3.77 -35.30 -22.23
C LEU B 997 -4.45 -35.59 -23.57
N LEU B 998 -4.15 -34.78 -24.59
CA LEU B 998 -4.76 -35.00 -25.89
C LEU B 998 -4.34 -36.34 -26.47
N LEU B 999 -3.07 -36.69 -26.33
CA LEU B 999 -2.60 -37.98 -26.83
C LEU B 999 -3.31 -39.12 -26.12
N ILE B 1000 -3.46 -39.01 -24.80
CA ILE B 1000 -4.12 -40.07 -24.04
C ILE B 1000 -5.58 -40.19 -24.48
N VAL B 1001 -6.26 -39.07 -24.66
CA VAL B 1001 -7.65 -39.11 -25.06
C VAL B 1001 -7.79 -39.73 -26.45
N ILE B 1002 -6.92 -39.32 -27.37
CA ILE B 1002 -6.99 -39.86 -28.72
C ILE B 1002 -6.71 -41.35 -28.73
N GLY B 1003 -5.77 -41.79 -27.88
CA GLY B 1003 -5.48 -43.21 -27.80
C GLY B 1003 -6.66 -43.98 -27.25
N ALA B 1004 -7.34 -43.41 -26.26
CA ALA B 1004 -8.54 -44.06 -25.75
C ALA B 1004 -9.61 -44.17 -26.83
N ILE B 1005 -9.74 -43.11 -27.64
CA ILE B 1005 -10.71 -43.14 -28.72
C ILE B 1005 -10.38 -44.24 -29.71
N ALA B 1006 -9.10 -44.35 -30.06
CA ALA B 1006 -8.70 -45.39 -31.02
C ALA B 1006 -8.92 -46.78 -30.44
N VAL B 1007 -8.65 -46.95 -29.15
CA VAL B 1007 -8.87 -48.24 -28.52
C VAL B 1007 -10.34 -48.60 -28.56
N VAL B 1008 -11.21 -47.63 -28.29
CA VAL B 1008 -12.65 -47.90 -28.30
C VAL B 1008 -13.11 -48.24 -29.71
N ALA B 1009 -12.56 -47.54 -30.71
CA ALA B 1009 -12.92 -47.84 -32.08
C ALA B 1009 -12.46 -49.22 -32.48
N VAL B 1010 -11.35 -49.68 -31.90
CA VAL B 1010 -10.90 -51.04 -32.18
C VAL B 1010 -11.87 -52.08 -31.65
N LEU B 1011 -12.67 -51.72 -30.64
CA LEU B 1011 -13.57 -52.69 -30.04
C LEU B 1011 -14.65 -53.14 -31.01
N GLN B 1012 -15.24 -52.19 -31.74
CA GLN B 1012 -16.37 -52.51 -32.60
C GLN B 1012 -16.38 -51.54 -33.76
N PRO B 1013 -16.93 -51.95 -34.89
CA PRO B 1013 -16.96 -51.10 -36.10
C PRO B 1013 -18.19 -50.19 -36.19
N TYR B 1014 -18.50 -49.49 -35.10
CA TYR B 1014 -19.57 -48.50 -35.16
C TYR B 1014 -19.20 -47.20 -34.44
N ILE B 1015 -18.13 -47.24 -33.64
CA ILE B 1015 -17.86 -46.15 -32.70
C ILE B 1015 -17.53 -44.86 -33.42
N PHE B 1016 -16.67 -44.93 -34.45
CA PHE B 1016 -16.20 -43.72 -35.09
C PHE B 1016 -17.34 -42.95 -35.73
N VAL B 1017 -18.33 -43.67 -36.26
CA VAL B 1017 -19.42 -43.04 -36.99
C VAL B 1017 -20.18 -42.07 -36.10
N ALA B 1018 -20.26 -42.37 -34.80
CA ALA B 1018 -20.89 -41.44 -33.87
C ALA B 1018 -19.90 -40.49 -33.22
N THR B 1019 -18.67 -40.97 -32.98
CA THR B 1019 -17.69 -40.13 -32.30
C THR B 1019 -17.31 -38.90 -33.12
N VAL B 1020 -17.23 -39.04 -34.45
CA VAL B 1020 -16.77 -37.92 -35.28
C VAL B 1020 -17.73 -36.73 -35.17
N PRO B 1021 -19.05 -36.90 -35.27
CA PRO B 1021 -19.92 -35.73 -35.11
C PRO B 1021 -19.78 -35.09 -33.75
N VAL B 1022 -19.53 -35.88 -32.71
CA VAL B 1022 -19.34 -35.31 -31.38
C VAL B 1022 -18.11 -34.42 -31.35
N ILE B 1023 -17.01 -34.88 -31.94
CA ILE B 1023 -15.79 -34.09 -31.95
C ILE B 1023 -15.99 -32.82 -32.77
N VAL B 1024 -16.67 -32.94 -33.92
CA VAL B 1024 -16.87 -31.77 -34.77
C VAL B 1024 -17.73 -30.73 -34.06
N ALA B 1025 -18.80 -31.16 -33.41
CA ALA B 1025 -19.66 -30.25 -32.68
C ALA B 1025 -18.91 -29.63 -31.51
N PHE B 1026 -18.05 -30.41 -30.85
CA PHE B 1026 -17.25 -29.86 -29.76
C PHE B 1026 -16.31 -28.77 -30.26
N ILE B 1027 -15.68 -29.00 -31.42
CA ILE B 1027 -14.78 -28.00 -31.98
C ILE B 1027 -15.56 -26.74 -32.33
N MET B 1028 -16.74 -26.90 -32.94
CA MET B 1028 -17.54 -25.74 -33.29
C MET B 1028 -17.95 -24.96 -32.05
N LEU B 1029 -18.37 -25.67 -31.00
CA LEU B 1029 -18.78 -25.00 -29.77
C LEU B 1029 -17.62 -24.28 -29.13
N ARG B 1030 -16.44 -24.91 -29.11
CA ARG B 1030 -15.27 -24.26 -28.55
C ARG B 1030 -14.92 -23.00 -29.33
N ALA B 1031 -14.98 -23.07 -30.66
CA ALA B 1031 -14.68 -21.90 -31.47
C ALA B 1031 -15.66 -20.77 -31.20
N TYR B 1032 -16.95 -21.10 -31.08
CA TYR B 1032 -17.94 -20.07 -30.81
C TYR B 1032 -17.72 -19.44 -29.43
N PHE B 1033 -17.42 -20.26 -28.43
CA PHE B 1033 -17.23 -19.73 -27.09
C PHE B 1033 -15.95 -18.91 -26.98
N LEU B 1034 -14.95 -19.22 -27.81
CA LEU B 1034 -13.65 -18.57 -27.68
C LEU B 1034 -13.75 -17.07 -27.91
N GLN B 1035 -14.52 -16.65 -28.92
CA GLN B 1035 -14.59 -15.23 -29.24
C GLN B 1035 -15.15 -14.43 -28.07
N THR B 1036 -16.29 -14.88 -27.55
CA THR B 1036 -16.90 -14.18 -26.42
C THR B 1036 -16.00 -14.23 -25.20
N SER B 1037 -15.35 -15.38 -24.95
CA SER B 1037 -14.48 -15.48 -23.79
C SER B 1037 -13.33 -14.50 -23.87
N GLN B 1038 -12.69 -14.41 -25.03
CA GLN B 1038 -11.57 -13.48 -25.19
C GLN B 1038 -12.04 -12.04 -25.06
N GLN B 1039 -13.19 -11.71 -25.66
CA GLN B 1039 -13.68 -10.34 -25.57
C GLN B 1039 -13.97 -9.97 -24.13
N LEU B 1040 -14.62 -10.87 -23.39
CA LEU B 1040 -14.95 -10.60 -22.00
C LEU B 1040 -13.69 -10.47 -21.16
N LYS B 1041 -12.71 -11.35 -21.38
CA LYS B 1041 -11.49 -11.29 -20.59
C LYS B 1041 -10.75 -9.98 -20.84
N GLN B 1042 -10.66 -9.56 -22.11
CA GLN B 1042 -9.98 -8.32 -22.41
C GLN B 1042 -10.70 -7.13 -21.81
N LEU B 1043 -12.03 -7.10 -21.91
CA LEU B 1043 -12.78 -5.99 -21.33
C LEU B 1043 -12.58 -5.93 -19.82
N GLU B 1044 -12.66 -7.09 -19.16
CA GLU B 1044 -12.52 -7.12 -17.70
C GLU B 1044 -11.13 -6.70 -17.28
N SER B 1045 -10.10 -7.16 -17.99
CA SER B 1045 -8.74 -6.77 -17.66
C SER B 1045 -8.55 -5.27 -17.88
N GLU B 1046 -9.11 -4.73 -18.95
CA GLU B 1046 -8.96 -3.31 -19.23
C GLU B 1046 -9.66 -2.47 -18.17
N GLY B 1047 -10.84 -2.90 -17.71
CA GLY B 1047 -11.59 -2.09 -16.77
C GLY B 1047 -11.02 -2.08 -15.36
N ARG B 1048 -10.21 -3.08 -15.01
CA ARG B 1048 -9.73 -3.18 -13.64
C ARG B 1048 -8.87 -1.99 -13.26
N SER B 1049 -8.17 -1.40 -14.23
CA SER B 1049 -7.26 -0.31 -13.93
C SER B 1049 -7.95 0.90 -13.30
N PRO B 1050 -9.17 1.29 -13.70
CA PRO B 1050 -9.74 2.51 -13.13
C PRO B 1050 -9.90 2.45 -11.64
N ILE B 1051 -10.12 1.27 -11.07
CA ILE B 1051 -10.26 1.17 -9.62
C ILE B 1051 -8.94 1.51 -8.93
N PHE B 1052 -7.83 0.96 -9.41
CA PHE B 1052 -6.55 1.32 -8.85
C PHE B 1052 -6.23 2.79 -9.09
N THR B 1053 -6.71 3.33 -10.22
CA THR B 1053 -6.51 4.76 -10.48
C THR B 1053 -7.22 5.62 -9.44
N HIS B 1054 -8.47 5.28 -9.12
CA HIS B 1054 -9.19 6.01 -8.10
C HIS B 1054 -8.53 5.85 -6.73
N LEU B 1055 -8.04 4.65 -6.45
CA LEU B 1055 -7.36 4.42 -5.18
C LEU B 1055 -6.10 5.28 -5.07
N VAL B 1056 -5.33 5.36 -6.15
CA VAL B 1056 -4.11 6.16 -6.14
C VAL B 1056 -4.46 7.64 -6.01
N THR B 1057 -5.54 8.07 -6.67
CA THR B 1057 -5.96 9.46 -6.54
C THR B 1057 -6.34 9.77 -5.09
N SER B 1058 -7.04 8.85 -4.44
CA SER B 1058 -7.38 9.04 -3.03
C SER B 1058 -6.13 9.09 -2.17
N LEU B 1059 -5.17 8.21 -2.44
CA LEU B 1059 -3.94 8.21 -1.67
C LEU B 1059 -3.21 9.53 -1.81
N LYS B 1060 -3.18 10.09 -3.02
CA LYS B 1060 -2.52 11.36 -3.23
C LYS B 1060 -3.27 12.49 -2.53
N GLY B 1061 -4.59 12.50 -2.61
CA GLY B 1061 -5.35 13.62 -2.09
C GLY B 1061 -5.83 13.49 -0.66
N LEU B 1062 -5.39 12.45 0.07
CA LEU B 1062 -5.90 12.16 1.41
C LEU B 1062 -6.08 13.40 2.26
N TRP B 1063 -5.06 14.27 2.35
CA TRP B 1063 -5.16 15.41 3.25
C TRP B 1063 -6.25 16.38 2.79
N THR B 1064 -6.28 16.70 1.49
CA THR B 1064 -7.29 17.62 1.00
C THR B 1064 -8.68 17.02 1.13
N LEU B 1065 -8.80 15.70 0.96
CA LEU B 1065 -10.09 15.04 1.12
C LEU B 1065 -10.55 15.13 2.57
N ARG B 1066 -9.63 14.91 3.51
CA ARG B 1066 -9.99 15.05 4.92
C ARG B 1066 -10.41 16.48 5.22
N ALA B 1067 -9.80 17.44 4.53
CA ALA B 1067 -10.22 18.82 4.69
C ALA B 1067 -11.63 19.04 4.15
N PHE B 1068 -11.92 18.46 2.98
CA PHE B 1068 -13.20 18.73 2.32
C PHE B 1068 -14.37 18.11 3.07
N GLY B 1069 -14.19 16.90 3.59
CA GLY B 1069 -15.26 16.24 4.30
C GLY B 1069 -16.40 15.73 3.44
N ARG B 1070 -16.23 15.73 2.12
CA ARG B 1070 -17.28 15.30 1.19
C ARG B 1070 -17.08 13.88 0.71
N GLN B 1071 -16.62 13.00 1.60
CA GLN B 1071 -16.18 11.65 1.27
C GLN B 1071 -17.30 10.84 0.62
N PRO B 1072 -18.57 11.22 0.83
CA PRO B 1072 -19.65 10.43 0.21
C PRO B 1072 -19.55 10.36 -1.30
N TYR B 1073 -19.13 11.44 -1.96
CA TYR B 1073 -19.00 11.40 -3.41
C TYR B 1073 -17.90 10.44 -3.84
N PHE B 1074 -16.78 10.43 -3.11
CA PHE B 1074 -15.71 9.50 -3.41
C PHE B 1074 -16.18 8.07 -3.22
N GLU B 1075 -16.98 7.82 -2.18
CA GLU B 1075 -17.54 6.49 -1.98
C GLU B 1075 -18.46 6.10 -3.12
N THR B 1076 -19.25 7.05 -3.61
CA THR B 1076 -20.12 6.79 -4.74
C THR B 1076 -19.30 6.42 -5.97
N LEU B 1077 -18.22 7.14 -6.23
CA LEU B 1077 -17.38 6.84 -7.37
C LEU B 1077 -16.73 5.46 -7.25
N PHE B 1078 -16.22 5.14 -6.06
CA PHE B 1078 -15.57 3.85 -5.86
C PHE B 1078 -16.55 2.71 -6.05
N HIS B 1079 -17.76 2.86 -5.49
CA HIS B 1079 -18.78 1.83 -5.67
C HIS B 1079 -19.19 1.70 -7.12
N LYS B 1080 -19.30 2.82 -7.85
CA LYS B 1080 -19.67 2.75 -9.25
C LYS B 1080 -18.63 2.00 -10.06
N ALA B 1081 -17.34 2.30 -9.82
CA ALA B 1081 -16.28 1.60 -10.54
C ALA B 1081 -16.26 0.12 -10.19
N LEU B 1082 -16.42 -0.20 -8.90
CA LEU B 1082 -16.42 -1.59 -8.49
C LEU B 1082 -17.56 -2.35 -9.14
N ASN B 1083 -18.75 -1.76 -9.18
CA ASN B 1083 -19.88 -2.41 -9.82
C ASN B 1083 -19.66 -2.57 -11.30
N LEU B 1084 -19.03 -1.57 -11.94
CA LEU B 1084 -18.76 -1.67 -13.36
C LEU B 1084 -17.84 -2.84 -13.66
N HIS B 1085 -16.80 -3.01 -12.85
CA HIS B 1085 -15.92 -4.16 -13.05
C HIS B 1085 -16.64 -5.47 -12.74
N THR B 1086 -17.47 -5.45 -11.70
CA THR B 1086 -18.19 -6.66 -11.30
C THR B 1086 -19.14 -7.12 -12.38
N ALA B 1087 -19.73 -6.20 -13.14
CA ALA B 1087 -20.63 -6.60 -14.21
C ALA B 1087 -19.91 -7.46 -15.24
N ASN B 1088 -18.75 -7.00 -15.69
CA ASN B 1088 -17.98 -7.77 -16.65
C ASN B 1088 -17.53 -9.09 -16.05
N TRP B 1089 -17.11 -9.07 -14.78
CA TRP B 1089 -16.62 -10.30 -14.15
C TRP B 1089 -17.72 -11.35 -14.07
N PHE B 1090 -18.91 -10.95 -13.63
CA PHE B 1090 -20.03 -11.88 -13.53
C PHE B 1090 -20.44 -12.38 -14.91
N LEU B 1091 -20.43 -11.50 -15.91
CA LEU B 1091 -20.79 -11.94 -17.25
C LEU B 1091 -19.82 -13.00 -17.76
N TYR B 1092 -18.52 -12.76 -17.60
CA TYR B 1092 -17.52 -13.71 -18.07
C TYR B 1092 -17.64 -15.03 -17.34
N LEU B 1093 -17.83 -14.98 -16.02
CA LEU B 1093 -17.97 -16.21 -15.26
C LEU B 1093 -19.20 -16.98 -15.70
N SER B 1094 -20.31 -16.29 -15.95
CA SER B 1094 -21.52 -16.96 -16.39
C SER B 1094 -21.32 -17.61 -17.75
N THR B 1095 -20.64 -16.91 -18.66
CA THR B 1095 -20.38 -17.49 -19.97
C THR B 1095 -19.53 -18.74 -19.85
N LEU B 1096 -18.51 -18.69 -18.99
CA LEU B 1096 -17.67 -19.86 -18.79
C LEU B 1096 -18.46 -21.01 -18.21
N ARG B 1097 -19.37 -20.71 -17.28
CA ARG B 1097 -20.20 -21.76 -16.71
C ARG B 1097 -21.08 -22.40 -17.76
N TRP B 1098 -21.66 -21.58 -18.64
CA TRP B 1098 -22.49 -22.12 -19.71
C TRP B 1098 -21.67 -23.00 -20.63
N PHE B 1099 -20.43 -22.59 -20.92
CA PHE B 1099 -19.56 -23.41 -21.74
C PHE B 1099 -19.26 -24.75 -21.07
N GLN B 1100 -18.99 -24.73 -19.76
CA GLN B 1100 -18.71 -25.97 -19.05
C GLN B 1100 -19.91 -26.90 -19.07
N MET B 1101 -21.11 -26.34 -18.86
CA MET B 1101 -22.31 -27.15 -18.86
C MET B 1101 -22.56 -27.75 -20.23
N ARG B 1102 -22.38 -26.97 -21.28
CA ARG B 1102 -22.60 -27.47 -22.63
C ARG B 1102 -21.60 -28.57 -22.98
N ILE B 1103 -20.34 -28.39 -22.60
CA ILE B 1103 -19.33 -29.42 -22.87
C ILE B 1103 -19.68 -30.70 -22.13
N GLU B 1104 -20.14 -30.57 -20.88
CA GLU B 1104 -20.55 -31.74 -20.13
C GLU B 1104 -21.73 -32.44 -20.80
N MET B 1105 -22.69 -31.66 -21.31
CA MET B 1105 -23.84 -32.25 -21.99
C MET B 1105 -23.41 -33.01 -23.23
N ILE B 1106 -22.49 -32.44 -24.01
CA ILE B 1106 -22.02 -33.10 -25.21
C ILE B 1106 -21.33 -34.41 -24.85
N PHE B 1107 -20.47 -34.38 -23.82
CA PHE B 1107 -19.78 -35.59 -23.41
C PHE B 1107 -20.75 -36.65 -22.94
N VAL B 1108 -21.77 -36.24 -22.17
CA VAL B 1108 -22.75 -37.18 -21.66
C VAL B 1108 -23.52 -37.80 -22.82
N ILE B 1109 -23.89 -37.00 -23.81
CA ILE B 1109 -24.62 -37.54 -24.95
C ILE B 1109 -23.77 -38.55 -25.69
N PHE B 1110 -22.50 -38.24 -25.92
CA PHE B 1110 -21.63 -39.17 -26.62
C PHE B 1110 -21.46 -40.48 -25.84
N PHE B 1111 -21.28 -40.37 -24.53
CA PHE B 1111 -21.12 -41.56 -23.71
C PHE B 1111 -22.39 -42.41 -23.72
N ILE B 1112 -23.55 -41.76 -23.67
CA ILE B 1112 -24.81 -42.49 -23.68
C ILE B 1112 -24.99 -43.23 -25.00
N ALA B 1113 -24.67 -42.56 -26.11
CA ALA B 1113 -24.80 -43.21 -27.40
C ALA B 1113 -23.87 -44.41 -27.51
N VAL B 1114 -22.62 -44.25 -27.06
CA VAL B 1114 -21.68 -45.36 -27.12
C VAL B 1114 -22.16 -46.50 -26.24
N THR B 1115 -22.71 -46.18 -25.07
CA THR B 1115 -23.21 -47.21 -24.17
C THR B 1115 -24.36 -47.98 -24.80
N PHE B 1116 -25.28 -47.26 -25.44
CA PHE B 1116 -26.39 -47.93 -26.10
C PHE B 1116 -25.89 -48.84 -27.21
N ILE B 1117 -24.91 -48.35 -27.99
CA ILE B 1117 -24.38 -49.16 -29.08
C ILE B 1117 -23.73 -50.42 -28.54
N SER B 1118 -22.96 -50.29 -27.45
CA SER B 1118 -22.33 -51.47 -26.87
C SER B 1118 -23.36 -52.43 -26.31
N ILE B 1119 -24.41 -51.90 -25.69
CA ILE B 1119 -25.43 -52.75 -25.10
C ILE B 1119 -26.13 -53.55 -26.20
N LEU B 1120 -26.38 -52.92 -27.34
CA LEU B 1120 -26.96 -53.66 -28.44
C LEU B 1120 -26.00 -54.73 -28.95
N THR B 1121 -24.70 -54.51 -28.81
CA THR B 1121 -23.71 -55.49 -29.25
C THR B 1121 -23.71 -56.70 -28.32
N GLY B 1125 -18.63 -61.69 -26.03
CA GLY B 1125 -17.40 -61.02 -25.63
C GLY B 1125 -17.56 -60.20 -24.37
N GLU B 1126 -16.88 -60.60 -23.31
CA GLU B 1126 -16.98 -59.92 -22.01
C GLU B 1126 -15.86 -58.91 -21.79
N GLY B 1127 -14.62 -59.26 -22.10
CA GLY B 1127 -13.52 -58.37 -21.84
C GLY B 1127 -13.56 -57.10 -22.67
N ARG B 1128 -14.02 -57.22 -23.92
CA ARG B 1128 -14.15 -56.03 -24.75
C ARG B 1128 -15.19 -55.07 -24.18
N VAL B 1129 -16.34 -55.61 -23.75
CA VAL B 1129 -17.38 -54.76 -23.18
C VAL B 1129 -16.88 -54.07 -21.93
N GLY B 1130 -16.19 -54.83 -21.06
CA GLY B 1130 -15.67 -54.23 -19.84
C GLY B 1130 -14.64 -53.17 -20.12
N ILE B 1131 -13.75 -53.43 -21.09
CA ILE B 1131 -12.74 -52.44 -21.44
C ILE B 1131 -13.40 -51.17 -21.95
N ILE B 1132 -14.37 -51.31 -22.85
CA ILE B 1132 -15.03 -50.14 -23.41
C ILE B 1132 -15.73 -49.35 -22.33
N LEU B 1133 -16.47 -50.04 -21.46
CA LEU B 1133 -17.20 -49.35 -20.41
C LEU B 1133 -16.27 -48.63 -19.45
N THR B 1134 -15.18 -49.31 -19.06
CA THR B 1134 -14.25 -48.70 -18.11
C THR B 1134 -13.57 -47.49 -18.71
N LEU B 1135 -13.16 -47.58 -19.98
CA LEU B 1135 -12.55 -46.43 -20.63
C LEU B 1135 -13.54 -45.28 -20.71
N ALA B 1136 -14.81 -45.60 -20.98
CA ALA B 1136 -15.84 -44.58 -20.92
C ALA B 1136 -15.98 -44.04 -19.51
N MET B 1137 -15.85 -44.92 -18.52
CA MET B 1137 -16.03 -44.50 -17.13
C MET B 1137 -14.93 -43.56 -16.65
N ASN B 1138 -13.86 -43.40 -17.42
CA ASN B 1138 -12.75 -42.55 -17.00
C ASN B 1138 -12.56 -41.32 -17.87
N ILE B 1139 -13.03 -41.33 -19.11
CA ILE B 1139 -12.65 -40.32 -20.08
C ILE B 1139 -13.11 -38.92 -19.69
N MET B 1140 -14.11 -38.80 -18.82
CA MET B 1140 -14.74 -37.51 -18.56
C MET B 1140 -13.75 -36.53 -17.93
N SER B 1141 -13.03 -36.95 -16.90
CA SER B 1141 -12.12 -36.04 -16.23
C SER B 1141 -11.01 -35.61 -17.17
N THR B 1142 -10.52 -36.55 -17.98
CA THR B 1142 -9.50 -36.22 -18.96
C THR B 1142 -10.01 -35.20 -19.97
N LEU B 1143 -11.25 -35.37 -20.42
CA LEU B 1143 -11.80 -34.42 -21.39
C LEU B 1143 -11.97 -33.04 -20.78
N GLN B 1144 -12.41 -32.98 -19.52
CA GLN B 1144 -12.55 -31.68 -18.86
C GLN B 1144 -11.20 -31.00 -18.72
N TRP B 1145 -10.19 -31.75 -18.30
CA TRP B 1145 -8.85 -31.20 -18.21
C TRP B 1145 -8.35 -30.75 -19.58
N ALA B 1146 -8.75 -31.48 -20.62
CA ALA B 1146 -8.33 -31.13 -21.97
C ALA B 1146 -8.95 -29.81 -22.42
N VAL B 1147 -10.23 -29.62 -22.13
CA VAL B 1147 -10.89 -28.37 -22.47
C VAL B 1147 -10.23 -27.21 -21.73
N ASN B 1148 -9.96 -27.43 -20.44
CA ASN B 1148 -9.30 -26.39 -19.66
C ASN B 1148 -7.92 -26.07 -20.22
N SER B 1149 -7.19 -27.10 -20.67
CA SER B 1149 -5.86 -26.88 -21.23
C SER B 1149 -5.92 -26.16 -22.56
N SER B 1150 -6.92 -26.45 -23.38
CA SER B 1150 -7.07 -25.72 -24.63
C SER B 1150 -7.34 -24.25 -24.35
N ILE B 1151 -8.19 -23.97 -23.37
CA ILE B 1151 -8.45 -22.58 -23.00
C ILE B 1151 -7.17 -21.93 -22.49
N ASP B 1152 -6.40 -22.66 -21.69
CA ASP B 1152 -5.16 -22.12 -21.13
C ASP B 1152 -4.16 -21.81 -22.23
N VAL B 1153 -4.07 -22.69 -23.23
CA VAL B 1153 -3.17 -22.45 -24.35
C VAL B 1153 -3.61 -21.23 -25.13
N ASP B 1154 -4.92 -21.08 -25.33
CA ASP B 1154 -5.44 -19.90 -26.01
C ASP B 1154 -5.05 -18.63 -25.24
N SER B 1155 -5.15 -18.68 -23.91
CA SER B 1155 -4.76 -17.53 -23.11
C SER B 1155 -3.26 -17.26 -23.21
N LEU B 1156 -2.44 -18.30 -23.16
CA LEU B 1156 -1.00 -18.12 -23.15
C LEU B 1156 -0.48 -17.63 -24.50
N MET B 1157 -1.16 -17.95 -25.59
CA MET B 1157 -0.65 -17.60 -26.91
C MET B 1157 -0.54 -16.08 -27.10
N ARG B 1158 -1.21 -15.29 -26.27
CA ARG B 1158 -1.17 -13.84 -26.45
C ARG B 1158 0.22 -13.29 -26.24
N SER B 1159 0.94 -13.80 -25.24
CA SER B 1159 2.30 -13.33 -25.02
C SER B 1159 3.19 -13.66 -26.20
N VAL B 1160 3.03 -14.85 -26.76
CA VAL B 1160 3.84 -15.23 -27.92
C VAL B 1160 3.52 -14.34 -29.10
N SER B 1161 2.25 -14.00 -29.28
CA SER B 1161 1.88 -13.09 -30.35
C SER B 1161 2.53 -11.72 -30.15
N ARG B 1162 2.52 -11.23 -28.91
CA ARG B 1162 3.16 -9.95 -28.63
C ARG B 1162 4.64 -10.00 -28.92
N VAL B 1163 5.29 -11.10 -28.54
CA VAL B 1163 6.73 -11.24 -28.78
C VAL B 1163 7.02 -11.26 -30.26
N PHE B 1164 6.21 -12.00 -31.02
CA PHE B 1164 6.43 -12.08 -32.46
C PHE B 1164 6.22 -10.73 -33.13
N LYS B 1165 5.22 -9.98 -32.67
CA LYS B 1165 5.00 -8.64 -33.22
C LYS B 1165 6.17 -7.73 -32.90
N PHE B 1166 6.70 -7.82 -31.67
CA PHE B 1166 7.82 -6.97 -31.29
C PHE B 1166 9.07 -7.30 -32.12
N ILE B 1167 9.33 -8.59 -32.34
CA ILE B 1167 10.49 -8.97 -33.13
C ILE B 1167 10.32 -8.53 -34.56
N ASP B 1168 9.09 -8.51 -35.07
CA ASP B 1168 8.83 -8.12 -36.45
C ASP B 1168 8.98 -6.60 -36.59
N MET B 1169 10.23 -6.17 -36.55
CA MET B 1169 10.56 -4.76 -36.62
C MET B 1169 11.65 -4.51 -37.64
N PRO B 1170 11.65 -3.33 -38.27
CA PRO B 1170 12.71 -3.02 -39.22
C PRO B 1170 13.95 -2.47 -38.54
N THR B 1171 15.11 -2.84 -39.06
CA THR B 1171 16.37 -2.35 -38.51
C THR B 1171 16.54 -0.86 -38.83
N GLU B 1172 17.47 -0.23 -38.12
CA GLU B 1172 17.73 1.18 -38.34
C GLU B 1172 18.23 1.43 -39.76
N GLY B 1173 18.87 0.45 -40.38
CA GLY B 1173 19.33 0.60 -41.75
C GLY B 1173 20.80 0.29 -41.92
N GLY B 1207 41.81 13.44 -41.02
CA GLY B 1207 41.37 14.81 -41.21
C GLY B 1207 40.21 15.18 -40.30
N GLY B 1208 39.94 16.48 -40.18
CA GLY B 1208 38.86 16.95 -39.34
C GLY B 1208 37.88 17.86 -40.05
N GLN B 1209 38.21 18.25 -41.28
CA GLN B 1209 37.35 19.14 -42.04
C GLN B 1209 36.04 18.45 -42.39
N MET B 1210 34.98 19.26 -42.53
CA MET B 1210 33.66 18.74 -42.83
C MET B 1210 32.82 19.83 -43.47
N THR B 1211 31.79 19.40 -44.20
CA THR B 1211 30.86 20.31 -44.86
C THR B 1211 29.46 19.73 -44.79
N VAL B 1212 28.51 20.54 -44.33
CA VAL B 1212 27.12 20.13 -44.24
C VAL B 1212 26.28 21.01 -45.16
N LYS B 1213 25.20 20.44 -45.68
CA LYS B 1213 24.30 21.15 -46.57
C LYS B 1213 23.02 20.35 -46.72
N ASP B 1214 21.95 21.03 -47.14
CA ASP B 1214 20.66 20.40 -47.40
C ASP B 1214 20.13 19.66 -46.18
N LEU B 1215 20.43 20.18 -44.99
CA LEU B 1215 20.06 19.51 -43.74
C LEU B 1215 18.55 19.46 -43.53
N THR B 1216 17.99 18.25 -43.55
CA THR B 1216 16.60 18.02 -43.19
C THR B 1216 16.55 17.05 -42.02
N ALA B 1217 15.70 17.35 -41.04
CA ALA B 1217 15.65 16.52 -39.84
C ALA B 1217 14.30 16.67 -39.16
N LYS B 1218 13.97 15.68 -38.34
CA LYS B 1218 12.73 15.64 -37.58
C LYS B 1218 12.81 14.46 -36.62
N TYR B 1219 11.96 14.50 -35.58
CA TYR B 1219 11.88 13.38 -34.64
C TYR B 1219 11.22 12.17 -35.30
N THR B 1220 10.11 12.39 -35.99
CA THR B 1220 9.42 11.35 -36.74
C THR B 1220 9.61 11.57 -38.23
N GLU B 1221 9.05 10.65 -39.01
CA GLU B 1221 9.11 10.77 -40.47
C GLU B 1221 8.20 11.90 -40.92
N GLY B 1222 8.80 13.03 -41.30
CA GLY B 1222 8.04 14.18 -41.75
C GLY B 1222 7.50 15.07 -40.65
N GLY B 1223 8.09 15.00 -39.46
CA GLY B 1223 7.66 15.84 -38.36
C GLY B 1223 8.17 17.27 -38.44
N ASN B 1224 8.39 17.88 -37.28
CA ASN B 1224 8.92 19.23 -37.20
C ASN B 1224 10.29 19.30 -37.87
N ALA B 1225 10.42 20.17 -38.87
CA ALA B 1225 11.68 20.28 -39.61
C ALA B 1225 12.75 20.92 -38.74
N ILE B 1226 13.65 20.09 -38.21
CA ILE B 1226 14.70 20.60 -37.32
C ILE B 1226 15.68 21.50 -38.06
N LEU B 1227 15.84 21.31 -39.37
CA LEU B 1227 16.71 22.16 -40.17
C LEU B 1227 16.10 22.37 -41.54
N GLU B 1228 16.26 23.56 -42.07
CA GLU B 1228 15.76 23.91 -43.40
C GLU B 1228 16.96 24.05 -44.33
N ASN B 1229 17.40 22.91 -44.88
CA ASN B 1229 18.53 22.86 -45.81
C ASN B 1229 19.78 23.50 -45.21
N ILE B 1230 19.92 23.41 -43.89
CA ILE B 1230 20.97 24.15 -43.20
C ILE B 1230 22.35 23.70 -43.67
N SER B 1231 23.30 24.62 -43.62
CA SER B 1231 24.68 24.36 -44.00
C SER B 1231 25.63 24.88 -42.93
N PHE B 1232 26.78 24.24 -42.82
CA PHE B 1232 27.80 24.64 -41.86
C PHE B 1232 29.15 24.09 -42.29
N SER B 1233 30.21 24.77 -41.89
CA SER B 1233 31.58 24.36 -42.21
C SER B 1233 32.33 24.11 -40.91
N ILE B 1234 33.12 23.04 -40.89
CA ILE B 1234 33.90 22.66 -39.72
C ILE B 1234 35.32 23.17 -39.90
N SER B 1235 35.77 24.02 -38.97
CA SER B 1235 37.13 24.52 -39.02
C SER B 1235 38.11 23.45 -38.56
N PRO B 1236 39.34 23.47 -39.09
CA PRO B 1236 40.33 22.46 -38.69
C PRO B 1236 40.90 22.71 -37.30
N GLY B 1237 40.53 21.88 -36.33
CA GLY B 1237 41.09 21.97 -35.01
C GLY B 1237 40.65 23.17 -34.20
N GLN B 1238 39.55 23.82 -34.59
CA GLN B 1238 39.03 24.98 -33.89
C GLN B 1238 37.59 24.73 -33.47
N ARG B 1239 37.25 25.13 -32.24
CA ARG B 1239 35.92 24.91 -31.70
C ARG B 1239 34.94 25.95 -32.24
N VAL B 1240 33.71 25.52 -32.46
CA VAL B 1240 32.64 26.38 -32.97
C VAL B 1240 31.62 26.56 -31.86
N GLY B 1241 31.31 27.82 -31.54
CA GLY B 1241 30.36 28.11 -30.48
C GLY B 1241 28.93 27.94 -30.94
N LEU B 1242 28.18 27.07 -30.26
CA LEU B 1242 26.77 26.86 -30.57
C LEU B 1242 25.97 27.98 -29.91
N LEU B 1243 25.83 29.09 -30.61
CA LEU B 1243 25.22 30.30 -30.07
C LEU B 1243 23.98 30.69 -30.85
N GLY B 1244 23.44 31.86 -30.56
CA GLY B 1244 22.25 32.35 -31.24
C GLY B 1244 20.97 32.03 -30.49
N ARG B 1245 20.10 31.22 -31.09
CA ARG B 1245 18.84 30.89 -30.45
C ARG B 1245 19.05 29.84 -29.38
N THR B 1246 19.91 30.12 -28.41
CA THR B 1246 20.18 29.18 -27.33
C THR B 1246 19.01 29.16 -26.36
N GLY B 1247 18.59 27.97 -25.99
CA GLY B 1247 17.37 27.78 -25.22
C GLY B 1247 16.17 27.40 -26.03
N SER B 1248 16.26 27.54 -27.36
CA SER B 1248 15.22 27.04 -28.25
C SER B 1248 15.38 25.56 -28.57
N GLY B 1249 16.44 24.93 -28.07
CA GLY B 1249 16.67 23.52 -28.28
C GLY B 1249 17.84 23.23 -29.19
N LYS B 1250 18.97 22.85 -28.61
CA LYS B 1250 20.14 22.44 -29.36
C LYS B 1250 20.39 20.94 -29.30
N SER B 1251 19.67 20.22 -28.42
CA SER B 1251 19.86 18.78 -28.35
C SER B 1251 19.50 18.11 -29.67
N THR B 1252 18.55 18.67 -30.41
CA THR B 1252 18.20 18.09 -31.70
C THR B 1252 19.36 18.20 -32.69
N LEU B 1253 20.02 19.35 -32.73
CA LEU B 1253 21.15 19.49 -33.64
C LEU B 1253 22.30 18.59 -33.22
N LEU B 1254 22.51 18.46 -31.91
CA LEU B 1254 23.55 17.56 -31.43
C LEU B 1254 23.26 16.11 -31.81
N SER B 1255 22.00 15.69 -31.69
CA SER B 1255 21.65 14.33 -32.11
C SER B 1255 21.80 14.17 -33.61
N ALA B 1256 21.48 15.22 -34.37
CA ALA B 1256 21.66 15.19 -35.81
C ALA B 1256 23.13 15.10 -36.19
N PHE B 1257 24.03 15.58 -35.32
CA PHE B 1257 25.45 15.42 -35.60
C PHE B 1257 25.84 13.94 -35.68
N LEU B 1258 25.10 13.07 -34.99
CA LEU B 1258 25.27 11.63 -35.12
C LEU B 1258 24.15 10.99 -35.94
N ARG B 1259 23.23 11.78 -36.48
CA ARG B 1259 22.09 11.27 -37.25
C ARG B 1259 21.25 10.29 -36.43
N LEU B 1260 21.08 10.60 -35.14
CA LEU B 1260 20.26 9.79 -34.25
C LEU B 1260 18.79 10.10 -34.36
N LEU B 1261 18.40 10.94 -35.32
CA LEU B 1261 17.00 11.32 -35.52
C LEU B 1261 16.59 11.04 -36.96
N ASN B 1262 15.30 11.25 -37.23
CA ASN B 1262 14.76 11.04 -38.57
C ASN B 1262 15.25 12.20 -39.45
N THR B 1263 16.47 12.05 -39.95
CA THR B 1263 17.16 13.12 -40.64
C THR B 1263 17.75 12.61 -41.95
N GLU B 1264 17.86 13.52 -42.91
CA GLU B 1264 18.47 13.22 -44.19
C GLU B 1264 19.02 14.52 -44.77
N GLY B 1265 20.10 14.39 -45.53
CA GLY B 1265 20.78 15.54 -46.09
C GLY B 1265 22.19 15.23 -46.53
N GLU B 1266 23.13 16.14 -46.31
CA GLU B 1266 24.51 15.96 -46.68
C GLU B 1266 25.43 16.21 -45.50
N ILE B 1267 26.35 15.27 -45.26
CA ILE B 1267 27.41 15.43 -44.28
C ILE B 1267 28.69 14.87 -44.89
N GLN B 1268 29.55 15.76 -45.39
CA GLN B 1268 30.78 15.38 -46.08
C GLN B 1268 31.97 15.78 -45.22
N ILE B 1269 32.38 14.87 -44.34
CA ILE B 1269 33.47 15.10 -43.40
C ILE B 1269 34.72 14.43 -43.96
N ASP B 1270 35.79 15.21 -44.14
CA ASP B 1270 37.08 14.70 -44.59
C ASP B 1270 36.97 13.99 -45.93
N GLY B 1271 36.03 14.43 -46.77
CA GLY B 1271 35.77 13.79 -48.04
C GLY B 1271 34.85 12.59 -47.99
N VAL B 1272 34.60 12.06 -46.80
CA VAL B 1272 33.72 10.90 -46.63
C VAL B 1272 32.29 11.38 -46.50
N SER B 1273 31.37 10.65 -47.10
CA SER B 1273 29.96 11.00 -47.08
C SER B 1273 29.22 10.22 -46.01
N TRP B 1274 27.98 10.61 -45.78
CA TRP B 1274 27.11 9.97 -44.79
C TRP B 1274 26.51 8.67 -45.29
N ASP B 1275 26.74 8.30 -46.55
CA ASP B 1275 26.13 7.11 -47.14
C ASP B 1275 27.09 5.94 -47.23
N SER B 1276 28.32 6.17 -47.70
CA SER B 1276 29.22 5.06 -47.98
C SER B 1276 29.58 4.28 -46.72
N ILE B 1277 29.86 4.99 -45.63
CA ILE B 1277 30.27 4.35 -44.39
C ILE B 1277 29.05 3.85 -43.64
N THR B 1278 29.16 2.64 -43.08
CA THR B 1278 28.09 2.14 -42.22
C THR B 1278 27.95 3.03 -41.00
N LEU B 1279 26.70 3.19 -40.54
CA LEU B 1279 26.43 4.09 -39.43
C LEU B 1279 27.23 3.72 -38.19
N GLN B 1280 27.46 2.43 -37.97
CA GLN B 1280 28.28 2.02 -36.84
C GLN B 1280 29.71 2.52 -36.98
N GLN B 1281 30.19 2.69 -38.20
CA GLN B 1281 31.53 3.21 -38.44
C GLN B 1281 31.55 4.71 -38.69
N TRP B 1282 30.47 5.27 -39.22
CA TRP B 1282 30.45 6.70 -39.53
C TRP B 1282 30.33 7.55 -38.27
N ARG B 1283 29.50 7.12 -37.32
CA ARG B 1283 29.23 7.92 -36.13
C ARG B 1283 30.36 7.90 -35.12
N LYS B 1284 31.33 6.99 -35.28
CA LYS B 1284 32.36 6.83 -34.25
C LYS B 1284 33.22 8.08 -34.10
N ALA B 1285 33.38 8.85 -35.18
CA ALA B 1285 34.27 10.02 -35.12
C ALA B 1285 33.73 11.09 -34.18
N PHE B 1286 32.42 11.15 -34.00
CA PHE B 1286 31.83 12.15 -33.12
C PHE B 1286 32.05 11.78 -31.66
N GLY B 1287 32.24 12.78 -30.82
CA GLY B 1287 32.37 12.58 -29.39
C GLY B 1287 31.18 13.10 -28.61
N VAL B 1288 30.45 12.20 -27.94
CA VAL B 1288 29.24 12.59 -27.24
C VAL B 1288 29.61 13.16 -25.87
N ILE B 1289 28.90 14.21 -25.47
CA ILE B 1289 29.02 14.78 -24.13
C ILE B 1289 27.61 15.03 -23.61
N PRO B 1290 26.86 13.97 -23.32
CA PRO B 1290 25.46 14.15 -22.91
C PRO B 1290 25.34 14.85 -21.57
N GLN B 1291 24.22 15.55 -21.40
CA GLN B 1291 23.93 16.19 -20.11
C GLN B 1291 23.85 15.16 -18.99
N LYS B 1292 23.28 14.01 -19.28
CA LYS B 1292 23.19 12.90 -18.32
C LYS B 1292 24.14 11.80 -18.75
N VAL B 1293 25.05 11.43 -17.86
CA VAL B 1293 26.07 10.43 -18.18
C VAL B 1293 25.48 9.04 -18.04
N PHE B 1294 25.70 8.20 -19.04
CA PHE B 1294 25.29 6.80 -18.99
C PHE B 1294 26.45 5.97 -18.46
N ILE B 1295 26.21 5.29 -17.33
CA ILE B 1295 27.23 4.49 -16.67
C ILE B 1295 26.68 3.08 -16.51
N PHE B 1296 27.39 2.09 -17.06
CA PHE B 1296 27.02 0.71 -16.86
C PHE B 1296 27.35 0.28 -15.43
N SER B 1297 26.38 -0.34 -14.76
CA SER B 1297 26.56 -0.78 -13.38
C SER B 1297 27.56 -1.93 -13.36
N GLY B 1298 28.75 -1.67 -12.83
CA GLY B 1298 29.77 -2.69 -12.77
C GLY B 1298 31.10 -2.10 -12.36
N THR B 1299 32.10 -2.97 -12.32
CA THR B 1299 33.45 -2.55 -11.99
C THR B 1299 33.98 -1.59 -13.04
N PHE B 1300 34.92 -0.74 -12.63
CA PHE B 1300 35.45 0.29 -13.51
C PHE B 1300 36.11 -0.29 -14.76
N ARG B 1301 36.74 -1.45 -14.64
CA ARG B 1301 37.39 -2.05 -15.81
C ARG B 1301 36.38 -2.37 -16.90
N LYS B 1302 35.23 -2.95 -16.53
CA LYS B 1302 34.19 -3.20 -17.50
C LYS B 1302 33.42 -1.92 -17.85
N ASN B 1303 33.15 -1.09 -16.85
CA ASN B 1303 32.31 0.08 -17.08
C ASN B 1303 32.99 1.09 -17.98
N LEU B 1304 34.31 1.13 -17.97
CA LEU B 1304 35.04 2.07 -18.81
C LEU B 1304 35.52 1.45 -20.12
N ASP B 1305 35.61 0.12 -20.19
CA ASP B 1305 36.09 -0.56 -21.40
C ASP B 1305 35.12 -1.67 -21.74
N PRO B 1306 33.91 -1.32 -22.18
CA PRO B 1306 32.97 -2.36 -22.61
C PRO B 1306 33.47 -3.20 -23.77
N TYR B 1307 34.23 -2.60 -24.69
CA TYR B 1307 34.73 -3.37 -25.83
C TYR B 1307 35.84 -4.32 -25.41
N GLU B 1308 36.60 -3.96 -24.38
CA GLU B 1308 37.70 -4.78 -23.87
C GLU B 1308 38.73 -5.06 -24.97
N GLN B 1309 39.36 -3.98 -25.45
CA GLN B 1309 40.36 -4.07 -26.51
C GLN B 1309 41.57 -3.19 -26.21
N TRP B 1310 41.85 -2.94 -24.94
CA TRP B 1310 42.96 -2.08 -24.55
C TRP B 1310 43.75 -2.74 -23.42
N SER B 1311 44.88 -2.13 -23.08
CA SER B 1311 45.74 -2.63 -22.02
C SER B 1311 45.48 -1.89 -20.71
N ASP B 1312 45.65 -2.62 -19.61
CA ASP B 1312 45.40 -2.04 -18.29
C ASP B 1312 46.39 -0.94 -17.94
N GLN B 1313 47.67 -1.12 -18.31
CA GLN B 1313 48.65 -0.07 -18.05
C GLN B 1313 48.32 1.20 -18.83
N GLU B 1314 47.91 1.04 -20.10
CA GLU B 1314 47.51 2.22 -20.88
C GLU B 1314 46.28 2.87 -20.28
N ILE B 1315 45.35 2.06 -19.77
CA ILE B 1315 44.16 2.62 -19.13
C ILE B 1315 44.53 3.43 -17.90
N TRP B 1316 45.43 2.90 -17.08
CA TRP B 1316 45.84 3.65 -15.89
C TRP B 1316 46.59 4.92 -16.26
N LYS B 1317 47.45 4.85 -17.29
CA LYS B 1317 48.18 6.03 -17.72
C LYS B 1317 47.23 7.10 -18.25
N VAL B 1318 46.24 6.71 -19.05
CA VAL B 1318 45.29 7.67 -19.57
C VAL B 1318 44.44 8.25 -18.44
N ALA B 1319 44.05 7.42 -17.46
CA ALA B 1319 43.25 7.91 -16.34
C ALA B 1319 44.02 8.94 -15.53
N ASP B 1320 45.32 8.69 -15.31
CA ASP B 1320 46.15 9.72 -14.70
C ASP B 1320 46.19 10.96 -15.57
N GLU B 1321 46.29 10.78 -16.90
CA GLU B 1321 46.24 11.92 -17.80
C GLU B 1321 44.86 12.55 -17.84
N VAL B 1322 43.81 11.81 -17.48
CA VAL B 1322 42.45 12.32 -17.49
C VAL B 1322 41.94 12.62 -16.09
N GLY B 1323 42.84 12.64 -15.10
CA GLY B 1323 42.42 12.99 -13.75
C GLY B 1323 41.49 12.00 -13.10
N LEU B 1324 41.66 10.70 -13.37
CA LEU B 1324 40.82 9.69 -12.76
C LEU B 1324 41.54 8.83 -11.74
N ARG B 1325 42.88 8.86 -11.71
CA ARG B 1325 43.61 8.02 -10.76
C ARG B 1325 43.28 8.41 -9.33
N SER B 1326 43.28 9.71 -9.04
CA SER B 1326 42.86 10.15 -7.72
C SER B 1326 41.37 9.98 -7.53
N VAL B 1327 40.58 10.19 -8.60
CA VAL B 1327 39.15 9.97 -8.50
C VAL B 1327 38.83 8.51 -8.23
N ILE B 1328 39.74 7.59 -8.57
CA ILE B 1328 39.52 6.18 -8.32
C ILE B 1328 40.23 5.68 -7.06
N GLU B 1329 41.18 6.45 -6.52
CA GLU B 1329 41.90 6.00 -5.34
C GLU B 1329 40.97 5.85 -4.13
N GLN B 1330 39.89 6.62 -4.09
CA GLN B 1330 38.92 6.57 -2.99
C GLN B 1330 37.91 5.44 -3.15
N PHE B 1331 37.96 4.70 -4.25
CA PHE B 1331 37.03 3.62 -4.53
C PHE B 1331 37.49 2.32 -3.88
N PRO B 1332 36.58 1.36 -3.72
CA PRO B 1332 36.97 0.07 -3.16
C PRO B 1332 38.02 -0.62 -4.01
N GLY B 1333 38.99 -1.23 -3.35
CA GLY B 1333 40.07 -1.88 -4.06
C GLY B 1333 40.84 -0.86 -4.87
N LYS B 1334 41.16 -1.19 -6.11
CA LYS B 1334 41.85 -0.28 -7.02
C LYS B 1334 40.97 0.10 -8.20
N LEU B 1335 40.49 -0.87 -8.96
CA LEU B 1335 39.63 -0.59 -10.10
C LEU B 1335 38.43 -1.52 -10.19
N ASP B 1336 38.28 -2.48 -9.27
CA ASP B 1336 37.21 -3.45 -9.33
C ASP B 1336 35.90 -2.94 -8.76
N PHE B 1337 35.85 -1.69 -8.29
CA PHE B 1337 34.67 -1.17 -7.62
C PHE B 1337 33.43 -1.24 -8.53
N VAL B 1338 32.48 -2.08 -8.15
CA VAL B 1338 31.24 -2.22 -8.92
C VAL B 1338 30.42 -0.95 -8.80
N LEU B 1339 29.91 -0.46 -9.93
CA LEU B 1339 29.10 0.76 -9.97
C LEU B 1339 27.66 0.49 -9.54
N VAL B 1340 27.49 0.24 -8.25
CA VAL B 1340 26.16 -0.01 -7.71
C VAL B 1340 25.30 1.24 -7.88
N ASP B 1341 24.00 1.02 -8.11
CA ASP B 1341 23.01 2.09 -8.23
C ASP B 1341 23.39 3.07 -9.34
N GLY B 1342 23.89 2.53 -10.45
CA GLY B 1342 24.31 3.38 -11.54
C GLY B 1342 25.54 4.20 -11.24
N GLY B 1343 26.44 3.69 -10.41
CA GLY B 1343 27.62 4.45 -10.03
C GLY B 1343 27.26 5.61 -9.14
N CYS B 1344 26.40 5.36 -8.14
CA CYS B 1344 25.92 6.42 -7.27
C CYS B 1344 27.04 7.14 -6.55
N VAL B 1345 28.19 6.48 -6.35
CA VAL B 1345 29.30 7.14 -5.68
C VAL B 1345 29.81 8.31 -6.50
N LEU B 1346 29.83 8.19 -7.82
CA LEU B 1346 30.38 9.23 -8.67
C LEU B 1346 29.48 10.46 -8.68
N SER B 1347 30.08 11.63 -8.55
CA SER B 1347 29.34 12.89 -8.64
C SER B 1347 29.14 13.28 -10.11
N HIS B 1348 28.34 14.33 -10.32
CA HIS B 1348 28.04 14.76 -11.68
C HIS B 1348 29.30 15.21 -12.40
N GLY B 1349 30.14 16.01 -11.74
CA GLY B 1349 31.40 16.40 -12.35
C GLY B 1349 32.35 15.24 -12.52
N HIS B 1350 32.39 14.33 -11.54
CA HIS B 1350 33.21 13.13 -11.69
C HIS B 1350 32.71 12.28 -12.86
N LYS B 1351 31.39 12.19 -13.01
CA LYS B 1351 30.84 11.44 -14.14
C LYS B 1351 31.17 12.10 -15.46
N GLN B 1352 31.14 13.44 -15.51
CA GLN B 1352 31.53 14.13 -16.72
C GLN B 1352 33.00 13.86 -17.05
N LEU B 1353 33.85 13.86 -16.03
CA LEU B 1353 35.26 13.55 -16.25
C LEU B 1353 35.42 12.13 -16.77
N MET B 1354 34.65 11.20 -16.24
CA MET B 1354 34.72 9.82 -16.70
C MET B 1354 34.29 9.72 -18.16
N CYS B 1355 33.22 10.42 -18.52
CA CYS B 1355 32.77 10.41 -19.90
C CYS B 1355 33.83 10.98 -20.83
N LEU B 1356 34.46 12.08 -20.41
CA LEU B 1356 35.51 12.68 -21.22
C LEU B 1356 36.69 11.73 -21.37
N ALA B 1357 37.05 11.04 -20.29
CA ALA B 1357 38.14 10.08 -20.36
C ALA B 1357 37.80 8.94 -21.31
N ARG B 1358 36.57 8.45 -21.24
CA ARG B 1358 36.16 7.37 -22.14
C ARG B 1358 36.21 7.83 -23.59
N SER B 1359 35.76 9.06 -23.85
CA SER B 1359 35.81 9.58 -25.20
C SER B 1359 37.24 9.72 -25.68
N VAL B 1360 38.13 10.18 -24.80
CA VAL B 1360 39.54 10.31 -25.17
C VAL B 1360 40.13 8.94 -25.47
N LEU B 1361 39.70 7.93 -24.71
CA LEU B 1361 40.15 6.57 -24.98
C LEU B 1361 39.66 6.11 -26.34
N SER B 1362 38.44 6.48 -26.71
CA SER B 1362 37.92 6.11 -28.02
C SER B 1362 38.66 6.79 -29.15
N LYS B 1363 39.33 7.91 -28.87
CA LYS B 1363 40.12 8.66 -29.88
C LYS B 1363 39.22 9.15 -31.01
N ALA B 1364 38.12 9.80 -30.64
CA ALA B 1364 37.20 10.36 -31.62
C ALA B 1364 37.77 11.66 -32.21
N LYS B 1365 37.49 11.87 -33.50
CA LYS B 1365 37.99 13.06 -34.18
C LYS B 1365 37.18 14.31 -33.85
N ILE B 1366 36.00 14.18 -33.24
CA ILE B 1366 35.15 15.32 -32.92
C ILE B 1366 34.63 15.15 -31.50
N LEU B 1367 34.22 16.27 -30.89
CA LEU B 1367 33.69 16.23 -29.53
C LEU B 1367 32.78 17.45 -29.33
N LEU B 1368 31.47 17.21 -29.35
CA LEU B 1368 30.48 18.28 -29.13
C LEU B 1368 30.16 18.36 -27.64
N LEU B 1369 30.55 19.47 -26.99
CA LEU B 1369 30.23 19.67 -25.59
C LEU B 1369 28.84 20.27 -25.42
N ASP B 1370 28.23 20.01 -24.26
CA ASP B 1370 26.88 20.48 -24.00
C ASP B 1370 26.67 20.73 -22.52
N GLU B 1371 26.22 21.94 -22.17
CA GLU B 1371 25.82 22.32 -20.83
C GLU B 1371 26.90 22.08 -19.79
N PRO B 1372 28.13 22.53 -20.03
CA PRO B 1372 29.20 22.30 -19.05
C PRO B 1372 28.94 22.96 -17.71
N SER B 1373 28.78 24.28 -17.72
CA SER B 1373 28.59 24.99 -16.46
C SER B 1373 27.25 24.68 -15.81
N ALA B 1374 26.28 24.20 -16.58
CA ALA B 1374 24.98 23.89 -16.01
C ALA B 1374 25.07 22.69 -15.07
N HIS B 1375 25.83 21.67 -15.46
CA HIS B 1375 25.93 20.45 -14.65
C HIS B 1375 27.07 20.52 -13.63
N LEU B 1376 28.10 21.32 -13.89
CA LEU B 1376 29.30 21.32 -13.07
C LEU B 1376 29.22 22.33 -11.93
N ASP B 1377 29.79 21.95 -10.79
CA ASP B 1377 29.98 22.85 -9.66
C ASP B 1377 31.17 23.75 -9.96
N PRO B 1378 31.49 24.68 -9.06
CA PRO B 1378 32.60 25.62 -9.34
C PRO B 1378 33.93 24.92 -9.57
N VAL B 1379 34.40 24.14 -8.60
CA VAL B 1379 35.68 23.47 -8.76
C VAL B 1379 35.62 22.41 -9.84
N THR B 1380 34.47 21.75 -9.98
CA THR B 1380 34.34 20.75 -11.03
C THR B 1380 34.44 21.39 -12.41
N TYR B 1381 33.78 22.54 -12.60
CA TYR B 1381 33.88 23.23 -13.88
C TYR B 1381 35.31 23.69 -14.14
N GLN B 1382 36.00 24.14 -13.11
CA GLN B 1382 37.38 24.60 -13.28
C GLN B 1382 38.29 23.45 -13.72
N ILE B 1383 38.19 22.31 -13.03
CA ILE B 1383 39.00 21.16 -13.39
C ILE B 1383 38.65 20.68 -14.79
N ILE B 1384 37.36 20.66 -15.12
CA ILE B 1384 36.94 20.22 -16.45
C ILE B 1384 37.50 21.14 -17.52
N ARG B 1385 37.43 22.45 -17.31
CA ARG B 1385 37.95 23.39 -18.28
C ARG B 1385 39.46 23.22 -18.44
N ARG B 1386 40.17 23.07 -17.33
CA ARG B 1386 41.61 22.88 -17.42
C ARG B 1386 41.95 21.62 -18.20
N THR B 1387 41.26 20.52 -17.92
CA THR B 1387 41.56 19.26 -18.58
C THR B 1387 41.23 19.33 -20.06
N LEU B 1388 40.08 19.92 -20.41
CA LEU B 1388 39.68 20.00 -21.81
C LEU B 1388 40.63 20.90 -22.59
N LYS B 1389 40.99 22.05 -22.02
CA LYS B 1389 41.89 22.96 -22.72
C LYS B 1389 43.30 22.43 -22.77
N GLN B 1390 43.68 21.52 -21.87
CA GLN B 1390 45.03 20.96 -21.91
C GLN B 1390 45.13 19.79 -22.88
N ALA B 1391 44.32 18.75 -22.64
CA ALA B 1391 44.46 17.53 -23.43
C ALA B 1391 43.70 17.62 -24.74
N PHE B 1392 42.43 18.04 -24.69
CA PHE B 1392 41.58 18.05 -25.87
C PHE B 1392 41.76 19.30 -26.71
N ALA B 1393 42.93 19.93 -26.63
CA ALA B 1393 43.15 21.15 -27.41
C ALA B 1393 43.18 20.88 -28.91
N ASP B 1394 43.39 19.63 -29.30
CA ASP B 1394 43.59 19.27 -30.71
C ASP B 1394 42.32 18.72 -31.36
N CYS B 1395 41.15 19.22 -30.98
CA CYS B 1395 39.89 18.74 -31.51
C CYS B 1395 39.00 19.90 -31.93
N THR B 1396 38.19 19.68 -32.96
CA THR B 1396 37.21 20.67 -33.42
C THR B 1396 35.93 20.49 -32.62
N VAL B 1397 35.90 21.09 -31.44
CA VAL B 1397 34.83 20.91 -30.47
C VAL B 1397 33.63 21.79 -30.79
N ILE B 1398 32.49 21.48 -30.18
CA ILE B 1398 31.34 22.38 -30.18
C ILE B 1398 30.73 22.42 -28.79
N LEU B 1399 31.07 23.42 -28.00
CA LEU B 1399 30.53 23.58 -26.65
C LEU B 1399 29.22 24.36 -26.72
N CYS B 1400 28.11 23.66 -26.55
CA CYS B 1400 26.80 24.29 -26.59
C CYS B 1400 26.46 24.86 -25.21
N GLU B 1401 26.13 26.14 -25.17
CA GLU B 1401 25.76 26.81 -23.92
C GLU B 1401 24.56 27.70 -24.15
N HIS B 1402 23.59 27.63 -23.24
CA HIS B 1402 22.47 28.56 -23.28
C HIS B 1402 22.94 29.99 -23.03
N ARG B 1403 23.85 30.17 -22.08
CA ARG B 1403 24.41 31.48 -21.79
C ARG B 1403 25.52 31.79 -22.79
N ILE B 1404 25.39 32.93 -23.48
CA ILE B 1404 26.40 33.31 -24.46
C ILE B 1404 27.73 33.62 -23.79
N GLU B 1405 27.70 34.10 -22.54
CA GLU B 1405 28.94 34.43 -21.85
C GLU B 1405 29.81 33.21 -21.62
N ALA B 1406 29.19 32.06 -21.33
CA ALA B 1406 29.98 30.86 -21.13
C ALA B 1406 30.68 30.43 -22.40
N MET B 1407 30.01 30.57 -23.54
CA MET B 1407 30.57 30.21 -24.83
C MET B 1407 31.43 31.31 -25.43
N LEU B 1408 31.57 32.45 -24.76
CA LEU B 1408 32.31 33.57 -25.32
C LEU B 1408 33.77 33.24 -25.56
N GLU B 1409 34.32 32.24 -24.86
CA GLU B 1409 35.72 31.89 -25.06
C GLU B 1409 35.97 31.24 -26.42
N CYS B 1410 34.94 30.71 -27.07
CA CYS B 1410 35.13 29.98 -28.31
C CYS B 1410 35.59 30.88 -29.44
N GLN B 1411 36.45 30.33 -30.31
CA GLN B 1411 36.93 31.08 -31.47
C GLN B 1411 35.85 31.21 -32.53
N GLN B 1412 35.39 30.08 -33.07
CA GLN B 1412 34.32 30.11 -34.07
C GLN B 1412 32.96 30.24 -33.39
N PHE B 1413 31.98 30.67 -34.16
CA PHE B 1413 30.64 30.90 -33.63
C PHE B 1413 29.61 30.55 -34.69
N LEU B 1414 28.70 29.63 -34.35
CA LEU B 1414 27.59 29.25 -35.20
C LEU B 1414 26.30 29.69 -34.51
N VAL B 1415 25.76 30.84 -34.93
CA VAL B 1415 24.54 31.36 -34.33
C VAL B 1415 23.34 30.53 -34.77
N ILE B 1416 22.43 30.29 -33.84
CA ILE B 1416 21.19 29.56 -34.13
C ILE B 1416 20.05 30.55 -34.27
N GLU B 1417 19.06 30.16 -35.07
CA GLU B 1417 17.82 30.92 -35.20
C GLU B 1417 16.72 29.97 -35.64
N GLU B 1418 15.48 30.39 -35.44
CA GLU B 1418 14.34 29.55 -35.78
C GLU B 1418 14.35 29.21 -37.26
N ASN B 1419 14.54 27.93 -37.56
CA ASN B 1419 14.54 27.36 -38.91
C ASN B 1419 15.71 27.85 -39.76
N LYS B 1420 16.71 28.51 -39.17
CA LYS B 1420 17.86 28.99 -39.94
C LYS B 1420 19.06 29.10 -38.99
N VAL B 1421 19.97 28.13 -39.07
CA VAL B 1421 21.19 28.15 -38.28
C VAL B 1421 22.26 28.94 -39.01
N ARG B 1422 22.32 30.25 -38.75
CA ARG B 1422 23.27 31.12 -39.43
C ARG B 1422 24.70 30.84 -38.97
N GLN B 1423 25.64 31.58 -39.57
CA GLN B 1423 27.04 31.49 -39.24
C GLN B 1423 27.60 32.90 -39.01
N TYR B 1424 28.39 33.07 -37.95
CA TYR B 1424 29.01 34.35 -37.61
C TYR B 1424 30.45 34.06 -37.22
N ASP B 1425 31.37 34.26 -38.17
CA ASP B 1425 32.76 33.89 -37.96
C ASP B 1425 33.40 34.63 -36.79
N SER B 1426 33.01 35.89 -36.56
CA SER B 1426 33.67 36.71 -35.55
C SER B 1426 32.64 37.43 -34.69
N ILE B 1427 33.02 37.69 -33.44
CA ILE B 1427 32.14 38.37 -32.51
C ILE B 1427 31.87 39.80 -32.91
N GLN B 1428 32.74 40.39 -33.74
CA GLN B 1428 32.56 41.76 -34.18
C GLN B 1428 31.23 41.97 -34.88
N LYS B 1429 30.69 40.92 -35.49
CA LYS B 1429 29.36 40.94 -36.04
C LYS B 1429 28.38 40.05 -35.28
N LEU B 1430 28.88 39.01 -34.61
CA LEU B 1430 27.99 38.12 -33.87
C LEU B 1430 27.33 38.84 -32.70
N LEU B 1431 28.12 39.58 -31.90
CA LEU B 1431 27.54 40.27 -30.76
C LEU B 1431 26.65 41.43 -31.19
N ASN B 1432 26.89 42.00 -32.37
CA ASN B 1432 26.13 43.15 -32.82
C ASN B 1432 24.87 42.77 -33.59
N GLU B 1433 24.81 41.59 -34.18
CA GLU B 1433 23.68 41.24 -35.02
C GLU B 1433 22.90 40.05 -34.47
N ARG B 1434 23.59 38.98 -34.12
CA ARG B 1434 22.90 37.78 -33.64
C ARG B 1434 22.35 38.00 -32.24
N SER B 1435 23.19 38.46 -31.32
CA SER B 1435 22.72 38.76 -29.98
C SER B 1435 22.03 40.11 -29.90
N LEU B 1436 22.38 41.02 -30.81
CA LEU B 1436 21.78 42.35 -30.82
C LEU B 1436 21.19 42.67 -32.19
N GLN C 13 -30.67 -4.35 40.30
CA GLN C 13 -32.00 -4.48 40.89
C GLN C 13 -32.03 -3.98 42.33
N GLU C 14 -32.65 -4.77 43.20
CA GLU C 14 -32.73 -4.46 44.62
C GLU C 14 -33.42 -3.11 44.84
N SER C 15 -32.63 -2.06 45.03
CA SER C 15 -33.21 -0.74 45.25
C SER C 15 -33.97 -0.26 44.01
N VAL C 16 -33.53 -0.65 42.81
CA VAL C 16 -34.18 -0.17 41.60
C VAL C 16 -35.58 -0.75 41.47
N LYS C 17 -35.72 -2.07 41.63
CA LYS C 17 -37.03 -2.69 41.51
C LYS C 17 -37.96 -2.22 42.62
N GLU C 18 -37.45 -2.12 43.84
CA GLU C 18 -38.25 -1.64 44.95
C GLU C 18 -38.66 -0.18 44.76
N PHE C 19 -37.81 0.63 44.14
CA PHE C 19 -38.16 2.02 43.87
C PHE C 19 -39.26 2.10 42.82
N LEU C 20 -39.18 1.26 41.78
CA LEU C 20 -40.26 1.21 40.80
C LEU C 20 -41.56 0.78 41.45
N ALA C 21 -41.50 -0.17 42.39
CA ALA C 21 -42.69 -0.59 43.10
C ALA C 21 -43.23 0.51 44.00
N LYS C 22 -42.34 1.27 44.63
CA LYS C 22 -42.78 2.37 45.48
C LYS C 22 -43.47 3.45 44.65
N ALA C 23 -42.93 3.75 43.48
CA ALA C 23 -43.58 4.70 42.59
C ALA C 23 -44.92 4.17 42.10
N LYS C 24 -44.98 2.88 41.76
CA LYS C 24 -46.22 2.29 41.27
C LYS C 24 -47.28 2.24 42.36
N GLU C 25 -46.87 2.07 43.62
CA GLU C 25 -47.83 1.99 44.70
C GLU C 25 -48.60 3.30 44.86
N ASP C 26 -47.96 4.42 44.54
CA ASP C 26 -48.63 5.71 44.66
C ASP C 26 -49.22 6.22 43.35
N PHE C 27 -48.75 5.71 42.20
CA PHE C 27 -49.19 6.28 40.92
C PHE C 27 -50.70 6.18 40.74
N LEU C 28 -51.26 5.00 40.97
CA LEU C 28 -52.69 4.81 40.72
C LEU C 28 -53.55 5.54 41.73
N LYS C 29 -53.02 5.73 42.95
CA LYS C 29 -53.82 6.38 43.98
C LYS C 29 -54.16 7.81 43.59
N LYS C 30 -53.16 8.55 43.12
CA LYS C 30 -53.44 9.88 42.61
C LYS C 30 -54.12 9.81 41.25
N TRP C 31 -53.87 8.74 40.48
CA TRP C 31 -54.65 8.53 39.28
C TRP C 31 -56.11 8.30 39.61
N GLU C 32 -56.41 7.87 40.83
CA GLU C 32 -57.77 7.63 41.28
C GLU C 32 -58.44 8.86 41.88
N ASN C 33 -57.70 9.94 42.12
CA ASN C 33 -58.24 11.10 42.82
C ASN C 33 -57.92 12.37 42.04
N PRO C 34 -58.58 12.56 40.90
CA PRO C 34 -58.35 13.78 40.12
C PRO C 34 -58.87 15.01 40.84
N ALA C 35 -58.20 16.14 40.63
CA ALA C 35 -58.63 17.43 41.14
C ALA C 35 -59.26 18.25 40.01
N GLN C 36 -59.95 19.32 40.42
CA GLN C 36 -60.62 20.18 39.45
C GLN C 36 -60.75 21.59 40.01
N ASN C 37 -60.58 22.58 39.14
CA ASN C 37 -60.78 23.99 39.45
C ASN C 37 -59.93 24.42 40.65
N THR C 38 -58.62 24.24 40.52
CA THR C 38 -57.72 24.61 41.60
C THR C 38 -57.42 26.11 41.65
N ALA C 39 -57.73 26.86 40.59
CA ALA C 39 -57.40 28.29 40.56
C ALA C 39 -58.24 28.97 39.49
N HIS C 40 -58.22 30.31 39.55
CA HIS C 40 -58.87 31.15 38.56
C HIS C 40 -57.84 32.16 38.04
N LEU C 41 -58.08 32.63 36.82
CA LEU C 41 -57.14 33.52 36.13
C LEU C 41 -57.27 34.94 36.70
N ASP C 42 -56.82 35.10 37.95
CA ASP C 42 -56.82 36.42 38.57
C ASP C 42 -55.56 36.70 39.37
N GLN C 43 -54.53 35.86 39.32
CA GLN C 43 -53.32 36.06 40.11
C GLN C 43 -52.07 35.81 39.29
N PHE C 44 -52.06 36.30 38.05
CA PHE C 44 -50.96 36.05 37.12
C PHE C 44 -50.50 37.37 36.51
N GLU C 45 -49.52 37.28 35.61
CA GLU C 45 -49.01 38.43 34.88
C GLU C 45 -49.06 38.14 33.38
N ARG C 46 -48.57 39.10 32.60
CA ARG C 46 -48.52 39.00 31.15
C ARG C 46 -47.17 39.48 30.65
N ILE C 47 -46.09 39.00 31.28
CA ILE C 47 -44.76 39.52 31.00
C ILE C 47 -44.37 39.27 29.54
N LYS C 48 -44.58 38.04 29.06
CA LYS C 48 -44.25 37.70 27.69
C LYS C 48 -44.96 36.39 27.33
N THR C 49 -44.62 35.84 26.17
CA THR C 49 -45.23 34.61 25.68
C THR C 49 -44.13 33.80 25.01
N LEU C 50 -43.68 32.73 25.67
CA LEU C 50 -42.55 31.95 25.17
C LEU C 50 -42.83 31.33 23.81
N GLY C 51 -44.07 30.94 23.55
CA GLY C 51 -44.39 30.31 22.28
C GLY C 51 -45.89 30.13 22.14
N THR C 52 -46.29 29.72 20.93
CA THR C 52 -47.70 29.59 20.62
C THR C 52 -48.23 28.21 21.00
N GLY C 53 -47.57 27.16 20.53
CA GLY C 53 -48.08 25.81 20.69
C GLY C 53 -48.93 25.40 19.51
N SER C 54 -49.31 24.12 19.50
CA SER C 54 -50.05 23.52 18.40
C SER C 54 -51.26 24.34 17.94
N PHE C 55 -52.27 24.45 18.80
CA PHE C 55 -53.50 25.17 18.46
C PHE C 55 -53.96 26.01 19.64
N GLY C 56 -53.03 26.70 20.28
CA GLY C 56 -53.37 27.47 21.45
C GLY C 56 -52.45 28.64 21.70
N ARG C 57 -52.55 29.22 22.90
CA ARG C 57 -51.70 30.33 23.31
C ARG C 57 -51.02 29.99 24.63
N VAL C 58 -49.85 30.57 24.84
CA VAL C 58 -49.09 30.35 26.07
C VAL C 58 -48.33 31.62 26.39
N MET C 59 -48.36 32.03 27.66
CA MET C 59 -47.75 33.28 28.09
C MET C 59 -46.85 33.05 29.30
N LEU C 60 -45.75 33.80 29.36
CA LEU C 60 -44.89 33.81 30.53
C LEU C 60 -45.42 34.83 31.53
N VAL C 61 -45.66 34.37 32.76
CA VAL C 61 -46.32 35.19 33.77
C VAL C 61 -45.55 35.11 35.08
N LYS C 62 -45.94 35.96 36.02
CA LYS C 62 -45.41 35.96 37.38
C LYS C 62 -46.56 35.84 38.36
N HIS C 63 -46.36 35.00 39.39
CA HIS C 63 -47.39 34.77 40.39
C HIS C 63 -47.68 36.06 41.15
N MET C 64 -48.94 36.50 41.11
CA MET C 64 -49.29 37.73 41.80
C MET C 64 -49.13 37.59 43.31
N GLU C 65 -49.57 36.46 43.87
CA GLU C 65 -49.51 36.29 45.32
C GLU C 65 -48.09 36.01 45.80
N THR C 66 -47.36 35.14 45.10
CA THR C 66 -46.06 34.67 45.55
C THR C 66 -44.89 35.31 44.82
N GLY C 67 -45.04 35.59 43.52
CA GLY C 67 -43.95 36.11 42.72
C GLY C 67 -43.25 35.07 41.87
N ASN C 68 -43.48 33.78 42.13
CA ASN C 68 -42.82 32.73 41.39
C ASN C 68 -43.20 32.81 39.91
N HIS C 69 -42.19 32.90 39.06
CA HIS C 69 -42.43 32.88 37.62
C HIS C 69 -42.98 31.52 37.20
N TYR C 70 -44.03 31.54 36.40
CA TYR C 70 -44.67 30.30 35.96
C TYR C 70 -45.34 30.52 34.61
N ALA C 71 -45.54 29.43 33.89
CA ALA C 71 -46.18 29.46 32.58
C ALA C 71 -47.70 29.40 32.70
N MET C 72 -48.38 29.83 31.64
CA MET C 72 -49.85 29.82 31.58
C MET C 72 -50.27 29.39 30.18
N LYS C 73 -50.59 28.10 30.03
CA LYS C 73 -51.07 27.58 28.76
C LYS C 73 -52.49 28.08 28.48
N ILE C 74 -52.91 27.93 27.23
CA ILE C 74 -54.26 28.30 26.82
C ILE C 74 -54.59 27.68 25.47
N LEU C 75 -55.87 27.44 25.22
CA LEU C 75 -56.35 26.92 23.95
C LEU C 75 -57.85 27.13 23.86
N ASP C 76 -58.34 27.34 22.64
CA ASP C 76 -59.76 27.59 22.43
C ASP C 76 -60.59 26.36 22.76
N LYS C 77 -61.74 26.60 23.42
CA LYS C 77 -62.63 25.50 23.76
C LYS C 77 -63.13 24.79 22.50
N GLN C 78 -63.37 25.55 21.43
CA GLN C 78 -63.81 24.93 20.19
C GLN C 78 -62.72 24.10 19.55
N LYS C 79 -61.45 24.41 19.84
CA LYS C 79 -60.35 23.65 19.24
C LYS C 79 -60.35 22.20 19.71
N VAL C 80 -60.74 21.96 20.96
CA VAL C 80 -60.78 20.59 21.48
C VAL C 80 -61.84 19.79 20.73
N VAL C 81 -62.98 20.40 20.47
CA VAL C 81 -64.12 19.66 19.92
C VAL C 81 -64.02 19.52 18.41
N LYS C 82 -63.60 20.57 17.71
CA LYS C 82 -63.68 20.57 16.24
C LYS C 82 -62.73 19.56 15.63
N LEU C 83 -61.50 19.51 16.10
CA LEU C 83 -60.49 18.60 15.55
C LEU C 83 -60.50 17.23 16.20
N LYS C 84 -61.45 16.99 17.11
CA LYS C 84 -61.56 15.71 17.83
C LYS C 84 -60.33 15.44 18.68
N GLN C 85 -59.95 16.44 19.48
CA GLN C 85 -58.86 16.32 20.44
C GLN C 85 -59.29 16.90 21.78
N ILE C 86 -60.49 16.54 22.22
CA ILE C 86 -61.03 17.09 23.45
C ILE C 86 -60.58 16.23 24.62
N GLU C 87 -61.05 14.98 24.66
CA GLU C 87 -60.66 14.10 25.74
C GLU C 87 -59.17 13.77 25.71
N HIS C 88 -58.52 13.98 24.56
CA HIS C 88 -57.08 13.79 24.48
C HIS C 88 -56.38 14.66 25.51
N THR C 89 -56.87 15.88 25.72
CA THR C 89 -56.34 16.71 26.79
C THR C 89 -56.91 16.30 28.15
N LEU C 90 -58.10 15.69 28.18
CA LEU C 90 -58.69 15.31 29.45
C LEU C 90 -57.84 14.26 30.15
N ASN C 91 -57.33 13.29 29.39
CA ASN C 91 -56.44 12.31 30.00
C ASN C 91 -55.13 12.94 30.44
N GLU C 92 -54.57 13.83 29.60
CA GLU C 92 -53.27 14.42 29.91
C GLU C 92 -53.33 15.30 31.15
N LYS C 93 -54.46 15.97 31.37
CA LYS C 93 -54.58 16.82 32.55
C LYS C 93 -54.41 16.01 33.82
N ARG C 94 -55.01 14.82 33.87
CA ARG C 94 -54.79 13.96 35.01
C ARG C 94 -53.38 13.38 35.00
N ILE C 95 -52.87 13.04 33.82
CA ILE C 95 -51.59 12.36 33.74
C ILE C 95 -50.48 13.25 34.30
N LEU C 96 -50.56 14.54 34.02
CA LEU C 96 -49.55 15.45 34.55
C LEU C 96 -49.72 15.64 36.05
N GLN C 97 -50.94 15.44 36.57
CA GLN C 97 -51.23 15.84 37.93
C GLN C 97 -50.42 15.03 38.95
N ALA C 98 -50.19 13.75 38.68
CA ALA C 98 -49.60 12.87 39.67
C ALA C 98 -48.12 12.63 39.48
N VAL C 99 -47.55 13.01 38.33
CA VAL C 99 -46.20 12.59 37.98
C VAL C 99 -45.21 13.06 39.04
N ASN C 100 -44.21 12.21 39.32
CA ASN C 100 -43.15 12.56 40.25
C ASN C 100 -41.86 11.89 39.77
N PHE C 101 -41.06 12.65 39.02
CA PHE C 101 -39.78 12.18 38.51
C PHE C 101 -38.88 13.38 38.36
N PRO C 102 -37.59 13.25 38.72
CA PRO C 102 -36.73 14.43 38.74
C PRO C 102 -36.57 15.11 37.38
N PHE C 103 -36.63 14.35 36.29
CA PHE C 103 -36.31 14.92 34.98
C PHE C 103 -37.34 15.97 34.56
N LEU C 104 -38.59 15.80 34.93
CA LEU C 104 -39.66 16.67 34.47
C LEU C 104 -40.03 17.69 35.52
N VAL C 105 -40.63 18.79 35.07
CA VAL C 105 -41.10 19.86 35.94
C VAL C 105 -42.59 19.67 36.24
N LYS C 106 -42.96 19.82 37.50
CA LYS C 106 -44.35 19.62 37.92
C LYS C 106 -45.19 20.86 37.63
N LEU C 107 -46.44 20.83 38.09
CA LEU C 107 -47.36 21.94 37.96
C LEU C 107 -48.05 22.19 39.29
N GLU C 108 -48.53 23.42 39.47
CA GLU C 108 -49.15 23.80 40.74
C GLU C 108 -50.67 23.70 40.70
N PHE C 109 -51.29 24.29 39.70
CA PHE C 109 -52.75 24.36 39.64
C PHE C 109 -53.18 24.58 38.20
N SER C 110 -54.48 24.77 38.01
CA SER C 110 -55.04 24.99 36.68
C SER C 110 -56.28 25.85 36.78
N PHE C 111 -56.62 26.49 35.67
CA PHE C 111 -57.78 27.36 35.59
C PHE C 111 -58.94 26.65 34.91
N LYS C 112 -60.15 27.05 35.29
CA LYS C 112 -61.38 26.52 34.69
C LYS C 112 -62.27 27.70 34.30
N ASP C 113 -62.28 28.04 33.02
CA ASP C 113 -63.03 29.17 32.51
C ASP C 113 -64.02 28.71 31.45
N ASN C 114 -64.94 29.61 31.10
CA ASN C 114 -66.01 29.32 30.14
C ASN C 114 -65.60 29.57 28.70
N SER C 115 -64.35 29.93 28.45
CA SER C 115 -63.86 30.11 27.09
C SER C 115 -62.61 29.29 26.79
N ASN C 116 -61.72 29.14 27.77
CA ASN C 116 -60.47 28.43 27.58
C ASN C 116 -60.00 27.91 28.94
N LEU C 117 -59.06 26.98 28.90
CA LEU C 117 -58.43 26.46 30.09
C LEU C 117 -57.00 26.98 30.18
N TYR C 118 -56.41 26.82 31.37
CA TYR C 118 -55.05 27.27 31.60
C TYR C 118 -54.31 26.25 32.45
N MET C 119 -53.02 26.12 32.19
CA MET C 119 -52.15 25.19 32.90
C MET C 119 -51.05 25.98 33.58
N VAL C 120 -50.96 25.85 34.90
CA VAL C 120 -49.92 26.54 35.67
C VAL C 120 -48.75 25.60 35.90
N MET C 121 -47.80 25.60 34.98
CA MET C 121 -46.59 24.79 35.10
C MET C 121 -45.37 25.67 35.33
N GLU C 122 -44.23 25.02 35.49
CA GLU C 122 -42.99 25.73 35.71
C GLU C 122 -42.58 26.53 34.47
N TYR C 123 -41.78 27.56 34.71
CA TYR C 123 -41.23 28.39 33.65
C TYR C 123 -39.71 28.34 33.76
N VAL C 124 -39.11 27.34 33.12
CA VAL C 124 -37.65 27.22 33.05
C VAL C 124 -37.18 27.96 31.80
N PRO C 125 -36.40 29.02 31.92
CA PRO C 125 -36.01 29.79 30.73
C PRO C 125 -34.98 29.10 29.86
N GLY C 126 -34.54 27.89 30.21
CA GLY C 126 -33.49 27.22 29.44
C GLY C 126 -33.84 26.97 27.99
N GLY C 127 -35.12 26.89 27.68
CA GLY C 127 -35.54 26.80 26.30
C GLY C 127 -35.20 25.47 25.65
N GLU C 128 -35.62 25.35 24.40
CA GLU C 128 -35.44 24.12 23.65
C GLU C 128 -34.00 24.00 23.18
N MET C 129 -33.45 22.80 23.29
CA MET C 129 -32.17 22.52 22.66
C MET C 129 -32.27 22.50 21.14
N PHE C 130 -33.49 22.52 20.59
CA PHE C 130 -33.62 22.59 19.15
C PHE C 130 -32.98 23.86 18.60
N SER C 131 -33.18 24.99 19.29
CA SER C 131 -32.57 26.22 18.84
C SER C 131 -31.08 26.24 19.13
N HIS C 132 -30.66 25.71 20.27
CA HIS C 132 -29.23 25.69 20.58
C HIS C 132 -28.47 24.82 19.59
N LEU C 133 -29.08 23.72 19.15
CA LEU C 133 -28.44 22.84 18.18
C LEU C 133 -28.62 23.31 16.75
N ARG C 134 -29.61 24.17 16.48
CA ARG C 134 -29.62 24.87 15.21
C ARG C 134 -28.52 25.90 15.16
N ARG C 135 -28.19 26.49 16.31
CA ARG C 135 -27.03 27.35 16.43
C ARG C 135 -25.73 26.58 16.59
N ILE C 136 -25.81 25.25 16.77
CA ILE C 136 -24.61 24.46 17.05
C ILE C 136 -24.44 23.35 16.03
N GLY C 137 -25.51 23.00 15.32
CA GLY C 137 -25.41 21.94 14.33
C GLY C 137 -25.47 20.53 14.88
N ARG C 138 -24.44 20.08 15.59
CA ARG C 138 -24.35 18.70 16.03
C ARG C 138 -23.71 18.63 17.41
N PHE C 139 -24.28 17.81 18.28
CA PHE C 139 -23.74 17.65 19.63
C PHE C 139 -22.48 16.79 19.61
N SER C 140 -21.61 17.03 20.60
CA SER C 140 -20.37 16.29 20.70
C SER C 140 -20.62 14.85 21.13
N GLU C 141 -19.57 14.04 21.03
CA GLU C 141 -19.68 12.61 21.34
C GLU C 141 -20.25 12.32 22.71
N PRO C 142 -19.75 12.90 23.81
CA PRO C 142 -20.39 12.65 25.10
C PRO C 142 -21.55 13.58 25.39
N HIS C 143 -21.65 14.70 24.66
CA HIS C 143 -22.72 15.65 24.92
C HIS C 143 -24.07 15.00 24.69
N ALA C 144 -24.21 14.25 23.61
CA ALA C 144 -25.48 13.56 23.35
C ALA C 144 -25.76 12.51 24.39
N ARG C 145 -24.73 11.78 24.84
CA ARG C 145 -24.94 10.76 25.84
C ARG C 145 -25.46 11.37 27.13
N PHE C 146 -24.99 12.56 27.46
CA PHE C 146 -25.41 13.19 28.71
C PHE C 146 -26.92 13.37 28.76
N TYR C 147 -27.53 13.70 27.62
CA TYR C 147 -28.98 13.81 27.57
C TYR C 147 -29.64 12.45 27.39
N ALA C 148 -29.03 11.59 26.58
CA ALA C 148 -29.67 10.32 26.24
C ALA C 148 -29.82 9.45 27.47
N ALA C 149 -28.92 9.59 28.45
CA ALA C 149 -29.09 8.82 29.69
C ALA C 149 -30.36 9.23 30.41
N GLN C 150 -30.63 10.54 30.51
CA GLN C 150 -31.88 10.97 31.10
C GLN C 150 -33.05 10.49 30.27
N ILE C 151 -32.87 10.41 28.95
CA ILE C 151 -33.95 9.90 28.12
C ILE C 151 -34.24 8.44 28.46
N VAL C 152 -33.19 7.66 28.68
CA VAL C 152 -33.37 6.26 29.04
C VAL C 152 -34.08 6.14 30.38
N LEU C 153 -33.65 6.93 31.35
CA LEU C 153 -34.26 6.87 32.66
C LEU C 153 -35.74 7.25 32.60
N THR C 154 -36.04 8.29 31.81
CA THR C 154 -37.42 8.71 31.64
C THR C 154 -38.24 7.62 30.98
N PHE C 155 -37.68 6.99 29.95
CA PHE C 155 -38.40 5.93 29.26
C PHE C 155 -38.73 4.80 30.21
N GLU C 156 -37.76 4.42 31.06
CA GLU C 156 -38.01 3.35 32.02
C GLU C 156 -39.13 3.74 32.97
N TYR C 157 -38.99 4.91 33.60
CA TYR C 157 -39.96 5.30 34.62
C TYR C 157 -41.36 5.40 34.03
N LEU C 158 -41.48 5.98 32.83
CA LEU C 158 -42.79 6.16 32.24
C LEU C 158 -43.38 4.84 31.77
N HIS C 159 -42.56 3.97 31.17
CA HIS C 159 -43.07 2.68 30.73
C HIS C 159 -43.54 1.86 31.92
N SER C 160 -42.92 2.05 33.07
CA SER C 160 -43.42 1.38 34.27
C SER C 160 -44.84 1.81 34.62
N LEU C 161 -45.24 3.02 34.21
CA LEU C 161 -46.55 3.55 34.58
C LEU C 161 -47.68 3.05 33.70
N ASP C 162 -47.43 2.06 32.85
CA ASP C 162 -48.47 1.51 31.97
C ASP C 162 -49.03 2.59 31.05
N LEU C 163 -48.13 3.33 30.40
CA LEU C 163 -48.51 4.40 29.51
C LEU C 163 -47.60 4.41 28.29
N ILE C 164 -48.15 4.85 27.17
CA ILE C 164 -47.42 5.01 25.92
C ILE C 164 -47.12 6.48 25.74
N TYR C 165 -45.84 6.82 25.64
CA TYR C 165 -45.45 8.23 25.55
C TYR C 165 -45.96 8.86 24.27
N ARG C 166 -45.62 8.28 23.13
CA ARG C 166 -46.00 8.82 21.82
C ARG C 166 -45.62 10.30 21.71
N ASP C 167 -44.60 10.71 22.45
CA ASP C 167 -44.21 12.11 22.50
C ASP C 167 -42.70 12.16 22.70
N LEU C 168 -41.96 12.30 21.60
CA LEU C 168 -40.52 12.49 21.67
C LEU C 168 -40.10 13.33 20.46
N LYS C 169 -40.00 14.64 20.66
CA LYS C 169 -39.54 15.55 19.62
C LYS C 169 -38.60 16.57 20.25
N PRO C 170 -37.71 17.15 19.44
CA PRO C 170 -36.85 18.22 19.99
C PRO C 170 -37.66 19.40 20.49
N GLU C 171 -38.86 19.60 19.97
CA GLU C 171 -39.77 20.60 20.47
C GLU C 171 -40.52 20.14 21.70
N ASN C 172 -40.24 18.93 22.19
CA ASN C 172 -40.91 18.42 23.38
C ASN C 172 -40.07 18.52 24.64
N LEU C 173 -38.76 18.74 24.52
CA LEU C 173 -37.86 18.76 25.66
C LEU C 173 -37.25 20.15 25.80
N LEU C 174 -37.21 20.66 27.02
CA LEU C 174 -36.62 21.95 27.34
C LEU C 174 -35.42 21.77 28.28
N ILE C 175 -34.88 22.88 28.76
CA ILE C 175 -33.70 22.86 29.61
C ILE C 175 -33.98 23.65 30.88
N ASP C 176 -33.29 23.27 31.95
CA ASP C 176 -33.42 23.92 33.25
C ASP C 176 -32.17 24.76 33.57
N GLN C 177 -32.24 25.49 34.68
CA GLN C 177 -31.14 26.35 35.07
C GLN C 177 -29.88 25.54 35.37
N GLN C 178 -30.02 24.42 36.06
CA GLN C 178 -28.87 23.57 36.36
C GLN C 178 -28.35 22.85 35.13
N GLY C 179 -29.06 22.90 34.02
CA GLY C 179 -28.66 22.22 32.79
C GLY C 179 -29.39 20.93 32.51
N TYR C 180 -30.31 20.50 33.36
CA TYR C 180 -31.06 19.28 33.14
C TYR C 180 -32.17 19.53 32.12
N ILE C 181 -32.30 18.61 31.16
CA ILE C 181 -33.38 18.70 30.19
C ILE C 181 -34.68 18.25 30.82
N GLN C 182 -35.79 18.74 30.28
CA GLN C 182 -37.10 18.39 30.82
C GLN C 182 -38.13 18.38 29.70
N VAL C 183 -39.01 17.38 29.73
CA VAL C 183 -40.05 17.23 28.74
C VAL C 183 -41.33 17.88 29.25
N THR C 184 -42.31 18.01 28.35
CA THR C 184 -43.63 18.52 28.70
C THR C 184 -44.62 17.99 27.67
N ASP C 185 -45.79 18.64 27.60
CA ASP C 185 -46.78 18.42 26.56
C ASP C 185 -47.25 16.97 26.51
N PHE C 186 -47.87 16.56 27.60
CA PHE C 186 -48.41 15.22 27.73
C PHE C 186 -49.63 14.96 26.84
N GLY C 187 -49.98 15.81 25.88
CA GLY C 187 -51.19 15.59 25.12
C GLY C 187 -51.16 14.33 24.26
N PHE C 188 -49.98 13.99 23.73
CA PHE C 188 -49.89 12.90 22.77
C PHE C 188 -49.85 11.52 23.43
N ALA C 189 -49.74 11.44 24.75
CA ALA C 189 -49.56 10.16 25.40
C ALA C 189 -50.90 9.44 25.59
N LYS C 190 -50.80 8.17 25.97
CA LYS C 190 -51.98 7.39 26.34
C LYS C 190 -51.54 6.29 27.30
N ARG C 191 -52.18 6.24 28.47
CA ARG C 191 -51.92 5.18 29.45
C ARG C 191 -52.70 3.93 29.04
N VAL C 192 -52.18 3.25 28.03
CA VAL C 192 -52.88 2.18 27.35
C VAL C 192 -52.22 0.85 27.69
N LYS C 193 -53.05 -0.15 27.97
CA LYS C 193 -52.60 -1.54 28.10
C LYS C 193 -53.42 -2.35 27.11
N GLY C 194 -52.75 -2.92 26.13
CA GLY C 194 -53.39 -3.65 25.07
C GLY C 194 -53.16 -3.01 23.72
N ARG C 195 -53.83 -3.53 22.71
CA ARG C 195 -53.65 -3.06 21.35
C ARG C 195 -54.57 -1.88 21.09
N THR C 196 -54.11 -0.98 20.22
CA THR C 196 -54.87 0.22 19.91
C THR C 196 -54.46 0.72 18.54
N TRP C 197 -55.39 1.40 17.88
CA TRP C 197 -55.16 1.95 16.56
C TRP C 197 -54.93 3.46 16.56
N THR C 198 -54.88 4.09 17.73
CA THR C 198 -54.74 5.54 17.79
C THR C 198 -53.38 5.98 17.25
N LEU C 199 -53.37 7.08 16.52
CA LEU C 199 -52.14 7.62 15.95
C LEU C 199 -52.30 9.11 15.69
N CYS C 200 -51.27 9.88 16.03
CA CYS C 200 -51.27 11.33 15.85
C CYS C 200 -49.85 11.84 16.01
N GLY C 201 -49.66 13.12 15.70
CA GLY C 201 -48.37 13.77 15.82
C GLY C 201 -47.74 14.06 14.47
N THR C 202 -46.41 14.20 14.51
CA THR C 202 -45.67 14.49 13.29
C THR C 202 -44.99 13.24 12.76
N PRO C 203 -44.98 13.03 11.44
CA PRO C 203 -44.37 11.82 10.90
C PRO C 203 -42.86 11.78 11.05
N GLU C 204 -42.23 12.86 11.51
CA GLU C 204 -40.78 12.86 11.66
C GLU C 204 -40.33 11.76 12.59
N TYR C 205 -41.17 11.38 13.55
CA TYR C 205 -40.88 10.29 14.46
C TYR C 205 -41.75 9.07 14.19
N LEU C 206 -42.21 8.92 12.94
CA LEU C 206 -43.12 7.84 12.61
C LEU C 206 -42.41 6.49 12.71
N ALA C 207 -43.10 5.50 13.27
CA ALA C 207 -42.64 4.12 13.28
C ALA C 207 -43.26 3.36 12.12
N PRO C 208 -42.61 2.26 11.69
CA PRO C 208 -43.18 1.49 10.58
C PRO C 208 -44.57 0.93 10.88
N GLU C 209 -44.79 0.44 12.09
CA GLU C 209 -46.12 -0.05 12.44
C GLU C 209 -47.12 1.08 12.53
N ILE C 210 -46.67 2.26 12.97
CA ILE C 210 -47.58 3.41 13.05
C ILE C 210 -48.05 3.79 11.65
N ILE C 211 -47.15 3.79 10.68
CA ILE C 211 -47.59 4.01 9.31
C ILE C 211 -48.39 2.81 8.83
N LEU C 212 -48.05 1.61 9.28
CA LEU C 212 -48.74 0.41 8.84
C LEU C 212 -50.17 0.32 9.33
N SER C 213 -50.55 1.15 10.31
CA SER C 213 -51.93 1.22 10.81
C SER C 213 -52.39 -0.14 11.35
N LYS C 214 -51.74 -0.57 12.42
CA LYS C 214 -52.11 -1.79 13.14
C LYS C 214 -52.13 -1.50 14.63
N GLY C 215 -52.48 -2.51 15.42
CA GLY C 215 -52.48 -2.39 16.86
C GLY C 215 -51.09 -2.10 17.41
N TYR C 216 -50.91 -0.90 17.94
CA TYR C 216 -49.59 -0.47 18.38
C TYR C 216 -49.24 -1.10 19.74
N ASN C 217 -47.97 -0.97 20.11
CA ASN C 217 -47.49 -1.42 21.40
C ASN C 217 -46.46 -0.42 21.92
N LYS C 218 -45.93 -0.70 23.11
CA LYS C 218 -44.90 0.16 23.68
C LYS C 218 -43.60 0.10 22.90
N ALA C 219 -43.54 -0.67 21.82
CA ALA C 219 -42.29 -0.84 21.08
C ALA C 219 -41.79 0.47 20.47
N VAL C 220 -42.69 1.29 19.93
CA VAL C 220 -42.27 2.47 19.19
C VAL C 220 -41.55 3.49 20.06
N ASP C 221 -41.63 3.35 21.38
CA ASP C 221 -40.97 4.31 22.26
C ASP C 221 -39.47 4.29 22.06
N TRP C 222 -38.88 3.11 21.95
CA TRP C 222 -37.45 3.03 21.71
C TRP C 222 -37.10 3.61 20.35
N TRP C 223 -37.95 3.38 19.36
CA TRP C 223 -37.66 3.90 18.03
C TRP C 223 -37.63 5.42 18.04
N ALA C 224 -38.55 6.04 18.77
CA ALA C 224 -38.57 7.49 18.80
C ALA C 224 -37.32 8.05 19.46
N LEU C 225 -36.89 7.45 20.57
CA LEU C 225 -35.68 7.93 21.22
C LEU C 225 -34.46 7.72 20.33
N GLY C 226 -34.42 6.60 19.60
CA GLY C 226 -33.30 6.38 18.70
C GLY C 226 -33.27 7.38 17.58
N VAL C 227 -34.43 7.71 17.02
CA VAL C 227 -34.51 8.74 16.00
C VAL C 227 -34.03 10.06 16.57
N LEU C 228 -34.45 10.38 17.79
CA LEU C 228 -34.03 11.62 18.43
C LEU C 228 -32.52 11.65 18.60
N ILE C 229 -31.92 10.55 19.03
CA ILE C 229 -30.49 10.52 19.29
C ILE C 229 -29.71 10.66 17.98
N TYR C 230 -30.12 9.91 16.97
CA TYR C 230 -29.42 9.95 15.70
C TYR C 230 -29.47 11.34 15.11
N GLU C 231 -30.64 11.99 15.19
CA GLU C 231 -30.75 13.34 14.65
C GLU C 231 -29.99 14.34 15.50
N MET C 232 -29.92 14.11 16.82
CA MET C 232 -29.17 15.04 17.66
C MET C 232 -27.69 14.96 17.36
N ALA C 233 -27.21 13.78 16.97
CA ALA C 233 -25.80 13.63 16.66
C ALA C 233 -25.39 14.36 15.38
N ALA C 234 -26.31 14.51 14.43
CA ALA C 234 -25.98 15.11 13.14
C ALA C 234 -26.86 16.29 12.76
N GLY C 235 -27.95 16.54 13.47
CA GLY C 235 -28.85 17.63 13.11
C GLY C 235 -29.85 17.21 12.05
N TYR C 236 -29.39 16.54 11.01
CA TYR C 236 -30.28 16.07 9.96
C TYR C 236 -30.80 14.70 10.33
N PRO C 237 -32.11 14.53 10.54
CA PRO C 237 -32.65 13.20 10.82
C PRO C 237 -32.44 12.27 9.65
N PRO C 238 -32.23 10.98 9.89
CA PRO C 238 -31.99 10.06 8.77
C PRO C 238 -33.10 10.07 7.74
N PHE C 239 -34.32 10.37 8.15
CA PHE C 239 -35.43 10.52 7.23
C PHE C 239 -35.65 12.00 6.99
N PHE C 240 -35.59 12.41 5.72
CA PHE C 240 -35.85 13.79 5.33
C PHE C 240 -36.43 13.78 3.92
N ALA C 241 -37.61 14.36 3.76
CA ALA C 241 -38.30 14.34 2.47
C ALA C 241 -39.19 15.57 2.36
N ASP C 242 -39.59 15.87 1.13
CA ASP C 242 -40.38 17.07 0.87
C ASP C 242 -41.77 16.96 1.48
N GLN C 243 -42.38 15.79 1.43
CA GLN C 243 -43.75 15.60 1.89
C GLN C 243 -43.80 14.38 2.79
N PRO C 244 -44.81 14.30 3.66
CA PRO C 244 -44.92 13.13 4.54
C PRO C 244 -45.06 11.81 3.78
N ILE C 245 -45.67 11.86 2.59
CA ILE C 245 -45.83 10.63 1.81
C ILE C 245 -44.47 10.09 1.40
N GLN C 246 -43.58 10.95 0.90
CA GLN C 246 -42.24 10.50 0.57
C GLN C 246 -41.47 10.14 1.83
N ILE C 247 -41.71 10.88 2.92
CA ILE C 247 -41.08 10.55 4.19
C ILE C 247 -41.62 9.21 4.71
N TYR C 248 -42.92 8.99 4.59
CA TYR C 248 -43.47 7.70 4.99
C TYR C 248 -42.92 6.58 4.13
N GLU C 249 -42.68 6.85 2.85
CA GLU C 249 -42.06 5.85 1.99
C GLU C 249 -40.64 5.55 2.44
N LYS C 250 -39.89 6.57 2.82
CA LYS C 250 -38.54 6.32 3.32
C LYS C 250 -38.58 5.54 4.63
N ILE C 251 -39.57 5.81 5.47
CA ILE C 251 -39.73 5.07 6.71
C ILE C 251 -40.03 3.61 6.42
N VAL C 252 -40.89 3.36 5.44
CA VAL C 252 -41.19 1.98 5.07
C VAL C 252 -39.95 1.32 4.48
N SER C 253 -39.10 2.09 3.82
CA SER C 253 -37.90 1.53 3.21
C SER C 253 -36.97 0.96 4.25
N GLY C 254 -36.79 1.66 5.38
CA GLY C 254 -35.94 1.15 6.44
C GLY C 254 -34.47 1.18 6.17
N LYS C 255 -34.03 1.81 5.09
CA LYS C 255 -32.63 1.92 4.75
C LYS C 255 -32.14 3.32 5.06
N VAL C 256 -30.99 3.42 5.74
CA VAL C 256 -30.41 4.71 6.10
C VAL C 256 -28.91 4.53 6.29
N ARG C 257 -28.19 5.65 6.21
CA ARG C 257 -26.75 5.68 6.39
C ARG C 257 -26.41 6.54 7.60
N PHE C 258 -25.62 5.97 8.52
CA PHE C 258 -25.21 6.71 9.69
C PHE C 258 -24.16 7.76 9.33
N PRO C 259 -23.96 8.74 10.19
CA PRO C 259 -22.95 9.77 9.90
C PRO C 259 -21.55 9.19 9.80
N SER C 260 -20.75 9.79 8.93
CA SER C 260 -19.37 9.35 8.78
C SER C 260 -18.58 9.57 10.06
N HIS C 261 -18.81 10.70 10.73
CA HIS C 261 -18.13 10.98 11.98
C HIS C 261 -18.73 10.23 13.16
N PHE C 262 -19.85 9.55 12.96
CA PHE C 262 -20.48 8.82 14.04
C PHE C 262 -19.62 7.64 14.48
N SER C 263 -19.63 7.37 15.78
CA SER C 263 -18.88 6.24 16.32
C SER C 263 -19.50 4.91 15.92
N SER C 264 -18.63 3.97 15.52
CA SER C 264 -19.12 2.66 15.12
C SER C 264 -19.74 1.91 16.31
N ASP C 265 -19.16 2.07 17.49
CA ASP C 265 -19.77 1.49 18.68
C ASP C 265 -21.14 2.12 18.93
N LEU C 266 -21.25 3.42 18.72
CA LEU C 266 -22.57 4.04 18.76
C LEU C 266 -23.42 3.57 17.58
N LYS C 267 -22.78 3.25 16.44
CA LYS C 267 -23.52 2.76 15.29
C LYS C 267 -24.17 1.42 15.55
N ASP C 268 -23.58 0.58 16.41
CA ASP C 268 -24.20 -0.70 16.73
C ASP C 268 -25.55 -0.48 17.41
N LEU C 269 -25.58 0.33 18.46
CA LEU C 269 -26.85 0.62 19.11
C LEU C 269 -27.77 1.41 18.20
N LEU C 270 -27.20 2.15 17.24
CA LEU C 270 -28.07 2.85 16.29
C LEU C 270 -28.81 1.86 15.40
N ARG C 271 -28.10 0.85 14.90
CA ARG C 271 -28.76 -0.20 14.14
C ARG C 271 -29.77 -0.93 15.01
N ASN C 272 -29.43 -1.10 16.29
CA ASN C 272 -30.36 -1.78 17.20
C ASN C 272 -31.62 -0.96 17.42
N LEU C 273 -31.49 0.36 17.51
CA LEU C 273 -32.63 1.18 17.88
C LEU C 273 -33.67 1.23 16.76
N LEU C 274 -33.24 1.50 15.54
CA LEU C 274 -34.17 1.65 14.43
C LEU C 274 -34.56 0.32 13.80
N GLN C 275 -34.26 -0.79 14.47
CA GLN C 275 -34.56 -2.11 13.94
C GLN C 275 -36.03 -2.23 13.55
N VAL C 276 -36.28 -2.47 12.26
CA VAL C 276 -37.66 -2.52 11.78
C VAL C 276 -38.41 -3.66 12.42
N ASP C 277 -37.74 -4.78 12.68
CA ASP C 277 -38.39 -5.94 13.26
C ASP C 277 -38.95 -5.58 14.63
N LEU C 278 -40.27 -5.46 14.71
CA LEU C 278 -40.89 -5.07 15.98
C LEU C 278 -40.66 -6.12 17.06
N THR C 279 -40.60 -7.40 16.67
CA THR C 279 -40.38 -8.45 17.64
C THR C 279 -38.97 -8.37 18.24
N LYS C 280 -37.99 -7.97 17.44
CA LYS C 280 -36.59 -7.96 17.86
C LYS C 280 -36.08 -6.55 18.15
N ARG C 281 -36.98 -5.64 18.53
CA ARG C 281 -36.55 -4.29 18.86
C ARG C 281 -35.64 -4.30 20.09
N PHE C 282 -34.64 -3.43 20.07
CA PHE C 282 -33.68 -3.37 21.16
C PHE C 282 -34.38 -3.01 22.47
N GLY C 283 -34.09 -3.78 23.51
CA GLY C 283 -34.72 -3.55 24.80
C GLY C 283 -36.23 -3.73 24.79
N ASN C 284 -36.72 -4.73 24.06
CA ASN C 284 -38.15 -4.98 24.00
C ASN C 284 -38.46 -6.44 24.29
N LEU C 285 -37.52 -7.33 23.98
CA LEU C 285 -37.79 -8.76 24.06
C LEU C 285 -37.94 -9.22 25.51
N LYS C 286 -36.82 -9.31 26.24
CA LYS C 286 -36.85 -9.87 27.59
C LYS C 286 -36.19 -8.96 28.63
N ASN C 287 -35.10 -8.30 28.25
CA ASN C 287 -34.32 -7.57 29.25
C ASN C 287 -35.01 -6.27 29.67
N GLY C 288 -35.81 -5.69 28.80
CA GLY C 288 -36.45 -4.44 29.16
C GLY C 288 -35.52 -3.28 28.94
N VAL C 289 -34.95 -2.77 30.03
CA VAL C 289 -33.98 -1.68 29.94
C VAL C 289 -32.54 -2.17 30.15
N ASN C 290 -32.34 -3.42 30.57
CA ASN C 290 -30.99 -3.88 30.88
C ASN C 290 -30.09 -3.85 29.65
N ASP C 291 -30.64 -4.21 28.48
CA ASP C 291 -29.82 -4.21 27.27
C ASP C 291 -29.34 -2.81 26.95
N ILE C 292 -30.23 -1.83 27.10
CA ILE C 292 -29.78 -0.45 27.00
C ILE C 292 -28.87 -0.11 28.17
N LYS C 293 -29.19 -0.64 29.35
CA LYS C 293 -28.35 -0.37 30.51
C LYS C 293 -26.95 -0.92 30.33
N ASN C 294 -26.79 -1.92 29.47
CA ASN C 294 -25.48 -2.52 29.22
C ASN C 294 -24.86 -2.08 27.91
N HIS C 295 -25.47 -1.12 27.21
CA HIS C 295 -24.96 -0.72 25.90
C HIS C 295 -23.56 -0.14 26.03
N LYS C 296 -22.70 -0.48 25.06
CA LYS C 296 -21.32 -0.03 25.12
C LYS C 296 -21.22 1.48 25.03
N TRP C 297 -22.03 2.11 24.19
CA TRP C 297 -21.91 3.56 24.00
C TRP C 297 -22.26 4.33 25.26
N PHE C 298 -22.92 3.70 26.23
CA PHE C 298 -23.19 4.32 27.53
C PHE C 298 -22.27 3.75 28.60
N ALA C 299 -21.00 3.52 28.25
CA ALA C 299 -20.06 2.96 29.22
C ALA C 299 -19.90 3.89 30.41
N THR C 300 -19.80 5.18 30.17
CA THR C 300 -19.78 6.16 31.26
C THR C 300 -21.19 6.70 31.45
N THR C 301 -22.06 5.84 31.98
CA THR C 301 -23.45 6.21 32.27
C THR C 301 -23.78 5.77 33.70
N ASP C 302 -23.46 6.64 34.65
CA ASP C 302 -23.75 6.37 36.06
C ASP C 302 -25.21 6.67 36.29
N TRP C 303 -26.03 5.63 36.16
CA TRP C 303 -27.48 5.82 36.21
C TRP C 303 -27.91 6.42 37.54
N ILE C 304 -27.50 5.81 38.65
CA ILE C 304 -27.96 6.32 39.95
C ILE C 304 -27.30 7.65 40.28
N ALA C 305 -26.06 7.83 39.85
CA ALA C 305 -25.38 9.09 40.13
C ALA C 305 -25.93 10.23 39.30
N ILE C 306 -26.28 9.97 38.05
CA ILE C 306 -26.96 10.99 37.27
C ILE C 306 -28.35 11.21 37.85
N TYR C 307 -28.91 10.19 38.51
CA TYR C 307 -30.18 10.38 39.20
C TYR C 307 -30.03 11.34 40.37
N GLN C 308 -28.87 11.34 41.04
CA GLN C 308 -28.61 12.37 42.01
C GLN C 308 -28.25 13.70 41.35
N ARG C 309 -28.07 13.72 40.03
CA ARG C 309 -27.78 14.93 39.26
C ARG C 309 -26.48 15.58 39.70
N LYS C 310 -25.53 14.77 40.17
CA LYS C 310 -24.21 15.29 40.56
C LYS C 310 -23.27 15.44 39.38
N VAL C 311 -23.67 14.99 38.19
CA VAL C 311 -22.79 15.03 37.02
C VAL C 311 -22.77 16.43 36.45
N GLU C 312 -21.58 16.89 36.06
CA GLU C 312 -21.45 18.21 35.46
C GLU C 312 -22.15 18.25 34.10
N ALA C 313 -22.86 19.34 33.85
CA ALA C 313 -23.56 19.50 32.59
C ALA C 313 -22.59 19.70 31.44
N PRO C 314 -22.77 19.02 30.31
CA PRO C 314 -21.92 19.31 29.15
C PRO C 314 -22.09 20.70 28.59
N PHE C 315 -23.23 21.35 28.82
CA PHE C 315 -23.43 22.72 28.34
C PHE C 315 -24.52 23.35 29.21
N ILE C 316 -24.13 24.30 30.05
CA ILE C 316 -25.07 24.91 31.00
C ILE C 316 -25.64 26.19 30.41
N PRO C 317 -26.87 26.54 30.75
CA PRO C 317 -27.45 27.79 30.24
C PRO C 317 -26.82 29.03 30.88
N LYS C 318 -26.72 30.09 30.10
CA LYS C 318 -26.25 31.38 30.60
C LYS C 318 -27.44 32.20 31.11
N PHE C 319 -27.95 31.78 32.26
CA PHE C 319 -29.12 32.43 32.84
C PHE C 319 -28.79 33.86 33.25
N LYS C 320 -29.75 34.76 33.08
CA LYS C 320 -29.61 36.16 33.45
C LYS C 320 -30.79 36.64 34.27
N GLY C 321 -31.33 35.77 35.13
CA GLY C 321 -32.41 36.15 36.01
C GLY C 321 -33.70 35.37 35.75
N PRO C 322 -34.55 35.25 36.78
CA PRO C 322 -35.79 34.50 36.60
C PRO C 322 -36.72 35.10 35.55
N GLY C 323 -36.75 36.42 35.42
CA GLY C 323 -37.56 37.06 34.40
C GLY C 323 -36.92 37.13 33.04
N ASP C 324 -35.66 36.69 32.92
CA ASP C 324 -34.97 36.75 31.64
C ASP C 324 -35.52 35.69 30.69
N THR C 325 -35.82 36.11 29.47
CA THR C 325 -36.22 35.21 28.39
C THR C 325 -35.23 35.31 27.23
N SER C 326 -33.95 35.53 27.57
CA SER C 326 -32.94 35.68 26.53
C SER C 326 -32.76 34.41 25.72
N ASN C 327 -32.82 33.24 26.37
CA ASN C 327 -32.76 32.00 25.63
C ASN C 327 -34.00 31.78 24.77
N PHE C 328 -35.06 32.54 25.01
CA PHE C 328 -36.23 32.53 24.14
C PHE C 328 -36.10 33.59 23.07
N ASP C 329 -36.75 33.35 21.94
CA ASP C 329 -36.78 34.29 20.82
C ASP C 329 -38.16 34.91 20.67
N ASP C 330 -38.82 35.17 21.78
CA ASP C 330 -40.20 35.67 21.77
C ASP C 330 -40.31 36.97 22.58
N TYR C 331 -41.06 37.92 22.02
CA TYR C 331 -41.39 39.16 22.71
C TYR C 331 -42.82 39.58 22.40
N GLU C 332 -43.59 38.70 21.74
CA GLU C 332 -44.88 39.08 21.17
C GLU C 332 -45.98 39.13 22.22
N GLU C 333 -47.24 39.27 21.77
CA GLU C 333 -48.36 39.46 22.66
C GLU C 333 -49.57 38.68 22.15
N GLU C 334 -50.64 38.69 22.94
CA GLU C 334 -51.92 38.05 22.67
C GLU C 334 -52.87 38.46 23.78
N GLU C 335 -54.17 38.53 23.46
CA GLU C 335 -55.12 39.02 24.44
C GLU C 335 -56.51 38.42 24.21
N ILE C 336 -57.29 38.42 25.28
CA ILE C 336 -58.70 38.03 25.23
C ILE C 336 -59.36 38.58 26.49
N ARG C 337 -60.68 38.78 26.44
CA ARG C 337 -61.32 39.42 27.58
C ARG C 337 -62.31 38.54 28.34
N VAL C 338 -63.37 38.07 27.68
CA VAL C 338 -64.43 37.33 28.37
C VAL C 338 -65.44 36.84 27.34
N SER C 339 -66.01 35.65 27.62
CA SER C 339 -67.09 35.07 26.82
C SER C 339 -68.25 34.69 27.73
N ILE C 340 -69.26 33.99 27.18
CA ILE C 340 -70.44 33.63 27.97
C ILE C 340 -70.80 32.16 27.84
N ASN C 341 -70.16 31.45 26.91
CA ASN C 341 -70.56 30.07 26.63
C ASN C 341 -69.37 29.27 26.13
N GLU C 342 -69.11 28.12 26.77
CA GLU C 342 -68.05 27.23 26.34
C GLU C 342 -68.53 26.30 25.24
N LYS C 343 -67.60 25.89 24.39
CA LYS C 343 -67.86 24.91 23.34
C LYS C 343 -67.85 23.52 23.97
N CYS C 344 -69.03 22.91 24.06
CA CYS C 344 -69.21 21.59 24.68
C CYS C 344 -68.72 21.62 26.14
N GLY C 345 -69.34 22.50 26.92
CA GLY C 345 -69.03 22.57 28.33
C GLY C 345 -69.36 21.30 29.09
N LYS C 346 -70.35 20.54 28.61
CA LYS C 346 -70.63 19.25 29.22
C LYS C 346 -69.46 18.30 29.05
N GLU C 347 -68.69 18.46 27.97
CA GLU C 347 -67.49 17.64 27.79
C GLU C 347 -66.42 18.03 28.80
N PHE C 348 -66.43 19.26 29.29
CA PHE C 348 -65.43 19.73 30.24
C PHE C 348 -65.99 19.61 31.65
N SER C 349 -65.94 18.39 32.19
CA SER C 349 -66.33 18.14 33.57
C SER C 349 -65.18 17.61 34.42
N GLU C 350 -64.09 17.18 33.81
CA GLU C 350 -62.91 16.72 34.53
C GLU C 350 -61.70 17.58 34.24
N PHE C 351 -61.92 18.78 33.73
CA PHE C 351 -60.82 19.70 33.43
C PHE C 351 -61.11 21.07 34.03
N UNK D 1 6.53 1.72 -5.99
CA UNK D 1 7.26 2.97 -6.21
C UNK D 1 7.11 3.44 -7.66
N UNK D 2 6.30 2.74 -8.44
CA UNK D 2 6.09 3.10 -9.83
C UNK D 2 5.01 4.16 -9.97
N UNK D 3 5.12 4.98 -11.00
CA UNK D 3 4.17 6.07 -11.21
C UNK D 3 3.15 5.71 -12.29
N UNK D 4 3.60 5.00 -13.32
CA UNK D 4 2.72 4.59 -14.41
C UNK D 4 1.74 3.52 -13.95
N UNK D 5 0.59 3.43 -14.61
CA UNK D 5 -0.42 2.44 -14.25
C UNK D 5 0.10 1.02 -14.48
N UNK D 6 -0.01 0.19 -13.46
CA UNK D 6 0.58 -1.15 -13.46
C UNK D 6 0.06 -2.05 -14.59
N UNK D 7 -1.16 -1.78 -15.05
CA UNK D 7 -1.76 -2.61 -16.09
C UNK D 7 -1.71 -1.94 -17.45
N UNK D 8 -1.41 -0.64 -17.45
CA UNK D 8 -1.45 0.14 -18.68
C UNK D 8 -0.38 -0.29 -19.68
N UNK D 9 -0.70 -1.29 -20.50
CA UNK D 9 0.18 -1.76 -21.55
C UNK D 9 -0.53 -2.81 -22.40
N UNK D 10 -1.32 -3.63 -21.72
CA UNK D 10 -1.99 -4.77 -22.36
C UNK D 10 -3.08 -4.32 -23.33
N UNK D 11 -3.89 -3.35 -22.90
CA UNK D 11 -5.03 -2.89 -23.67
C UNK D 11 -4.67 -2.46 -25.08
N UNK D 12 -3.71 -1.55 -25.18
CA UNK D 12 -3.30 -1.01 -26.48
C UNK D 12 -2.78 -2.11 -27.39
N UNK D 13 -2.26 -3.16 -26.79
CA UNK D 13 -1.67 -4.26 -27.54
C UNK D 13 -2.68 -5.37 -27.77
N UNK D 14 -3.61 -5.54 -26.83
CA UNK D 14 -4.57 -6.64 -26.87
C UNK D 14 -5.35 -6.66 -28.18
N UNK D 15 -5.88 -5.50 -28.57
CA UNK D 15 -6.67 -5.38 -29.79
C UNK D 15 -5.83 -5.69 -31.01
N UNK D 16 -4.61 -5.15 -31.03
CA UNK D 16 -3.71 -5.36 -32.16
C UNK D 16 -3.26 -6.82 -32.18
N UNK D 17 -3.25 -7.44 -31.00
CA UNK D 17 -2.81 -8.82 -30.89
C UNK D 17 -3.84 -9.77 -31.48
N UNK D 18 -5.04 -9.27 -31.76
CA UNK D 18 -6.12 -10.07 -32.31
C UNK D 18 -6.38 -11.31 -31.46
N UNK D 19 -6.89 -12.36 -32.08
CA UNK D 19 -7.18 -13.61 -31.36
C UNK D 19 -7.20 -14.79 -32.32
#